data_9J3C
#
_entry.id   9J3C
#
_cell.length_a   1.00
_cell.length_b   1.00
_cell.length_c   1.00
_cell.angle_alpha   90.00
_cell.angle_beta   90.00
_cell.angle_gamma   90.00
#
_symmetry.space_group_name_H-M   'P 1'
#
loop_
_entity.id
_entity.type
_entity.pdbx_description
1 polymer 'RNA cytidine acetyltransferase'
2 non-polymer 'COENZYME A'
#
_entity_poly.entity_id   1
_entity_poly.type   'polypeptide(L)'
_entity_poly.pdbx_seq_one_letter_code
;MHRKKVDNRIRILIENGVAERQRSLFVVVGDRGKDQVVILHHMLSKATVKARPSVLWCYKKELGFSSHRKKRMRQLQKKI
KNGTLNIKQDDPFELFIAATNIRYCYYNETHKILGNTFGMCVLQDFEALTPNLLARTVETVEGGGLVVILLRTMNSLKQL
YTVTMDVHSRYRTEAHQDVVGRFNERFILSLASCKKCLVIDDQLNILPISSHVATMEALPPQTPDESLGPSDLELRELKE
SLQDTQPVGVLVDCCKTLDQAKAVLKFIEGISEKTLRSTVALTAARGRGKSAALGLAIAGAVAFGYSNIFVTSPSPDNLH
TLFEFVFKGFDALQYQEHLDYEIIQSLNPEFNKAVIRVNVFREHRQTIQYIHPADAVKLGQAELVVIDEAAAIPLPLVKS
LLGPYLVFMASTINGYEGTGRSLSLKLIQQLRQQSAQSQVSTTAENKTTTTARLASARTLYEVSLQESIRYAPGDAVEKW
LNDLLCLDCLNITRIVSGCPLPEACELYYVNRDTLFCYHKASEVFLQRLMALYVASHYKNSPNDLQMLSDAPAHHLFCLL
PPVPPTQNALPEVLAVIQVCLEGEISRQSILNSLSRGKKASGDLIPWTVSEQFQDPDFGGLSGGRVVRIAVHPDYQGMGY
GSRALQLLQMYYEGRFPCLEEKVLETPQEIHTVSSEAVSLLEEVITPRKDLPPLLLKLNERPAERLDYLGVSYGLTPRLL
KFWKRAGFVPVYLRQTPNDLTGEHSCIMLKTLTDEDEADQGGWLAAFWKDFRRRFLALLSYQFSTFSPSLALNIIQNRNM
GKPAQPALSREELEALFLPYDLKRLEMYSRNMVDYHLIMDMIPAISRIYFLNQLGDLALSAAQSALLLGIGLQHKSVDQL
EKEIELPSGQLMGLFNRIIRKVVKLFNEVQEKAIEEQMVAAK
;
_entity_poly.pdbx_strand_id   A,B
#
loop_
_chem_comp.id
_chem_comp.type
_chem_comp.name
_chem_comp.formula
COA non-polymer 'COENZYME A' 'C21 H36 N7 O16 P3 S'
#
# COMPACT_ATOMS: atom_id res chain seq x y z
N ASP A 7 -30.33 61.35 -5.34
CA ASP A 7 -29.76 61.55 -4.02
C ASP A 7 -30.59 60.85 -2.95
N ASN A 8 -31.89 61.19 -2.91
CA ASN A 8 -32.77 60.60 -1.91
C ASN A 8 -32.91 59.09 -2.09
N ARG A 9 -33.05 58.63 -3.34
CA ARG A 9 -33.35 57.23 -3.60
C ARG A 9 -32.29 56.29 -3.03
N ILE A 10 -31.08 56.80 -2.80
CA ILE A 10 -30.06 56.01 -2.12
C ILE A 10 -30.48 55.70 -0.70
N ARG A 11 -31.13 56.66 -0.03
CA ARG A 11 -31.49 56.50 1.37
C ARG A 11 -32.55 55.42 1.56
N ILE A 12 -33.60 55.42 0.73
CA ILE A 12 -34.64 54.39 0.84
C ILE A 12 -34.05 53.01 0.52
N LEU A 13 -33.21 52.93 -0.52
CA LEU A 13 -32.63 51.64 -0.88
C LEU A 13 -31.77 51.09 0.27
N ILE A 14 -30.97 51.95 0.90
CA ILE A 14 -30.20 51.51 2.06
C ILE A 14 -31.13 51.14 3.20
N GLU A 15 -32.17 51.96 3.44
CA GLU A 15 -33.11 51.66 4.51
C GLU A 15 -33.88 50.38 4.25
N ASN A 16 -34.32 50.17 3.00
CA ASN A 16 -35.03 48.95 2.66
C ASN A 16 -34.11 47.73 2.77
N GLY A 17 -32.86 47.87 2.37
CA GLY A 17 -31.92 46.75 2.47
C GLY A 17 -31.63 46.36 3.91
N VAL A 18 -31.49 47.34 4.79
CA VAL A 18 -31.20 47.04 6.18
C VAL A 18 -32.45 46.60 6.95
N ALA A 19 -33.64 46.91 6.44
CA ALA A 19 -34.87 46.49 7.08
C ALA A 19 -35.41 45.16 6.54
N GLU A 20 -34.77 44.59 5.52
CA GLU A 20 -35.19 43.34 4.93
C GLU A 20 -34.07 42.30 4.90
N ARG A 21 -32.90 42.62 5.47
CA ARG A 21 -31.75 41.72 5.46
C ARG A 21 -31.36 41.31 4.04
N GLN A 22 -31.45 42.28 3.12
CA GLN A 22 -31.12 42.06 1.72
C GLN A 22 -29.94 42.94 1.34
N ARG A 23 -28.97 42.35 0.64
CA ARG A 23 -27.79 43.09 0.23
C ARG A 23 -28.14 44.10 -0.86
N SER A 24 -27.31 45.14 -0.96
CA SER A 24 -27.44 46.17 -1.98
C SER A 24 -26.25 46.09 -2.94
N LEU A 25 -26.29 46.93 -3.97
CA LEU A 25 -25.22 46.97 -4.96
C LEU A 25 -25.16 48.36 -5.55
N PHE A 26 -24.03 49.04 -5.37
CA PHE A 26 -23.83 50.38 -5.89
C PHE A 26 -22.61 50.38 -6.81
N VAL A 27 -22.74 50.99 -7.98
CA VAL A 27 -21.66 51.12 -8.93
C VAL A 27 -21.32 52.59 -9.05
N VAL A 28 -20.07 52.95 -8.71
CA VAL A 28 -19.60 54.33 -8.76
C VAL A 28 -18.66 54.48 -9.95
N VAL A 29 -18.91 55.49 -10.77
CA VAL A 29 -18.11 55.75 -11.97
C VAL A 29 -17.53 57.15 -11.86
N GLY A 30 -16.23 57.26 -12.06
CA GLY A 30 -15.54 58.54 -12.05
C GLY A 30 -14.19 58.46 -11.38
N ASP A 31 -13.31 59.40 -11.74
CA ASP A 31 -11.98 59.44 -11.12
C ASP A 31 -12.05 59.81 -9.65
N ARG A 32 -13.10 60.51 -9.23
CA ARG A 32 -13.28 60.89 -7.83
C ARG A 32 -13.78 59.75 -6.97
N GLY A 33 -13.76 58.51 -7.46
CA GLY A 33 -14.18 57.38 -6.67
C GLY A 33 -13.20 57.09 -5.54
N LYS A 34 -13.60 56.14 -4.69
CA LYS A 34 -12.88 55.69 -3.51
C LYS A 34 -12.83 56.75 -2.41
N ASP A 35 -13.40 57.94 -2.65
CA ASP A 35 -13.47 58.98 -1.63
C ASP A 35 -14.88 59.25 -1.15
N GLN A 36 -15.90 58.82 -1.90
CA GLN A 36 -17.29 58.96 -1.49
C GLN A 36 -17.81 57.75 -0.74
N VAL A 37 -16.98 56.73 -0.53
CA VAL A 37 -17.40 55.54 0.19
C VAL A 37 -17.71 55.86 1.65
N VAL A 38 -17.06 56.89 2.20
CA VAL A 38 -17.31 57.27 3.59
C VAL A 38 -18.74 57.78 3.76
N ILE A 39 -19.28 58.47 2.75
CA ILE A 39 -20.66 58.93 2.83
C ILE A 39 -21.61 57.74 2.90
N LEU A 40 -21.39 56.73 2.06
CA LEU A 40 -22.19 55.52 2.13
C LEU A 40 -21.97 54.79 3.45
N HIS A 41 -20.72 54.77 3.93
CA HIS A 41 -20.42 54.13 5.21
C HIS A 41 -21.14 54.83 6.36
N HIS A 42 -21.15 56.17 6.35
CA HIS A 42 -21.86 56.90 7.38
C HIS A 42 -23.36 56.65 7.33
N MET A 43 -23.93 56.60 6.12
CA MET A 43 -25.35 56.31 5.98
C MET A 43 -25.69 54.91 6.46
N LEU A 44 -24.84 53.93 6.14
CA LEU A 44 -25.08 52.56 6.57
C LEU A 44 -25.02 52.43 8.09
N SER A 45 -24.07 53.12 8.72
CA SER A 45 -23.92 53.03 10.17
C SER A 45 -25.18 53.51 10.89
N LYS A 46 -25.76 54.62 10.44
CA LYS A 46 -26.99 55.10 11.04
C LYS A 46 -28.15 54.14 10.78
N ALA A 47 -28.23 53.61 9.56
CA ALA A 47 -29.32 52.70 9.23
C ALA A 47 -29.21 51.39 10.00
N THR A 48 -28.00 50.84 10.14
CA THR A 48 -27.80 49.57 10.80
C THR A 48 -27.69 49.78 12.31
N VAL A 49 -27.71 48.68 13.06
CA VAL A 49 -27.62 48.70 14.51
C VAL A 49 -26.21 48.31 14.98
N LYS A 50 -25.22 48.43 14.11
CA LYS A 50 -23.84 48.10 14.42
C LYS A 50 -22.95 49.32 14.17
N ALA A 51 -21.65 49.14 14.38
CA ALA A 51 -20.68 50.22 14.21
C ALA A 51 -19.67 49.93 13.11
N ARG A 52 -19.02 48.77 13.16
CA ARG A 52 -17.98 48.43 12.18
C ARG A 52 -18.48 47.33 11.25
N PRO A 53 -18.82 47.63 10.00
CA PRO A 53 -19.31 46.60 9.08
C PRO A 53 -18.22 45.75 8.44
N SER A 54 -16.97 45.84 8.89
CA SER A 54 -15.85 45.02 8.42
C SER A 54 -15.68 45.14 6.90
N VAL A 55 -15.28 46.36 6.50
CA VAL A 55 -15.06 46.69 5.09
C VAL A 55 -14.08 45.71 4.46
N LEU A 56 -14.23 45.48 3.16
CA LEU A 56 -13.47 44.47 2.43
C LEU A 56 -12.82 45.08 1.18
N TRP A 57 -12.12 46.19 1.37
CA TRP A 57 -11.45 46.85 0.25
C TRP A 57 -10.41 45.93 -0.38
N CYS A 58 -10.29 46.01 -1.71
CA CYS A 58 -9.38 45.17 -2.46
C CYS A 58 -8.63 46.02 -3.49
N TYR A 59 -7.47 45.50 -3.91
CA TYR A 59 -6.61 46.15 -4.88
C TYR A 59 -6.21 45.14 -5.94
N LYS A 60 -5.69 45.63 -7.08
CA LYS A 60 -5.35 44.74 -8.18
C LYS A 60 -4.23 43.78 -7.76
N LYS A 61 -3.00 44.31 -7.57
CA LYS A 61 -1.93 43.52 -6.99
C LYS A 61 -1.03 44.28 -6.03
N GLU A 62 -0.89 45.60 -6.18
CA GLU A 62 -0.03 46.39 -5.30
C GLU A 62 -0.60 47.76 -5.00
N LEU A 63 -1.85 48.02 -5.36
CA LEU A 63 -2.43 49.35 -5.16
C LEU A 63 -2.67 49.61 -3.68
N GLY A 64 -2.91 50.87 -3.36
CA GLY A 64 -3.16 51.28 -1.99
C GLY A 64 -3.98 52.55 -1.90
N ALA A 99 -11.64 53.68 13.91
CA ALA A 99 -13.02 53.27 14.14
C ALA A 99 -13.58 52.55 12.91
N THR A 100 -12.69 52.06 12.06
CA THR A 100 -13.08 51.34 10.85
C THR A 100 -12.08 50.22 10.63
N ASN A 101 -12.57 49.06 10.18
CA ASN A 101 -11.88 47.78 10.34
C ASN A 101 -11.74 47.04 9.01
N ILE A 102 -11.10 47.68 8.01
CA ILE A 102 -10.86 47.03 6.73
C ILE A 102 -9.99 45.79 6.95
N ARG A 103 -10.22 44.76 6.13
CA ARG A 103 -9.31 43.63 6.00
C ARG A 103 -8.65 43.70 4.63
N TYR A 104 -7.32 43.77 4.62
CA TYR A 104 -6.57 44.13 3.41
C TYR A 104 -6.07 42.87 2.71
N CYS A 105 -6.82 42.43 1.71
CA CYS A 105 -6.39 41.47 0.71
C CYS A 105 -6.72 42.05 -0.67
N TYR A 106 -6.01 41.61 -1.69
CA TYR A 106 -6.13 42.25 -3.01
C TYR A 106 -6.88 41.35 -3.99
N TYR A 107 -6.28 40.22 -4.39
CA TYR A 107 -7.02 39.12 -5.01
C TYR A 107 -6.53 37.74 -4.65
N ASN A 108 -5.26 37.58 -4.25
CA ASN A 108 -4.69 36.25 -4.10
C ASN A 108 -5.25 35.53 -2.88
N GLU A 109 -5.34 36.22 -1.76
CA GLU A 109 -5.80 35.62 -0.51
C GLU A 109 -7.32 35.64 -0.41
N THR A 110 -7.98 35.14 -1.45
CA THR A 110 -9.43 35.04 -1.44
C THR A 110 -9.92 33.86 -0.61
N HIS A 111 -9.17 32.75 -0.58
CA HIS A 111 -9.54 31.62 0.25
C HIS A 111 -9.38 31.92 1.73
N LYS A 112 -8.53 32.89 2.10
CA LYS A 112 -8.40 33.28 3.49
C LYS A 112 -9.67 33.96 4.00
N ILE A 113 -10.36 34.71 3.14
CA ILE A 113 -11.61 35.37 3.50
C ILE A 113 -12.82 34.53 3.12
N LEU A 114 -12.63 33.32 2.61
CA LEU A 114 -13.75 32.48 2.19
C LEU A 114 -14.64 32.08 3.34
N GLY A 115 -14.13 32.08 4.57
CA GLY A 115 -14.92 31.64 5.71
C GLY A 115 -15.50 32.78 6.53
N ASN A 116 -14.81 33.92 6.55
CA ASN A 116 -15.27 35.05 7.34
C ASN A 116 -16.49 35.71 6.70
N THR A 117 -17.31 36.33 7.54
CA THR A 117 -18.52 37.02 7.10
C THR A 117 -18.37 38.51 7.38
N PHE A 118 -18.59 39.33 6.35
CA PHE A 118 -18.46 40.78 6.46
C PHE A 118 -19.83 41.42 6.27
N GLY A 119 -19.88 42.73 6.51
CA GLY A 119 -21.14 43.47 6.37
C GLY A 119 -21.13 44.46 5.23
N MET A 120 -19.97 44.66 4.61
CA MET A 120 -19.87 45.60 3.50
C MET A 120 -18.59 45.29 2.73
N CYS A 121 -18.70 45.19 1.41
CA CYS A 121 -17.58 44.89 0.53
C CYS A 121 -17.37 46.04 -0.45
N VAL A 122 -16.11 46.42 -0.64
CA VAL A 122 -15.74 47.46 -1.60
C VAL A 122 -14.87 46.81 -2.65
N LEU A 123 -15.33 46.82 -3.90
CA LEU A 123 -14.61 46.22 -5.02
C LEU A 123 -13.95 47.33 -5.83
N GLN A 124 -12.64 47.23 -6.00
CA GLN A 124 -11.85 48.20 -6.75
C GLN A 124 -11.02 47.48 -7.81
N ASP A 125 -10.42 48.28 -8.70
CA ASP A 125 -9.55 47.77 -9.76
C ASP A 125 -10.29 46.78 -10.65
N PHE A 126 -11.27 47.31 -11.37
CA PHE A 126 -12.05 46.57 -12.35
C PHE A 126 -11.20 45.92 -13.43
N GLU A 127 -9.89 46.22 -13.48
CA GLU A 127 -9.05 45.77 -14.57
C GLU A 127 -9.06 44.25 -14.70
N ALA A 128 -8.77 43.53 -13.61
CA ALA A 128 -8.75 42.07 -13.71
C ALA A 128 -10.14 41.48 -13.55
N LEU A 129 -10.69 41.58 -12.34
CA LEU A 129 -12.06 41.18 -12.00
C LEU A 129 -12.58 39.97 -12.77
N THR A 130 -11.85 38.86 -12.72
CA THR A 130 -12.29 37.66 -13.42
C THR A 130 -13.56 37.11 -12.76
N PRO A 131 -14.41 36.42 -13.54
CA PRO A 131 -15.68 35.94 -12.96
C PRO A 131 -15.50 34.74 -12.04
N ASN A 132 -14.55 34.83 -11.11
CA ASN A 132 -14.38 33.83 -10.07
C ASN A 132 -14.19 34.42 -8.68
N LEU A 133 -13.73 35.66 -8.57
CA LEU A 133 -13.65 36.34 -7.28
C LEU A 133 -14.88 37.18 -6.98
N LEU A 134 -15.62 37.58 -8.02
CA LEU A 134 -16.86 38.31 -7.79
C LEU A 134 -17.88 37.45 -7.07
N ALA A 135 -17.87 36.14 -7.32
CA ALA A 135 -18.73 35.21 -6.58
C ALA A 135 -18.14 34.84 -5.22
N ARG A 136 -16.91 35.26 -4.91
CA ARG A 136 -16.27 34.97 -3.64
C ARG A 136 -16.25 36.16 -2.69
N THR A 137 -16.30 37.39 -3.21
CA THR A 137 -16.27 38.57 -2.37
C THR A 137 -17.66 39.08 -2.00
N VAL A 138 -18.67 38.80 -2.82
CA VAL A 138 -20.02 39.25 -2.52
C VAL A 138 -20.78 38.25 -1.65
N GLU A 139 -20.48 36.95 -1.79
CA GLU A 139 -21.16 35.94 -0.99
C GLU A 139 -20.78 36.02 0.48
N THR A 140 -19.71 36.73 0.82
CA THR A 140 -19.28 36.89 2.20
C THR A 140 -19.75 38.21 2.80
N VAL A 141 -20.92 38.69 2.39
CA VAL A 141 -21.49 39.94 2.87
C VAL A 141 -22.80 39.63 3.58
N GLU A 142 -22.94 40.14 4.80
CA GLU A 142 -24.14 39.89 5.59
C GLU A 142 -25.32 40.67 5.01
N GLY A 143 -26.48 40.48 5.63
CA GLY A 143 -27.68 41.17 5.17
C GLY A 143 -27.56 42.68 5.31
N GLY A 144 -28.21 43.38 4.40
CA GLY A 144 -28.11 44.83 4.35
C GLY A 144 -26.73 45.33 3.99
N GLY A 145 -26.07 44.67 3.05
CA GLY A 145 -24.72 45.02 2.66
C GLY A 145 -24.67 46.25 1.76
N LEU A 146 -23.43 46.67 1.48
CA LEU A 146 -23.15 47.84 0.65
C LEU A 146 -22.07 47.51 -0.38
N VAL A 147 -22.26 46.40 -1.09
CA VAL A 147 -21.29 45.99 -2.12
C VAL A 147 -21.16 47.11 -3.14
N VAL A 148 -19.94 47.66 -3.25
CA VAL A 148 -19.66 48.81 -4.10
C VAL A 148 -18.54 48.44 -5.06
N ILE A 149 -18.77 48.68 -6.35
CA ILE A 149 -17.77 48.49 -7.40
C ILE A 149 -17.45 49.86 -7.98
N LEU A 150 -16.16 50.23 -7.93
CA LEU A 150 -15.74 51.55 -8.37
C LEU A 150 -15.41 51.63 -9.85
N LEU A 151 -15.40 50.50 -10.57
CA LEU A 151 -15.19 50.44 -12.00
C LEU A 151 -13.96 51.24 -12.43
N ARG A 152 -14.17 52.27 -13.25
CA ARG A 152 -13.10 53.12 -13.73
C ARG A 152 -13.67 54.52 -13.97
N THR A 153 -12.93 55.35 -14.71
CA THR A 153 -13.25 56.75 -14.92
C THR A 153 -13.81 57.05 -16.30
N MET A 154 -14.58 56.12 -16.88
CA MET A 154 -15.17 56.36 -18.19
C MET A 154 -16.06 57.59 -18.16
N ASN A 155 -15.86 58.48 -19.14
CA ASN A 155 -16.63 59.71 -19.23
C ASN A 155 -17.93 59.56 -19.99
N SER A 156 -18.09 58.47 -20.74
CA SER A 156 -19.34 58.22 -21.46
C SER A 156 -19.71 56.74 -21.42
N LEU A 157 -19.29 56.02 -20.38
CA LEU A 157 -19.50 54.59 -20.26
C LEU A 157 -18.95 53.86 -21.48
N LYS A 158 -17.62 53.92 -21.61
CA LYS A 158 -16.92 53.39 -22.77
C LYS A 158 -17.22 51.91 -23.02
N GLN A 159 -17.78 51.21 -22.04
CA GLN A 159 -18.26 49.84 -22.20
C GLN A 159 -17.13 48.86 -22.51
N LEU A 160 -17.34 47.99 -23.49
CA LEU A 160 -16.41 46.90 -23.76
C LEU A 160 -15.13 47.37 -24.45
N TYR A 161 -15.22 48.39 -25.30
CA TYR A 161 -14.07 48.82 -26.10
C TYR A 161 -13.18 49.82 -25.34
N THR A 162 -12.82 49.46 -24.10
CA THR A 162 -11.93 50.23 -23.25
C THR A 162 -11.69 49.43 -21.98
N VAL A 163 -10.61 49.77 -21.27
CA VAL A 163 -10.25 49.12 -20.02
C VAL A 163 -10.16 47.62 -20.23
N THR A 164 -9.12 47.17 -20.92
CA THR A 164 -8.98 45.75 -21.24
C THR A 164 -8.87 44.93 -19.97
N MET A 165 -9.44 43.72 -20.02
CA MET A 165 -9.40 42.83 -18.87
C MET A 165 -7.98 42.38 -18.61
N ASP A 166 -7.58 42.38 -17.34
CA ASP A 166 -6.24 41.89 -16.99
C ASP A 166 -6.25 40.37 -16.80
N VAL A 167 -6.85 39.69 -17.77
CA VAL A 167 -6.78 38.24 -17.92
C VAL A 167 -6.52 37.98 -19.40
N HIS A 168 -6.62 39.04 -20.20
CA HIS A 168 -6.49 38.91 -21.64
C HIS A 168 -5.10 38.49 -22.09
N SER A 169 -4.11 38.58 -21.20
CA SER A 169 -2.77 38.09 -21.52
C SER A 169 -2.64 36.61 -21.16
N ARG A 170 -3.65 35.84 -21.53
CA ARG A 170 -3.62 34.39 -21.45
C ARG A 170 -4.24 33.71 -22.66
N TYR A 171 -4.78 34.46 -23.62
CA TYR A 171 -5.33 33.91 -24.85
C TYR A 171 -4.68 34.49 -26.09
N ARG A 172 -3.61 35.27 -25.94
CA ARG A 172 -2.97 35.95 -27.05
C ARG A 172 -2.17 34.94 -27.88
N THR A 173 -2.90 34.14 -28.65
CA THR A 173 -2.27 33.23 -29.60
C THR A 173 -1.54 34.03 -30.66
N GLU A 174 -0.36 33.55 -31.07
CA GLU A 174 0.43 34.25 -32.07
C GLU A 174 -0.32 34.39 -33.39
N ALA A 175 -1.29 33.51 -33.66
CA ALA A 175 -2.07 33.63 -34.88
C ALA A 175 -3.22 34.62 -34.72
N HIS A 176 -3.90 34.60 -33.57
CA HIS A 176 -5.05 35.47 -33.31
C HIS A 176 -4.71 36.41 -32.16
N GLN A 177 -4.52 37.69 -32.47
CA GLN A 177 -4.16 38.67 -31.46
C GLN A 177 -5.17 39.82 -31.42
N ASP A 178 -6.46 39.48 -31.46
CA ASP A 178 -7.53 40.49 -31.45
C ASP A 178 -8.64 40.00 -30.53
N VAL A 179 -8.73 40.59 -29.34
CA VAL A 179 -9.77 40.27 -28.38
C VAL A 179 -10.80 41.38 -28.40
N VAL A 180 -12.04 41.04 -28.03
CA VAL A 180 -13.15 41.98 -28.07
C VAL A 180 -13.49 42.42 -26.65
N GLY A 181 -13.89 41.47 -25.81
CA GLY A 181 -14.26 41.78 -24.45
C GLY A 181 -15.76 41.88 -24.23
N ARG A 182 -16.50 40.92 -24.79
CA ARG A 182 -17.96 40.94 -24.67
C ARG A 182 -18.43 40.76 -23.23
N PHE A 183 -17.58 40.24 -22.35
CA PHE A 183 -17.98 40.07 -20.94
C PHE A 183 -18.27 41.41 -20.29
N ASN A 184 -17.45 42.43 -20.57
CA ASN A 184 -17.67 43.76 -20.00
C ASN A 184 -18.99 44.34 -20.47
N GLU A 185 -19.32 44.18 -21.75
CA GLU A 185 -20.59 44.69 -22.27
C GLU A 185 -21.78 44.00 -21.60
N ARG A 186 -21.70 42.68 -21.44
CA ARG A 186 -22.79 41.96 -20.79
C ARG A 186 -22.96 42.38 -19.34
N PHE A 187 -21.84 42.59 -18.63
CA PHE A 187 -21.92 43.01 -17.23
C PHE A 187 -22.59 44.36 -17.10
N ILE A 188 -22.24 45.31 -17.98
CA ILE A 188 -22.85 46.64 -17.93
C ILE A 188 -24.34 46.55 -18.27
N LEU A 189 -24.69 45.77 -19.29
CA LEU A 189 -26.08 45.65 -19.71
C LEU A 189 -26.93 44.92 -18.68
N SER A 190 -26.32 44.14 -17.80
CA SER A 190 -27.06 43.41 -16.77
C SER A 190 -27.33 44.24 -15.52
N LEU A 191 -26.86 45.48 -15.47
CA LEU A 191 -27.05 46.33 -14.31
C LEU A 191 -28.43 46.98 -14.26
N ALA A 192 -29.23 46.85 -15.31
CA ALA A 192 -30.56 47.46 -15.37
C ALA A 192 -31.67 46.42 -15.28
N SER A 193 -31.38 45.24 -14.73
CA SER A 193 -32.36 44.17 -14.62
C SER A 193 -32.80 43.89 -13.19
N CYS A 194 -32.14 44.47 -12.19
CA CYS A 194 -32.47 44.25 -10.79
C CYS A 194 -32.85 45.57 -10.13
N LYS A 195 -33.71 45.48 -9.12
CA LYS A 195 -34.24 46.66 -8.46
C LYS A 195 -33.28 47.28 -7.45
N LYS A 196 -32.19 46.60 -7.11
CA LYS A 196 -31.22 47.07 -6.13
C LYS A 196 -29.82 47.11 -6.72
N CYS A 197 -29.70 47.65 -7.93
CA CYS A 197 -28.44 47.78 -8.65
C CYS A 197 -28.27 49.19 -9.19
N LEU A 198 -28.53 50.18 -8.33
CA LEU A 198 -28.41 51.57 -8.74
C LEU A 198 -26.97 51.91 -9.08
N VAL A 199 -26.79 52.69 -10.14
CA VAL A 199 -25.48 53.14 -10.60
C VAL A 199 -25.38 54.64 -10.38
N ILE A 200 -24.33 55.06 -9.67
CA ILE A 200 -24.12 56.46 -9.35
C ILE A 200 -22.78 56.90 -9.92
N ASP A 201 -22.65 58.22 -10.10
CA ASP A 201 -21.43 58.81 -10.63
C ASP A 201 -20.51 59.20 -9.47
N ASP A 202 -19.46 59.95 -9.79
CA ASP A 202 -18.54 60.44 -8.76
C ASP A 202 -19.14 61.55 -7.91
N GLN A 203 -20.29 62.12 -8.32
CA GLN A 203 -20.92 63.20 -7.60
C GLN A 203 -22.22 62.78 -6.92
N LEU A 204 -22.36 61.48 -6.63
CA LEU A 204 -23.53 60.94 -5.92
C LEU A 204 -24.83 61.25 -6.68
N ASN A 205 -24.78 61.16 -8.00
CA ASN A 205 -25.95 61.37 -8.85
C ASN A 205 -26.29 60.06 -9.57
N ILE A 206 -27.58 59.73 -9.58
CA ILE A 206 -28.01 58.47 -10.17
C ILE A 206 -27.95 58.56 -11.69
N LEU A 207 -27.28 57.59 -12.31
CA LEU A 207 -27.15 57.57 -13.75
C LEU A 207 -28.50 57.24 -14.40
N PRO A 208 -28.72 57.71 -15.62
CA PRO A 208 -30.00 57.41 -16.30
C PRO A 208 -30.22 55.94 -16.57
N ILE A 209 -29.16 55.12 -16.60
CA ILE A 209 -29.33 53.69 -16.83
C ILE A 209 -30.11 53.05 -15.69
N SER A 210 -29.78 53.42 -14.45
CA SER A 210 -30.47 52.91 -13.27
C SER A 210 -31.65 53.75 -12.86
N SER A 211 -31.90 54.87 -13.55
CA SER A 211 -33.03 55.74 -13.19
C SER A 211 -34.37 55.09 -13.50
N HIS A 212 -34.41 54.09 -14.37
CA HIS A 212 -35.66 53.41 -14.68
C HIS A 212 -36.21 52.63 -13.49
N VAL A 213 -35.32 52.14 -12.63
CA VAL A 213 -35.73 51.39 -11.45
C VAL A 213 -36.37 52.33 -10.43
N GLY A 229 -37.03 37.85 10.34
CA GLY A 229 -38.46 38.05 10.23
C GLY A 229 -39.26 36.77 10.36
N PRO A 230 -40.10 36.48 9.37
CA PRO A 230 -40.90 35.25 9.42
C PRO A 230 -40.06 33.98 9.40
N SER A 231 -38.84 34.03 8.87
CA SER A 231 -37.99 32.85 8.85
C SER A 231 -37.58 32.41 10.25
N ASP A 232 -37.33 33.37 11.14
CA ASP A 232 -36.91 33.07 12.51
C ASP A 232 -38.10 32.90 13.45
N LEU A 233 -39.04 32.05 13.06
CA LEU A 233 -40.20 31.73 13.88
C LEU A 233 -40.25 30.28 14.28
N GLU A 234 -40.15 29.35 13.33
CA GLU A 234 -40.13 27.93 13.68
C GLU A 234 -38.83 27.53 14.34
N LEU A 235 -37.71 28.17 13.97
CA LEU A 235 -36.44 27.87 14.60
C LEU A 235 -36.45 28.26 16.07
N ARG A 236 -37.04 29.41 16.39
CA ARG A 236 -37.09 29.85 17.79
C ARG A 236 -37.92 28.90 18.64
N GLU A 237 -39.07 28.46 18.13
CA GLU A 237 -39.91 27.53 18.89
C GLU A 237 -39.26 26.15 18.99
N LEU A 238 -38.48 25.76 17.99
CA LEU A 238 -37.76 24.49 18.07
C LEU A 238 -36.70 24.53 19.16
N LYS A 239 -35.98 25.65 19.27
CA LYS A 239 -34.98 25.78 20.33
C LYS A 239 -35.62 25.78 21.71
N GLU A 240 -36.76 26.44 21.86
CA GLU A 240 -37.45 26.48 23.14
C GLU A 240 -37.93 25.08 23.54
N SER A 241 -38.47 24.33 22.58
CA SER A 241 -38.95 22.98 22.89
C SER A 241 -37.82 22.05 23.29
N LEU A 242 -36.60 22.31 22.82
CA LEU A 242 -35.45 21.49 23.12
C LEU A 242 -34.48 22.19 24.09
N GLN A 243 -35.01 23.02 24.98
CA GLN A 243 -34.15 23.78 25.89
C GLN A 243 -33.55 22.88 26.96
N ASP A 244 -34.36 22.01 27.55
CA ASP A 244 -33.91 21.15 28.65
C ASP A 244 -33.38 19.80 28.17
N THR A 245 -33.33 19.58 26.86
CA THR A 245 -32.90 18.30 26.32
C THR A 245 -31.40 18.11 26.48
N GLN A 246 -30.98 16.84 26.48
CA GLN A 246 -29.59 16.41 26.53
C GLN A 246 -28.92 16.78 25.21
N PRO A 247 -27.59 16.53 24.99
CA PRO A 247 -26.86 17.23 23.91
C PRO A 247 -27.53 17.28 22.53
N VAL A 248 -28.57 16.48 22.31
CA VAL A 248 -29.36 16.65 21.09
C VAL A 248 -29.99 18.04 21.04
N GLY A 249 -30.41 18.55 22.20
CA GLY A 249 -31.17 19.79 22.24
C GLY A 249 -30.39 21.08 22.44
N VAL A 250 -29.12 20.99 22.82
CA VAL A 250 -28.34 22.20 23.08
C VAL A 250 -27.53 22.57 21.84
N LEU A 251 -27.13 21.55 21.07
CA LEU A 251 -26.42 21.82 19.82
C LEU A 251 -27.32 22.45 18.78
N VAL A 252 -28.64 22.28 18.89
CA VAL A 252 -29.56 22.91 17.96
C VAL A 252 -29.55 24.43 18.15
N ASP A 253 -29.43 24.88 19.39
CA ASP A 253 -29.42 26.32 19.66
C ASP A 253 -28.24 27.03 19.03
N CYS A 254 -27.18 26.30 18.68
CA CYS A 254 -26.03 26.90 18.01
C CYS A 254 -26.27 27.15 16.53
N CYS A 255 -27.37 26.65 15.96
CA CYS A 255 -27.68 26.85 14.56
C CYS A 255 -28.21 28.25 14.33
N LYS A 256 -28.19 28.67 13.06
CA LYS A 256 -28.65 30.01 12.68
C LYS A 256 -29.91 30.00 11.83
N THR A 257 -30.27 28.87 11.23
CA THR A 257 -31.43 28.79 10.36
C THR A 257 -32.24 27.54 10.68
N LEU A 258 -33.54 27.60 10.37
CA LEU A 258 -34.40 26.45 10.56
C LEU A 258 -33.98 25.29 9.67
N ASP A 259 -33.59 25.59 8.43
CA ASP A 259 -33.13 24.54 7.52
C ASP A 259 -31.88 23.86 8.06
N GLN A 260 -30.97 24.63 8.65
CA GLN A 260 -29.80 24.03 9.29
C GLN A 260 -30.19 23.12 10.43
N ALA A 261 -31.15 23.55 11.24
CA ALA A 261 -31.63 22.72 12.35
C ALA A 261 -32.83 21.87 11.93
N LYS A 262 -32.67 21.17 10.80
CA LYS A 262 -33.59 20.11 10.40
C LYS A 262 -32.76 18.93 9.93
N ALA A 263 -31.57 19.21 9.38
CA ALA A 263 -30.58 18.18 9.14
C ALA A 263 -29.76 17.90 10.38
N VAL A 264 -29.68 18.86 11.29
CA VAL A 264 -29.03 18.62 12.59
C VAL A 264 -29.79 17.55 13.36
N LEU A 265 -31.12 17.64 13.38
CA LEU A 265 -31.92 16.56 13.95
C LEU A 265 -32.28 15.50 12.92
N LYS A 266 -31.30 15.10 12.13
CA LYS A 266 -31.29 13.89 11.32
C LYS A 266 -29.98 13.14 11.47
N PHE A 267 -28.85 13.87 11.56
CA PHE A 267 -27.57 13.24 11.86
C PHE A 267 -27.54 12.75 13.30
N ILE A 268 -27.94 13.60 14.23
CA ILE A 268 -27.91 13.24 15.65
C ILE A 268 -28.94 12.14 15.93
N GLU A 269 -30.10 12.21 15.27
CA GLU A 269 -31.10 11.15 15.42
C GLU A 269 -30.54 9.80 14.98
N GLY A 270 -29.82 9.79 13.86
CA GLY A 270 -29.12 8.57 13.46
C GLY A 270 -27.99 8.22 14.43
N ILE A 271 -27.33 9.24 14.97
CA ILE A 271 -26.27 9.00 15.94
C ILE A 271 -26.84 8.40 17.22
N SER A 272 -28.00 8.90 17.65
CA SER A 272 -28.61 8.39 18.89
C SER A 272 -28.93 6.91 18.78
N GLU A 273 -29.47 6.48 17.65
CA GLU A 273 -29.72 5.06 17.41
C GLU A 273 -28.39 4.37 17.14
N LYS A 274 -28.00 3.45 18.03
CA LYS A 274 -26.69 2.79 17.94
C LYS A 274 -26.72 1.67 16.89
N THR A 275 -26.94 2.09 15.63
CA THR A 275 -26.94 1.19 14.49
C THR A 275 -25.89 1.66 13.51
N LEU A 276 -25.08 0.72 13.01
CA LEU A 276 -23.97 1.03 12.12
C LEU A 276 -24.30 0.73 10.66
N ARG A 277 -25.58 0.80 10.28
CA ARG A 277 -26.00 0.63 8.88
C ARG A 277 -26.99 1.74 8.55
N SER A 278 -26.46 2.88 8.12
CA SER A 278 -27.26 4.03 7.74
C SER A 278 -26.36 5.08 7.11
N THR A 279 -26.86 5.75 6.07
CA THR A 279 -26.17 6.87 5.46
C THR A 279 -27.17 7.99 5.21
N VAL A 280 -26.70 9.24 5.35
CA VAL A 280 -27.52 10.42 5.15
C VAL A 280 -26.79 11.34 4.18
N ALA A 281 -27.51 11.82 3.17
CA ALA A 281 -26.96 12.73 2.16
C ALA A 281 -27.54 14.12 2.34
N LEU A 282 -26.67 15.13 2.39
CA LEU A 282 -27.09 16.52 2.55
C LEU A 282 -26.56 17.34 1.38
N THR A 283 -27.41 18.21 0.85
CA THR A 283 -27.07 19.05 -0.29
C THR A 283 -27.09 20.51 0.12
N ALA A 284 -26.05 21.25 -0.24
CA ALA A 284 -25.94 22.67 0.05
C ALA A 284 -26.00 23.47 -1.25
N ALA A 285 -25.94 24.79 -1.12
CA ALA A 285 -26.02 25.68 -2.27
C ALA A 285 -25.02 26.83 -2.18
N ARG A 286 -23.87 26.59 -1.54
CA ARG A 286 -22.79 27.58 -1.43
C ARG A 286 -23.30 28.85 -0.75
N GLY A 287 -23.60 28.70 0.54
CA GLY A 287 -24.03 29.81 1.35
C GLY A 287 -25.18 29.50 2.28
N ARG A 288 -25.61 28.24 2.30
CA ARG A 288 -26.68 27.82 3.19
C ARG A 288 -26.17 27.23 4.50
N GLY A 289 -24.93 26.77 4.54
CA GLY A 289 -24.36 26.22 5.75
C GLY A 289 -24.37 24.70 5.78
N LYS A 290 -23.24 24.10 5.48
CA LYS A 290 -23.11 22.64 5.46
C LYS A 290 -22.02 22.13 6.38
N SER A 291 -20.88 22.81 6.45
CA SER A 291 -19.81 22.40 7.35
C SER A 291 -20.20 22.62 8.80
N ALA A 292 -20.98 23.67 9.10
CA ALA A 292 -21.42 23.93 10.46
C ALA A 292 -22.31 22.79 10.97
N ALA A 293 -23.22 22.31 10.13
CA ALA A 293 -24.06 21.18 10.52
C ALA A 293 -23.23 19.92 10.72
N LEU A 294 -22.24 19.70 9.84
CA LEU A 294 -21.37 18.54 9.99
C LEU A 294 -20.55 18.62 11.27
N GLY A 295 -20.05 19.81 11.60
CA GLY A 295 -19.28 19.97 12.82
C GLY A 295 -20.11 19.71 14.07
N LEU A 296 -21.34 20.21 14.09
CA LEU A 296 -22.23 19.95 15.22
C LEU A 296 -22.57 18.47 15.33
N ALA A 297 -22.77 17.80 14.20
CA ALA A 297 -23.05 16.37 14.23
C ALA A 297 -21.86 15.58 14.77
N ILE A 298 -20.64 15.96 14.37
CA ILE A 298 -19.45 15.30 14.88
C ILE A 298 -19.31 15.53 16.37
N ALA A 299 -19.55 16.75 16.83
CA ALA A 299 -19.50 17.05 18.25
C ALA A 299 -20.55 16.26 19.02
N GLY A 300 -21.75 16.13 18.45
CA GLY A 300 -22.78 15.32 19.10
C GLY A 300 -22.40 13.85 19.17
N ALA A 301 -21.76 13.34 18.11
CA ALA A 301 -21.30 11.95 18.12
C ALA A 301 -20.25 11.73 19.20
N VAL A 302 -19.35 12.71 19.39
CA VAL A 302 -18.34 12.60 20.44
C VAL A 302 -19.01 12.52 21.80
N ALA A 303 -20.00 13.37 22.05
CA ALA A 303 -20.73 13.35 23.30
C ALA A 303 -21.62 12.11 23.45
N PHE A 304 -21.87 11.39 22.37
CA PHE A 304 -22.71 10.19 22.40
C PHE A 304 -21.90 8.91 22.64
N GLY A 305 -20.59 9.02 22.83
CA GLY A 305 -19.76 7.86 23.10
C GLY A 305 -19.03 7.28 21.91
N TYR A 306 -19.15 7.90 20.73
CA TYR A 306 -18.43 7.40 19.56
C TYR A 306 -16.94 7.59 19.73
N SER A 307 -16.18 6.55 19.38
CA SER A 307 -14.73 6.56 19.55
C SER A 307 -13.97 6.72 18.25
N ASN A 308 -14.50 6.24 17.12
CA ASN A 308 -13.82 6.29 15.83
C ASN A 308 -14.64 7.16 14.90
N ILE A 309 -14.18 8.39 14.68
CA ILE A 309 -14.82 9.34 13.77
C ILE A 309 -13.78 9.81 12.77
N PHE A 310 -14.10 9.71 11.48
CA PHE A 310 -13.18 10.09 10.41
C PHE A 310 -13.83 11.12 9.52
N VAL A 311 -13.02 12.08 9.06
CA VAL A 311 -13.48 13.13 8.14
C VAL A 311 -12.71 12.98 6.83
N THR A 312 -13.44 12.93 5.72
CA THR A 312 -12.87 12.75 4.40
C THR A 312 -13.00 14.03 3.59
N SER A 313 -11.88 14.50 3.06
CA SER A 313 -11.84 15.69 2.22
C SER A 313 -10.61 15.63 1.35
N PRO A 314 -10.66 16.16 0.12
CA PRO A 314 -9.46 16.16 -0.72
C PRO A 314 -8.29 16.89 -0.10
N SER A 315 -8.54 17.99 0.61
CA SER A 315 -7.51 18.76 1.28
C SER A 315 -8.04 19.25 2.61
N PRO A 316 -7.17 19.41 3.62
CA PRO A 316 -7.63 19.99 4.89
C PRO A 316 -8.18 21.39 4.75
N ASP A 317 -7.67 22.17 3.81
CA ASP A 317 -8.15 23.54 3.61
C ASP A 317 -9.52 23.62 2.97
N ASN A 318 -10.06 22.50 2.50
CA ASN A 318 -11.36 22.52 1.82
C ASN A 318 -12.47 23.02 2.75
N LEU A 319 -12.45 22.57 4.01
CA LEU A 319 -13.52 22.95 4.92
C LEU A 319 -13.18 24.23 5.69
N HIS A 320 -12.08 24.23 6.44
CA HIS A 320 -11.63 25.37 7.23
C HIS A 320 -12.63 25.81 8.29
N THR A 321 -13.77 25.13 8.39
CA THR A 321 -14.80 25.48 9.36
C THR A 321 -15.42 24.29 10.07
N LEU A 322 -15.21 23.06 9.61
CA LEU A 322 -15.79 21.89 10.27
C LEU A 322 -15.25 21.74 11.69
N PHE A 323 -13.93 21.91 11.85
CA PHE A 323 -13.35 21.80 13.18
C PHE A 323 -13.66 23.03 14.03
N GLU A 324 -13.86 24.19 13.39
CA GLU A 324 -14.21 25.40 14.14
C GLU A 324 -15.55 25.22 14.85
N PHE A 325 -16.55 24.67 14.17
CA PHE A 325 -17.84 24.41 14.80
C PHE A 325 -17.79 23.21 15.73
N VAL A 326 -16.84 22.29 15.52
CA VAL A 326 -16.66 21.19 16.46
C VAL A 326 -16.23 21.73 17.82
N PHE A 327 -15.29 22.67 17.83
CA PHE A 327 -14.90 23.34 19.07
C PHE A 327 -16.05 24.16 19.63
N LYS A 328 -16.82 24.81 18.76
CA LYS A 328 -18.01 25.54 19.20
C LYS A 328 -19.02 24.59 19.84
N GLY A 329 -19.23 23.43 19.23
CA GLY A 329 -20.11 22.44 19.85
C GLY A 329 -19.55 21.91 21.15
N PHE A 330 -18.24 21.76 21.23
CA PHE A 330 -17.61 21.33 22.48
C PHE A 330 -17.80 22.39 23.57
N ASP A 331 -17.73 23.66 23.21
CA ASP A 331 -17.98 24.73 24.17
C ASP A 331 -19.42 24.67 24.67
N ALA A 332 -20.37 24.40 23.77
CA ALA A 332 -21.76 24.21 24.19
C ALA A 332 -21.91 22.99 25.07
N LEU A 333 -21.01 22.02 24.96
CA LEU A 333 -21.00 20.84 25.80
C LEU A 333 -20.19 21.03 27.07
N GLN A 334 -19.70 22.25 27.32
CA GLN A 334 -18.90 22.57 28.50
C GLN A 334 -17.62 21.72 28.55
N TYR A 335 -16.88 21.73 27.45
CA TYR A 335 -15.61 21.03 27.33
C TYR A 335 -14.47 22.05 27.40
N GLN A 336 -13.54 21.81 28.31
CA GLN A 336 -12.42 22.73 28.55
C GLN A 336 -11.19 22.27 27.79
N GLU A 337 -10.56 23.20 27.08
CA GLU A 337 -9.35 22.88 26.34
C GLU A 337 -8.20 22.57 27.30
N HIS A 338 -7.32 21.68 26.86
CA HIS A 338 -6.15 21.21 27.61
C HIS A 338 -6.51 20.48 28.89
N LEU A 339 -7.79 20.23 29.14
CA LEU A 339 -8.22 19.48 30.31
C LEU A 339 -9.15 18.35 29.89
N ASP A 340 -9.92 18.58 28.82
CA ASP A 340 -10.84 17.58 28.29
C ASP A 340 -10.51 17.13 26.89
N TYR A 341 -9.85 17.96 26.08
CA TYR A 341 -9.52 17.59 24.71
C TYR A 341 -8.30 18.38 24.26
N GLU A 342 -7.65 17.88 23.21
CA GLU A 342 -6.48 18.52 22.63
C GLU A 342 -6.57 18.42 21.11
N ILE A 343 -5.90 19.36 20.44
CA ILE A 343 -5.91 19.42 18.99
C ILE A 343 -4.49 19.23 18.46
N ILE A 344 -4.41 18.80 17.20
CA ILE A 344 -3.14 18.56 16.53
C ILE A 344 -3.19 19.24 15.17
N GLN A 345 -2.18 20.04 14.86
CA GLN A 345 -2.09 20.76 13.60
C GLN A 345 -1.21 19.99 12.61
N SER A 346 -1.24 20.43 11.35
CA SER A 346 -0.45 19.80 10.30
C SER A 346 1.00 20.23 10.31
N LEU A 347 1.26 21.51 10.61
CA LEU A 347 2.62 22.06 10.69
C LEU A 347 3.40 21.80 9.40
N ASN A 348 2.75 22.02 8.25
CA ASN A 348 3.37 21.84 6.95
C ASN A 348 3.08 23.04 6.07
N PRO A 349 4.00 23.38 5.16
CA PRO A 349 3.71 24.48 4.22
C PRO A 349 2.48 24.23 3.37
N GLU A 350 2.26 22.98 2.97
CA GLU A 350 1.05 22.63 2.25
C GLU A 350 -0.11 22.41 3.23
N PHE A 351 -1.33 22.59 2.73
CA PHE A 351 -2.58 22.42 3.47
C PHE A 351 -2.71 23.39 4.63
N ASN A 352 -1.83 24.39 4.72
CA ASN A 352 -1.87 25.42 5.76
C ASN A 352 -1.83 24.83 7.17
N LYS A 353 -2.18 25.63 8.16
CA LYS A 353 -2.20 25.19 9.56
C LYS A 353 -3.63 24.79 9.95
N ALA A 354 -4.06 23.67 9.40
CA ALA A 354 -5.40 23.14 9.67
C ALA A 354 -5.34 22.19 10.86
N VAL A 355 -6.44 21.48 11.11
CA VAL A 355 -6.55 20.54 12.21
C VAL A 355 -6.65 19.13 11.63
N ILE A 356 -5.78 18.24 12.09
CA ILE A 356 -5.72 16.88 11.56
C ILE A 356 -6.40 15.91 12.52
N ARG A 357 -5.92 15.86 13.77
CA ARG A 357 -6.41 14.92 14.76
C ARG A 357 -6.82 15.65 16.02
N VAL A 358 -7.97 15.25 16.57
CA VAL A 358 -8.48 15.79 17.83
C VAL A 358 -8.72 14.61 18.77
N ASN A 359 -8.15 14.68 19.97
CA ASN A 359 -8.28 13.63 20.96
C ASN A 359 -9.11 14.13 22.13
N VAL A 360 -10.14 13.36 22.49
CA VAL A 360 -11.03 13.70 23.60
C VAL A 360 -10.96 12.58 24.62
N PHE A 361 -10.70 12.94 25.88
CA PHE A 361 -10.60 11.99 26.98
C PHE A 361 -11.46 12.47 28.15
N ARG A 362 -12.74 12.09 28.12
CA ARG A 362 -13.66 12.38 29.22
C ARG A 362 -13.97 11.14 30.04
N GLU A 363 -14.45 10.08 29.40
CA GLU A 363 -14.64 8.78 30.03
C GLU A 363 -13.75 7.72 29.41
N HIS A 364 -13.78 7.59 28.09
CA HIS A 364 -12.86 6.74 27.34
C HIS A 364 -12.07 7.62 26.38
N ARG A 365 -11.28 6.99 25.51
CA ARG A 365 -10.44 7.70 24.55
C ARG A 365 -11.13 7.69 23.19
N GLN A 366 -11.46 8.87 22.68
CA GLN A 366 -12.06 9.03 21.36
C GLN A 366 -11.21 9.99 20.54
N THR A 367 -11.15 9.74 19.23
CA THR A 367 -10.34 10.56 18.34
C THR A 367 -11.14 10.91 17.09
N ILE A 368 -10.84 12.07 16.52
CA ILE A 368 -11.37 12.51 15.24
C ILE A 368 -10.18 12.77 14.33
N GLN A 369 -10.01 11.91 13.33
CA GLN A 369 -8.84 11.97 12.45
C GLN A 369 -9.28 12.23 11.02
N TYR A 370 -8.66 13.24 10.40
CA TYR A 370 -8.89 13.51 8.99
C TYR A 370 -8.17 12.46 8.15
N ILE A 371 -8.86 11.94 7.13
CA ILE A 371 -8.29 10.91 6.26
C ILE A 371 -8.50 11.32 4.81
N HIS A 372 -7.60 10.83 3.95
CA HIS A 372 -7.71 11.07 2.52
C HIS A 372 -8.75 10.13 1.90
N PRO A 373 -9.43 10.58 0.84
CA PRO A 373 -10.37 9.68 0.15
C PRO A 373 -9.71 8.42 -0.38
N ALA A 374 -8.46 8.51 -0.83
CA ALA A 374 -7.74 7.32 -1.29
C ALA A 374 -7.49 6.34 -0.16
N ASP A 375 -7.14 6.85 1.03
CA ASP A 375 -6.83 6.00 2.18
C ASP A 375 -8.12 5.46 2.76
N ALA A 376 -8.38 4.17 2.50
CA ALA A 376 -9.55 3.50 3.06
C ALA A 376 -9.18 2.28 3.89
N VAL A 377 -7.89 1.94 3.99
CA VAL A 377 -7.48 0.78 4.77
C VAL A 377 -7.70 1.03 6.26
N LYS A 378 -7.46 2.26 6.71
CA LYS A 378 -7.59 2.62 8.12
C LYS A 378 -9.04 2.70 8.60
N LEU A 379 -10.03 2.35 7.78
CA LEU A 379 -11.43 2.40 8.17
C LEU A 379 -11.95 1.05 8.66
N GLY A 380 -11.06 0.19 9.16
CA GLY A 380 -11.51 -1.12 9.63
C GLY A 380 -12.41 -1.04 10.84
N GLN A 381 -12.05 -0.20 11.81
CA GLN A 381 -12.81 -0.03 13.04
C GLN A 381 -13.55 1.29 13.10
N ALA A 382 -13.78 1.92 11.95
CA ALA A 382 -14.46 3.21 11.91
C ALA A 382 -15.92 3.06 12.32
N GLU A 383 -16.39 3.99 13.14
CA GLU A 383 -17.79 4.04 13.57
C GLU A 383 -18.59 5.11 12.84
N LEU A 384 -18.03 6.30 12.68
CA LEU A 384 -18.66 7.39 11.94
C LEU A 384 -17.69 7.93 10.92
N VAL A 385 -18.14 8.04 9.67
CA VAL A 385 -17.33 8.58 8.58
C VAL A 385 -18.10 9.71 7.92
N VAL A 386 -17.48 10.88 7.83
CA VAL A 386 -18.08 12.06 7.21
C VAL A 386 -17.34 12.34 5.91
N ILE A 387 -18.08 12.40 4.81
CA ILE A 387 -17.51 12.66 3.49
C ILE A 387 -18.01 14.02 3.05
N ASP A 388 -17.09 14.99 2.96
CA ASP A 388 -17.44 16.33 2.52
C ASP A 388 -17.17 16.46 1.03
N GLU A 389 -18.09 17.14 0.34
CA GLU A 389 -18.03 17.30 -1.12
C GLU A 389 -17.95 15.94 -1.81
N ALA A 390 -18.90 15.06 -1.49
CA ALA A 390 -18.90 13.72 -2.06
C ALA A 390 -19.10 13.76 -3.57
N ALA A 391 -19.92 14.70 -4.05
CA ALA A 391 -20.14 14.82 -5.50
C ALA A 391 -18.88 15.21 -6.24
N ALA A 392 -17.94 15.87 -5.56
CA ALA A 392 -16.66 16.26 -6.14
C ALA A 392 -15.58 15.22 -5.92
N ILE A 393 -15.95 13.96 -5.71
CA ILE A 393 -14.99 12.88 -5.47
C ILE A 393 -15.29 11.77 -6.48
N PRO A 394 -14.27 11.10 -7.02
CA PRO A 394 -14.52 10.03 -7.98
C PRO A 394 -15.40 8.93 -7.37
N LEU A 395 -16.28 8.37 -8.21
CA LEU A 395 -17.22 7.36 -7.74
C LEU A 395 -16.54 6.11 -7.19
N PRO A 396 -15.54 5.52 -7.83
CA PRO A 396 -14.90 4.34 -7.22
C PRO A 396 -14.30 4.61 -5.85
N LEU A 397 -13.76 5.81 -5.63
CA LEU A 397 -13.22 6.15 -4.32
C LEU A 397 -14.33 6.24 -3.28
N VAL A 398 -15.49 6.80 -3.66
CA VAL A 398 -16.61 6.91 -2.74
C VAL A 398 -17.11 5.53 -2.33
N LYS A 399 -17.24 4.62 -3.30
CA LYS A 399 -17.73 3.28 -3.01
C LYS A 399 -16.78 2.54 -2.07
N SER A 400 -15.47 2.68 -2.30
CA SER A 400 -14.50 2.03 -1.41
C SER A 400 -14.54 2.62 -0.01
N LEU A 401 -14.78 3.93 0.09
CA LEU A 401 -14.84 4.58 1.40
C LEU A 401 -16.02 4.07 2.22
N LEU A 402 -17.16 3.83 1.58
CA LEU A 402 -18.35 3.38 2.28
C LEU A 402 -18.15 1.98 2.86
N GLY A 403 -18.85 1.71 3.96
CA GLY A 403 -18.77 0.43 4.62
C GLY A 403 -19.82 0.27 5.70
N PRO A 404 -19.64 -0.72 6.56
CA PRO A 404 -20.64 -0.99 7.63
C PRO A 404 -20.49 -0.06 8.83
N TYR A 405 -20.76 1.21 8.61
CA TYR A 405 -20.73 2.22 9.67
C TYR A 405 -21.71 3.33 9.31
N LEU A 406 -21.70 4.39 10.10
CA LEU A 406 -22.56 5.55 9.87
C LEU A 406 -21.84 6.53 8.95
N VAL A 407 -22.46 6.82 7.81
CA VAL A 407 -21.86 7.68 6.78
C VAL A 407 -22.67 8.96 6.70
N PHE A 408 -21.99 10.10 6.73
CA PHE A 408 -22.60 11.41 6.60
C PHE A 408 -22.11 12.03 5.29
N MET A 409 -23.00 12.14 4.31
CA MET A 409 -22.65 12.63 2.99
C MET A 409 -23.04 14.09 2.84
N ALA A 410 -22.10 14.91 2.36
CA ALA A 410 -22.33 16.31 2.11
C ALA A 410 -21.92 16.65 0.69
N SER A 411 -22.74 17.45 0.01
CA SER A 411 -22.47 17.83 -1.37
C SER A 411 -23.05 19.22 -1.62
N THR A 412 -22.55 19.85 -2.69
CA THR A 412 -23.00 21.17 -3.10
C THR A 412 -23.57 21.08 -4.51
N ILE A 413 -24.70 21.76 -4.72
CA ILE A 413 -25.40 21.75 -6.00
C ILE A 413 -25.31 23.10 -6.70
N ASN A 414 -25.72 24.16 -6.01
CA ASN A 414 -25.73 25.51 -6.58
C ASN A 414 -24.42 26.22 -6.25
N GLY A 415 -24.30 27.46 -6.70
CA GLY A 415 -23.09 28.22 -6.49
C GLY A 415 -21.96 27.74 -7.38
N TYR A 416 -20.76 28.21 -7.04
CA TYR A 416 -19.54 27.81 -7.76
C TYR A 416 -18.91 26.57 -7.12
N GLU A 417 -19.73 25.55 -6.91
CA GLU A 417 -19.26 24.28 -6.35
C GLU A 417 -20.31 23.23 -6.64
N GLY A 418 -19.94 22.18 -7.36
CA GLY A 418 -20.90 21.17 -7.76
C GLY A 418 -21.76 21.63 -8.92
N THR A 419 -22.11 20.71 -9.82
CA THR A 419 -22.86 21.05 -11.02
C THR A 419 -23.98 20.04 -11.22
N GLY A 420 -24.67 20.17 -12.35
CA GLY A 420 -25.77 19.27 -12.68
C GLY A 420 -25.27 17.92 -13.16
N ARG A 421 -26.24 17.04 -13.42
CA ARG A 421 -25.99 15.67 -13.85
C ARG A 421 -25.15 14.89 -12.85
N SER A 422 -25.13 15.33 -11.59
CA SER A 422 -24.41 14.65 -10.52
C SER A 422 -25.33 13.77 -9.69
N LEU A 423 -26.56 13.55 -10.13
CA LEU A 423 -27.51 12.71 -9.40
C LEU A 423 -27.13 11.24 -9.44
N SER A 424 -26.15 10.86 -10.26
CA SER A 424 -25.70 9.47 -10.28
C SER A 424 -25.19 9.03 -8.90
N LEU A 425 -24.62 9.96 -8.13
CA LEU A 425 -24.25 9.65 -6.75
C LEU A 425 -25.47 9.27 -5.93
N LYS A 426 -26.54 10.06 -6.05
CA LYS A 426 -27.81 9.74 -5.38
C LYS A 426 -28.72 8.94 -6.31
N LEU A 427 -28.17 7.90 -6.93
CA LEU A 427 -28.95 6.98 -7.75
C LEU A 427 -28.59 5.52 -7.55
N ILE A 428 -27.37 5.21 -7.08
CA ILE A 428 -26.98 3.84 -6.82
C ILE A 428 -27.15 3.48 -5.34
N GLN A 429 -26.93 4.46 -4.46
CA GLN A 429 -27.12 4.23 -3.03
C GLN A 429 -28.56 3.90 -2.67
N GLN A 430 -29.51 4.23 -3.56
CA GLN A 430 -30.92 3.93 -3.34
C GLN A 430 -31.26 2.46 -3.58
N LEU A 431 -30.26 1.61 -3.82
CA LEU A 431 -30.53 0.19 -4.05
C LEU A 431 -31.05 -0.52 -2.81
N ARG A 432 -30.81 0.04 -1.62
CA ARG A 432 -31.27 -0.58 -0.38
C ARG A 432 -31.51 0.49 0.69
N ALA A 457 -31.28 -2.85 7.08
CA ALA A 457 -30.08 -3.00 6.25
C ALA A 457 -29.91 -1.79 5.34
N ARG A 458 -29.22 -0.77 5.85
CA ARG A 458 -28.89 0.46 5.14
C ARG A 458 -30.11 1.33 4.92
N THR A 459 -29.96 2.65 5.03
CA THR A 459 -31.06 3.58 4.85
C THR A 459 -30.56 4.78 4.07
N LEU A 460 -31.50 5.52 3.47
CA LEU A 460 -31.20 6.62 2.57
C LEU A 460 -31.93 7.89 3.02
N TYR A 461 -31.77 8.25 4.29
CA TYR A 461 -32.34 9.49 4.80
C TYR A 461 -31.84 10.68 3.98
N GLU A 462 -32.77 11.59 3.66
CA GLU A 462 -32.49 12.71 2.76
C GLU A 462 -32.73 14.02 3.49
N VAL A 463 -31.78 14.94 3.37
CA VAL A 463 -31.90 16.28 3.92
C VAL A 463 -31.35 17.28 2.91
N SER A 464 -31.80 18.52 3.02
CA SER A 464 -31.38 19.57 2.09
C SER A 464 -31.53 20.93 2.76
N LEU A 465 -30.87 21.92 2.17
CA LEU A 465 -30.91 23.30 2.66
C LEU A 465 -31.33 24.23 1.54
N GLN A 466 -32.13 25.24 1.88
CA GLN A 466 -32.60 26.19 0.87
C GLN A 466 -32.61 27.63 1.38
N GLU A 467 -32.05 27.91 2.55
CA GLU A 467 -32.01 29.25 3.10
C GLU A 467 -30.58 29.66 3.38
N SER A 468 -30.25 30.91 3.07
CA SER A 468 -28.90 31.41 3.23
C SER A 468 -28.60 31.72 4.69
N ILE A 469 -27.32 31.96 4.96
CA ILE A 469 -26.84 32.24 6.31
C ILE A 469 -26.71 33.74 6.57
N ARG A 470 -26.05 34.46 5.65
CA ARG A 470 -25.73 35.87 5.88
C ARG A 470 -26.83 36.82 5.43
N TYR A 471 -27.67 36.41 4.48
CA TYR A 471 -28.71 37.29 3.96
C TYR A 471 -30.02 36.52 3.83
N ALA A 472 -31.11 37.28 3.79
CA ALA A 472 -32.43 36.68 3.65
C ALA A 472 -32.56 36.03 2.26
N PRO A 473 -33.35 34.96 2.15
CA PRO A 473 -33.53 34.32 0.85
C PRO A 473 -34.25 35.23 -0.13
N GLY A 474 -33.95 35.05 -1.41
CA GLY A 474 -34.52 35.90 -2.43
C GLY A 474 -33.80 37.21 -2.64
N ASP A 475 -32.53 37.29 -2.27
CA ASP A 475 -31.77 38.53 -2.43
C ASP A 475 -31.60 38.86 -3.90
N ALA A 476 -31.78 40.14 -4.23
CA ALA A 476 -31.62 40.59 -5.61
C ALA A 476 -30.18 40.48 -6.07
N VAL A 477 -29.23 40.81 -5.19
CA VAL A 477 -27.82 40.72 -5.55
C VAL A 477 -27.41 39.29 -5.84
N GLU A 478 -27.90 38.35 -5.03
CA GLU A 478 -27.60 36.94 -5.27
C GLU A 478 -28.17 36.48 -6.61
N LYS A 479 -29.40 36.89 -6.92
CA LYS A 479 -30.00 36.54 -8.20
C LYS A 479 -29.23 37.18 -9.36
N TRP A 480 -28.80 38.43 -9.20
CA TRP A 480 -28.04 39.09 -10.24
C TRP A 480 -26.71 38.39 -10.49
N LEU A 481 -26.02 38.01 -9.41
CA LEU A 481 -24.75 37.30 -9.56
C LEU A 481 -24.96 35.94 -10.20
N ASN A 482 -26.01 35.22 -9.80
CA ASN A 482 -26.28 33.91 -10.39
C ASN A 482 -26.63 34.02 -11.86
N ASP A 483 -27.43 35.02 -12.23
CA ASP A 483 -27.81 35.19 -13.64
C ASP A 483 -26.61 35.62 -14.48
N LEU A 484 -25.78 36.53 -13.96
CA LEU A 484 -24.62 36.98 -14.70
C LEU A 484 -23.61 35.86 -14.92
N LEU A 485 -23.36 35.06 -13.89
CA LEU A 485 -22.40 33.97 -13.96
C LEU A 485 -23.03 32.64 -14.34
N CYS A 486 -24.34 32.63 -14.63
CA CYS A 486 -25.05 31.42 -15.05
C CYS A 486 -24.92 30.30 -14.03
N LEU A 487 -25.01 30.65 -12.75
CA LEU A 487 -25.02 29.66 -11.67
C LEU A 487 -26.44 29.25 -11.31
N ASP A 488 -27.21 28.84 -12.32
CA ASP A 488 -28.61 28.46 -12.15
C ASP A 488 -28.99 27.59 -13.34
N CYS A 489 -30.30 27.42 -13.55
CA CYS A 489 -30.83 26.68 -14.69
C CYS A 489 -30.32 25.24 -14.71
N LEU A 490 -30.76 24.49 -13.70
CA LEU A 490 -30.35 23.10 -13.52
C LEU A 490 -30.75 22.20 -14.69
N ASN A 491 -31.45 22.77 -15.68
CA ASN A 491 -31.79 22.09 -16.94
C ASN A 491 -32.73 20.94 -16.62
N ILE A 492 -32.40 19.69 -16.97
CA ILE A 492 -33.24 18.51 -16.74
C ILE A 492 -34.49 18.59 -17.59
N THR A 493 -35.23 19.68 -17.49
CA THR A 493 -36.44 19.86 -18.29
C THR A 493 -36.08 19.96 -19.77
N ARG A 494 -36.82 19.22 -20.60
CA ARG A 494 -36.58 19.22 -22.03
C ARG A 494 -37.70 19.94 -22.78
N CYS A 499 -35.25 11.57 -28.61
CA CYS A 499 -36.30 11.00 -29.45
C CYS A 499 -36.04 11.15 -30.96
N PRO A 500 -35.68 12.35 -31.44
CA PRO A 500 -35.37 12.49 -32.87
C PRO A 500 -34.16 11.65 -33.26
N LEU A 501 -34.20 11.14 -34.48
CA LEU A 501 -33.08 10.33 -34.98
C LEU A 501 -31.85 11.20 -35.17
N PRO A 502 -30.67 10.70 -34.81
CA PRO A 502 -29.44 11.51 -35.00
C PRO A 502 -29.17 11.86 -36.45
N GLU A 503 -29.56 11.00 -37.40
CA GLU A 503 -29.30 11.27 -38.80
C GLU A 503 -30.06 12.47 -39.34
N ALA A 504 -31.19 12.82 -38.71
CA ALA A 504 -32.00 13.95 -39.14
C ALA A 504 -31.64 15.25 -38.42
N CYS A 505 -30.68 15.21 -37.50
CA CYS A 505 -30.29 16.41 -36.78
C CYS A 505 -29.45 17.32 -37.67
N GLU A 506 -29.52 18.62 -37.40
CA GLU A 506 -28.80 19.63 -38.15
C GLU A 506 -27.90 20.42 -37.21
N LEU A 507 -26.70 20.73 -37.69
CA LEU A 507 -25.71 21.47 -36.91
C LEU A 507 -25.69 22.92 -37.36
N TYR A 508 -25.66 23.84 -36.39
CA TYR A 508 -25.67 25.26 -36.66
C TYR A 508 -24.52 25.94 -35.91
N TYR A 509 -24.09 27.08 -36.42
CA TYR A 509 -23.05 27.88 -35.81
C TYR A 509 -23.67 29.02 -35.02
N VAL A 510 -23.08 29.31 -33.85
CA VAL A 510 -23.59 30.33 -32.94
C VAL A 510 -22.67 31.53 -33.01
N ASN A 511 -23.25 32.71 -33.25
CA ASN A 511 -22.50 33.96 -33.30
C ASN A 511 -22.31 34.47 -31.89
N ARG A 512 -21.04 34.50 -31.43
CA ARG A 512 -20.75 34.96 -30.07
C ARG A 512 -21.03 36.44 -29.89
N ASP A 513 -21.03 37.23 -30.98
CA ASP A 513 -21.32 38.65 -30.86
C ASP A 513 -22.75 38.89 -30.40
N THR A 514 -23.69 38.13 -30.92
CA THR A 514 -25.11 38.26 -30.57
C THR A 514 -25.53 37.38 -29.41
N LEU A 515 -24.61 36.60 -28.84
CA LEU A 515 -24.93 35.73 -27.72
C LEU A 515 -24.70 36.41 -26.37
N PHE A 516 -23.73 37.33 -26.29
CA PHE A 516 -23.38 38.00 -25.05
C PHE A 516 -23.83 39.46 -25.03
N CYS A 517 -24.85 39.79 -25.82
CA CYS A 517 -25.42 41.13 -25.86
C CYS A 517 -26.74 41.21 -25.09
N TYR A 518 -26.93 40.34 -24.08
CA TYR A 518 -28.14 40.28 -23.29
C TYR A 518 -29.36 40.06 -24.18
N HIS A 519 -30.10 41.14 -24.47
CA HIS A 519 -31.25 41.12 -25.37
C HIS A 519 -32.30 40.15 -24.81
N LYS A 520 -33.33 39.83 -25.59
CA LYS A 520 -34.36 38.88 -25.18
C LYS A 520 -34.38 37.72 -26.17
N ALA A 521 -34.73 36.54 -25.65
CA ALA A 521 -34.71 35.26 -26.35
C ALA A 521 -33.31 34.80 -26.68
N SER A 522 -32.27 35.57 -26.35
CA SER A 522 -30.89 35.18 -26.51
C SER A 522 -30.18 34.87 -25.19
N GLU A 523 -30.53 35.60 -24.12
CA GLU A 523 -30.02 35.27 -22.80
C GLU A 523 -30.52 33.90 -22.34
N VAL A 524 -31.76 33.55 -22.69
CA VAL A 524 -32.28 32.22 -22.37
C VAL A 524 -31.45 31.15 -23.07
N PHE A 525 -31.10 31.39 -24.33
CA PHE A 525 -30.23 30.45 -25.04
C PHE A 525 -28.86 30.35 -24.37
N LEU A 526 -28.32 31.48 -23.91
CA LEU A 526 -27.05 31.46 -23.19
C LEU A 526 -27.17 30.67 -21.89
N GLN A 527 -28.29 30.85 -21.17
CA GLN A 527 -28.51 30.07 -19.95
C GLN A 527 -28.65 28.59 -20.27
N ARG A 528 -29.36 28.26 -21.35
CA ARG A 528 -29.50 26.86 -21.75
C ARG A 528 -28.16 26.28 -22.16
N LEU A 529 -27.35 27.05 -22.89
CA LEU A 529 -26.02 26.57 -23.27
C LEU A 529 -25.14 26.34 -22.05
N MET A 530 -25.18 27.26 -21.09
CA MET A 530 -24.43 27.07 -19.85
C MET A 530 -25.03 25.96 -19.00
N ALA A 531 -26.34 25.74 -19.11
CA ALA A 531 -26.95 24.61 -18.41
C ALA A 531 -26.39 23.29 -18.92
N LEU A 532 -26.23 23.17 -20.23
CA LEU A 532 -25.58 21.99 -20.80
C LEU A 532 -24.10 21.98 -20.46
N TYR A 533 -23.49 23.15 -20.37
CA TYR A 533 -22.06 23.24 -20.04
C TYR A 533 -21.79 22.70 -18.65
N VAL A 534 -22.54 23.15 -17.65
CA VAL A 534 -22.27 22.75 -16.27
C VAL A 534 -22.67 21.30 -16.04
N ALA A 535 -23.81 20.88 -16.59
CA ALA A 535 -24.32 19.55 -16.28
C ALA A 535 -23.67 18.47 -17.14
N SER A 536 -22.34 18.50 -17.23
CA SER A 536 -21.59 17.42 -17.85
C SER A 536 -20.30 17.10 -17.12
N HIS A 537 -19.95 17.85 -16.07
CA HIS A 537 -18.65 17.73 -15.43
C HIS A 537 -18.70 18.50 -14.12
N TYR A 538 -18.09 17.94 -13.08
CA TYR A 538 -18.05 18.60 -11.78
C TYR A 538 -17.23 19.90 -11.85
N LYS A 539 -17.19 20.61 -10.73
CA LYS A 539 -16.50 21.89 -10.63
C LYS A 539 -17.09 22.89 -11.62
N ASN A 540 -16.48 23.00 -12.80
CA ASN A 540 -16.95 23.89 -13.87
C ASN A 540 -16.96 25.35 -13.38
N SER A 541 -15.75 25.84 -13.12
CA SER A 541 -15.59 27.18 -12.59
C SER A 541 -16.17 28.20 -13.57
N PRO A 542 -16.78 29.29 -13.06
CA PRO A 542 -17.40 30.27 -13.97
C PRO A 542 -16.41 31.03 -14.83
N ASN A 543 -15.10 30.88 -14.59
CA ASN A 543 -14.11 31.57 -15.42
C ASN A 543 -14.16 31.11 -16.87
N ASP A 544 -14.74 29.93 -17.12
CA ASP A 544 -14.88 29.46 -18.50
C ASP A 544 -15.80 30.36 -19.31
N LEU A 545 -16.72 31.07 -18.65
CA LEU A 545 -17.60 32.00 -19.36
C LEU A 545 -16.80 33.12 -20.01
N GLN A 546 -15.82 33.67 -19.29
CA GLN A 546 -14.94 34.66 -19.89
C GLN A 546 -14.14 34.05 -21.03
N MET A 547 -13.64 32.82 -20.84
CA MET A 547 -12.97 32.11 -21.94
C MET A 547 -13.94 31.84 -23.08
N LEU A 548 -15.22 31.62 -22.78
CA LEU A 548 -16.21 31.40 -23.82
C LEU A 548 -16.40 32.64 -24.69
N SER A 549 -16.40 33.83 -24.08
CA SER A 549 -16.72 35.06 -24.78
C SER A 549 -15.49 35.85 -25.22
N ASP A 550 -14.53 36.05 -24.34
CA ASP A 550 -13.40 36.94 -24.62
C ASP A 550 -12.29 36.29 -25.44
N ALA A 551 -12.36 34.98 -25.67
CA ALA A 551 -11.32 34.32 -26.45
C ALA A 551 -11.42 34.73 -27.91
N PRO A 552 -10.28 34.92 -28.59
CA PRO A 552 -10.33 35.34 -30.00
C PRO A 552 -10.51 34.18 -30.98
N ALA A 553 -10.11 32.98 -30.57
CA ALA A 553 -10.10 31.83 -31.47
C ALA A 553 -10.97 30.69 -30.95
N HIS A 554 -12.17 31.01 -30.47
CA HIS A 554 -13.11 30.01 -29.99
C HIS A 554 -14.42 30.13 -30.76
N HIS A 555 -14.99 28.97 -31.11
CA HIS A 555 -16.22 28.92 -31.88
C HIS A 555 -17.24 28.02 -31.17
N LEU A 556 -18.51 28.29 -31.42
CA LEU A 556 -19.61 27.54 -30.81
C LEU A 556 -20.36 26.78 -31.89
N PHE A 557 -20.66 25.52 -31.60
CA PHE A 557 -21.45 24.68 -32.49
C PHE A 557 -22.50 23.91 -31.69
N CYS A 558 -23.70 23.84 -32.25
CA CYS A 558 -24.81 23.18 -31.58
C CYS A 558 -25.54 22.28 -32.57
N LEU A 559 -26.20 21.26 -32.04
CA LEU A 559 -26.97 20.31 -32.83
C LEU A 559 -28.45 20.51 -32.54
N LEU A 560 -29.23 20.76 -33.58
CA LEU A 560 -30.64 21.03 -33.37
C LEU A 560 -31.50 19.92 -33.99
N PRO A 561 -32.64 19.60 -33.38
CA PRO A 561 -33.55 18.62 -33.96
C PRO A 561 -34.19 19.16 -35.23
N PRO A 562 -34.57 18.28 -36.16
CA PRO A 562 -35.21 18.71 -37.42
C PRO A 562 -36.59 19.32 -37.21
N LEU A 570 -34.74 28.34 -31.73
CA LEU A 570 -33.97 27.32 -31.03
C LEU A 570 -34.86 26.55 -30.05
N PRO A 571 -35.52 25.49 -30.55
CA PRO A 571 -36.38 24.69 -29.68
C PRO A 571 -35.64 24.09 -28.49
N GLU A 572 -34.58 23.33 -28.78
CA GLU A 572 -33.79 22.70 -27.73
C GLU A 572 -32.42 22.37 -28.28
N VAL A 573 -31.40 22.45 -27.43
CA VAL A 573 -30.03 22.16 -27.81
C VAL A 573 -29.71 20.72 -27.43
N LEU A 574 -29.65 19.84 -28.43
CA LEU A 574 -29.32 18.44 -28.16
C LEU A 574 -27.86 18.29 -27.71
N ALA A 575 -26.95 18.99 -28.36
CA ALA A 575 -25.54 18.92 -28.02
C ALA A 575 -24.87 20.26 -28.33
N VAL A 576 -23.79 20.55 -27.63
CA VAL A 576 -23.02 21.77 -27.82
C VAL A 576 -21.54 21.40 -27.89
N ILE A 577 -20.81 22.02 -28.81
CA ILE A 577 -19.38 21.79 -29.00
C ILE A 577 -18.67 23.14 -29.01
N GLN A 578 -17.59 23.24 -28.23
CA GLN A 578 -16.74 24.42 -28.22
C GLN A 578 -15.38 24.03 -28.77
N VAL A 579 -14.94 24.72 -29.83
CA VAL A 579 -13.73 24.37 -30.55
C VAL A 579 -12.79 25.57 -30.55
N CYS A 580 -11.52 25.33 -30.23
CA CYS A 580 -10.48 26.35 -30.25
C CYS A 580 -9.54 26.10 -31.41
N LEU A 581 -9.28 27.15 -32.18
CA LEU A 581 -8.36 27.04 -33.31
C LEU A 581 -6.92 27.21 -32.82
N GLU A 582 -6.03 26.35 -33.32
CA GLU A 582 -4.64 26.36 -32.92
C GLU A 582 -3.75 26.05 -34.12
N GLY A 583 -2.50 26.46 -34.03
CA GLY A 583 -1.52 26.22 -35.07
C GLY A 583 -1.09 27.51 -35.75
N GLU A 584 -0.23 27.33 -36.75
CA GLU A 584 0.35 28.43 -37.54
C GLU A 584 1.07 29.43 -36.63
N ILE A 585 2.03 28.93 -35.86
CA ILE A 585 2.72 29.76 -34.89
C ILE A 585 3.99 30.33 -35.52
N SER A 586 4.94 29.45 -35.84
CA SER A 586 6.22 29.82 -36.44
C SER A 586 7.08 28.58 -36.66
N ARG A 587 8.24 28.77 -37.29
CA ARG A 587 9.26 27.73 -37.37
C ARG A 587 10.47 28.04 -36.50
N GLN A 588 10.92 29.30 -36.46
CA GLN A 588 12.06 29.69 -35.64
C GLN A 588 11.69 29.89 -34.18
N SER A 589 10.46 30.35 -33.90
CA SER A 589 10.03 30.50 -32.51
C SER A 589 9.95 29.16 -31.81
N ILE A 590 9.47 28.13 -32.50
CA ILE A 590 9.40 26.79 -31.92
C ILE A 590 10.80 26.27 -31.62
N LEU A 591 11.75 26.51 -32.53
CA LEU A 591 13.12 26.06 -32.30
C LEU A 591 13.73 26.76 -31.09
N ASN A 592 13.45 28.06 -30.93
CA ASN A 592 13.93 28.77 -29.76
C ASN A 592 13.31 28.23 -28.48
N SER A 593 12.00 27.94 -28.51
CA SER A 593 11.34 27.39 -27.34
C SER A 593 11.84 25.99 -27.02
N LEU A 594 12.07 25.16 -28.06
CA LEU A 594 12.60 23.83 -27.82
C LEU A 594 14.00 23.87 -27.24
N SER A 595 14.83 24.81 -27.71
CA SER A 595 16.19 24.95 -27.19
C SER A 595 16.21 25.46 -25.76
N ARG A 596 15.09 25.93 -25.22
CA ARG A 596 14.99 26.40 -23.85
C ARG A 596 14.06 25.55 -23.00
N GLY A 597 12.93 25.13 -23.55
CA GLY A 597 11.99 24.31 -22.82
C GLY A 597 11.08 25.10 -21.89
N LYS A 598 10.31 26.04 -22.45
CA LYS A 598 9.40 26.86 -21.66
C LYS A 598 8.00 26.97 -22.25
N LYS A 599 7.80 26.56 -23.50
CA LYS A 599 6.49 26.62 -24.18
C LYS A 599 6.03 28.09 -24.20
N ALA A 600 4.72 28.30 -24.21
CA ALA A 600 4.16 29.65 -24.25
C ALA A 600 2.72 29.58 -23.73
N SER A 601 2.00 30.69 -23.85
CA SER A 601 0.61 30.76 -23.44
C SER A 601 -0.30 30.45 -24.61
N GLY A 602 -1.21 29.50 -24.42
CA GLY A 602 -2.09 29.06 -25.49
C GLY A 602 -1.45 28.00 -26.37
N ASP A 603 -2.27 27.45 -27.26
CA ASP A 603 -1.86 26.40 -28.18
C ASP A 603 -1.27 25.21 -27.42
N LEU A 604 -2.12 24.62 -26.57
CA LEU A 604 -1.68 23.51 -25.74
C LEU A 604 -1.25 22.32 -26.57
N ILE A 605 -2.09 21.90 -27.52
CA ILE A 605 -1.75 20.74 -28.36
C ILE A 605 -0.53 21.01 -29.24
N PRO A 606 -0.44 22.11 -30.00
CA PRO A 606 0.76 22.31 -30.85
C PRO A 606 2.06 22.38 -30.05
N TRP A 607 2.02 22.98 -28.86
CA TRP A 607 3.25 23.12 -28.07
C TRP A 607 3.64 21.78 -27.45
N THR A 608 2.66 21.03 -26.94
CA THR A 608 2.96 19.74 -26.30
C THR A 608 3.51 18.75 -27.31
N VAL A 609 2.90 18.67 -28.49
CA VAL A 609 3.37 17.72 -29.50
C VAL A 609 4.78 18.09 -29.98
N SER A 610 5.01 19.38 -30.22
CA SER A 610 6.34 19.81 -30.65
C SER A 610 7.40 19.54 -29.59
N GLU A 611 7.05 19.78 -28.32
CA GLU A 611 8.01 19.54 -27.24
C GLU A 611 8.27 18.06 -27.02
N GLN A 612 7.24 17.22 -27.18
CA GLN A 612 7.38 15.79 -26.92
C GLN A 612 7.96 15.02 -28.11
N PHE A 613 7.79 15.52 -29.33
CA PHE A 613 8.27 14.82 -30.51
C PHE A 613 9.40 15.53 -31.24
N GLN A 614 9.78 16.75 -30.82
CA GLN A 614 10.86 17.50 -31.44
C GLN A 614 10.63 17.67 -32.93
N ASP A 615 9.40 18.00 -33.30
CA ASP A 615 9.00 18.22 -34.69
C ASP A 615 8.49 19.65 -34.83
N PRO A 616 9.35 20.60 -35.19
CA PRO A 616 8.90 21.98 -35.36
C PRO A 616 7.91 22.18 -36.50
N ASP A 617 7.86 21.25 -37.46
CA ASP A 617 6.96 21.38 -38.59
C ASP A 617 5.50 21.19 -38.21
N PHE A 618 5.21 20.64 -37.02
CA PHE A 618 3.82 20.43 -36.62
C PHE A 618 3.14 21.74 -36.26
N GLY A 619 3.91 22.73 -35.79
CA GLY A 619 3.31 23.99 -35.37
C GLY A 619 2.75 24.83 -36.51
N GLY A 620 3.24 24.61 -37.73
CA GLY A 620 2.75 25.36 -38.88
C GLY A 620 1.45 24.83 -39.48
N LEU A 621 0.99 23.67 -39.03
CA LEU A 621 -0.23 23.08 -39.57
C LEU A 621 -1.46 23.75 -38.97
N SER A 622 -2.59 23.60 -39.66
CA SER A 622 -3.85 24.16 -39.22
C SER A 622 -4.62 23.10 -38.43
N GLY A 623 -4.99 23.43 -37.19
CA GLY A 623 -5.68 22.48 -36.34
C GLY A 623 -6.78 23.15 -35.53
N GLY A 624 -7.65 22.31 -34.99
CA GLY A 624 -8.72 22.77 -34.13
C GLY A 624 -8.88 21.88 -32.91
N ARG A 625 -8.82 22.47 -31.72
CA ARG A 625 -8.89 21.72 -30.47
C ARG A 625 -10.33 21.76 -29.95
N VAL A 626 -10.91 20.58 -29.75
CA VAL A 626 -12.25 20.46 -29.20
C VAL A 626 -12.14 20.67 -27.69
N VAL A 627 -12.40 21.89 -27.24
CA VAL A 627 -12.25 22.22 -25.82
C VAL A 627 -13.25 21.43 -24.98
N ARG A 628 -14.52 21.39 -25.42
CA ARG A 628 -15.55 20.70 -24.68
C ARG A 628 -16.67 20.28 -25.62
N ILE A 629 -17.19 19.08 -25.39
CA ILE A 629 -18.38 18.58 -26.07
C ILE A 629 -19.35 18.06 -25.01
N ALA A 630 -20.61 18.47 -25.10
CA ALA A 630 -21.61 18.10 -24.12
C ALA A 630 -22.91 17.73 -24.81
N VAL A 631 -23.58 16.71 -24.29
CA VAL A 631 -24.88 16.28 -24.78
C VAL A 631 -25.85 16.27 -23.61
N HIS A 632 -27.13 16.40 -23.92
CA HIS A 632 -28.15 16.45 -22.88
C HIS A 632 -28.14 15.16 -22.07
N PRO A 633 -28.18 15.23 -20.73
CA PRO A 633 -28.14 14.00 -19.93
C PRO A 633 -29.27 13.03 -20.26
N ASP A 634 -30.45 13.53 -20.60
CA ASP A 634 -31.55 12.68 -21.02
C ASP A 634 -31.39 12.18 -22.46
N TYR A 635 -30.44 12.73 -23.21
CA TYR A 635 -30.22 12.36 -24.61
C TYR A 635 -28.80 11.86 -24.83
N GLN A 636 -28.26 11.09 -23.89
CA GLN A 636 -26.93 10.52 -24.01
C GLN A 636 -27.05 9.01 -24.18
N GLY A 637 -26.46 8.49 -25.26
CA GLY A 637 -26.43 7.06 -25.48
C GLY A 637 -26.85 6.61 -26.87
N MET A 638 -27.39 7.54 -27.66
CA MET A 638 -27.85 7.23 -29.02
C MET A 638 -26.97 7.88 -30.09
N GLY A 639 -25.78 8.33 -29.73
CA GLY A 639 -24.85 8.84 -30.72
C GLY A 639 -25.06 10.26 -31.15
N TYR A 640 -25.71 11.09 -30.33
CA TYR A 640 -25.87 12.50 -30.67
C TYR A 640 -24.52 13.20 -30.75
N GLY A 641 -23.62 12.91 -29.81
CA GLY A 641 -22.29 13.49 -29.86
C GLY A 641 -21.48 13.03 -31.05
N SER A 642 -21.61 11.74 -31.40
CA SER A 642 -20.88 11.22 -32.56
C SER A 642 -21.34 11.89 -33.85
N ARG A 643 -22.66 12.09 -34.00
CA ARG A 643 -23.16 12.76 -35.20
C ARG A 643 -22.70 14.22 -35.24
N ALA A 644 -22.72 14.89 -34.09
CA ALA A 644 -22.24 16.27 -34.04
C ALA A 644 -20.75 16.35 -34.39
N LEU A 645 -19.95 15.42 -33.87
CA LEU A 645 -18.54 15.38 -34.20
C LEU A 645 -18.33 15.08 -35.68
N GLN A 646 -19.11 14.16 -36.23
CA GLN A 646 -18.99 13.82 -37.65
C GLN A 646 -19.35 15.02 -38.53
N LEU A 647 -20.43 15.72 -38.20
CA LEU A 647 -20.84 16.88 -38.99
C LEU A 647 -19.82 18.00 -38.90
N LEU A 648 -19.20 18.18 -37.72
CA LEU A 648 -18.16 19.19 -37.57
C LEU A 648 -16.94 18.85 -38.43
N GLN A 649 -16.63 17.55 -38.55
CA GLN A 649 -15.47 17.14 -39.33
C GLN A 649 -15.63 17.51 -40.79
N MET A 650 -16.80 17.21 -41.38
CA MET A 650 -16.99 17.51 -42.79
C MET A 650 -17.13 19.01 -43.03
N TYR A 651 -17.66 19.75 -42.06
CA TYR A 651 -17.72 21.20 -42.19
C TYR A 651 -16.33 21.81 -42.28
N TYR A 652 -15.40 21.33 -41.46
CA TYR A 652 -14.03 21.84 -41.52
C TYR A 652 -13.29 21.30 -42.73
N GLU A 653 -13.70 20.13 -43.25
CA GLU A 653 -13.05 19.56 -44.42
C GLU A 653 -13.42 20.30 -45.71
N GLY A 654 -14.56 20.99 -45.74
CA GLY A 654 -14.96 21.73 -46.91
C GLY A 654 -16.08 21.05 -47.69
N ARG A 655 -16.94 20.33 -46.99
CA ARG A 655 -18.07 19.65 -47.61
C ARG A 655 -19.35 20.49 -47.58
N PHE A 656 -19.28 21.73 -47.10
CA PHE A 656 -20.42 22.64 -47.04
C PHE A 656 -20.02 23.94 -47.72
N PRO A 657 -20.04 23.98 -49.05
CA PRO A 657 -19.66 25.21 -49.76
C PRO A 657 -20.62 26.34 -49.46
N CYS A 658 -20.09 27.56 -49.43
CA CYS A 658 -20.87 28.76 -49.16
C CYS A 658 -21.52 29.23 -50.46
N LEU A 659 -22.65 28.62 -50.79
CA LEU A 659 -23.39 28.96 -52.00
C LEU A 659 -24.06 30.32 -51.86
N LEU A 680 -22.28 60.87 -14.72
CA LEU A 680 -21.05 60.70 -15.50
C LEU A 680 -21.35 60.13 -16.87
N LEU A 681 -22.61 59.79 -17.12
CA LEU A 681 -23.05 59.25 -18.40
C LEU A 681 -24.00 60.21 -19.11
N GLU A 682 -25.10 60.59 -18.46
CA GLU A 682 -26.09 61.52 -19.02
C GLU A 682 -26.62 61.03 -20.36
N GLU A 683 -26.79 59.70 -20.49
CA GLU A 683 -27.29 59.11 -21.73
C GLU A 683 -27.87 57.75 -21.41
N VAL A 684 -28.66 57.24 -22.35
CA VAL A 684 -29.27 55.91 -22.25
C VAL A 684 -28.51 54.98 -23.17
N ILE A 685 -27.95 53.90 -22.61
CA ILE A 685 -27.12 53.00 -23.40
C ILE A 685 -27.99 52.16 -24.34
N THR A 686 -29.05 51.54 -23.81
CA THR A 686 -30.01 50.69 -24.51
C THR A 686 -29.34 49.44 -25.08
N PRO A 687 -30.07 48.33 -25.18
CA PRO A 687 -29.50 47.14 -25.82
C PRO A 687 -29.23 47.40 -27.30
N ARG A 688 -28.21 46.72 -27.81
CA ARG A 688 -27.80 46.86 -29.21
C ARG A 688 -28.45 45.77 -30.04
N LYS A 689 -29.10 46.16 -31.14
CA LYS A 689 -29.71 45.21 -32.08
C LYS A 689 -29.24 45.59 -33.49
N ASP A 690 -28.04 45.13 -33.85
CA ASP A 690 -27.51 45.25 -35.19
C ASP A 690 -26.72 44.01 -35.59
N LEU A 691 -27.10 42.86 -35.05
CA LEU A 691 -26.33 41.64 -35.16
C LEU A 691 -27.00 40.62 -36.07
N PRO A 692 -26.24 39.71 -36.66
CA PRO A 692 -26.84 38.64 -37.48
C PRO A 692 -27.67 37.70 -36.63
N PRO A 693 -28.43 36.79 -37.24
CA PRO A 693 -29.23 35.86 -36.45
C PRO A 693 -28.38 35.01 -35.54
N LEU A 694 -28.98 34.60 -34.42
CA LEU A 694 -28.23 33.89 -33.37
C LEU A 694 -27.66 32.58 -33.89
N LEU A 695 -28.44 31.83 -34.67
CA LEU A 695 -28.01 30.55 -35.21
C LEU A 695 -27.87 30.67 -36.72
N LEU A 696 -26.69 30.31 -37.23
CA LEU A 696 -26.38 30.39 -38.65
C LEU A 696 -26.17 28.99 -39.21
N LYS A 697 -26.74 28.74 -40.39
CA LYS A 697 -26.58 27.45 -41.04
C LYS A 697 -25.13 27.25 -41.48
N LEU A 698 -24.72 25.97 -41.53
CA LEU A 698 -23.35 25.66 -41.90
C LEU A 698 -23.04 26.00 -43.34
N ASN A 699 -24.05 26.16 -44.19
CA ASN A 699 -23.85 26.52 -45.58
C ASN A 699 -23.65 28.02 -45.80
N GLU A 700 -23.86 28.83 -44.76
CA GLU A 700 -23.70 30.28 -44.86
C GLU A 700 -22.47 30.79 -44.13
N ARG A 701 -21.59 29.89 -43.66
CA ARG A 701 -20.39 30.28 -42.94
C ARG A 701 -19.20 29.58 -43.57
N PRO A 702 -18.25 30.30 -44.17
CA PRO A 702 -17.08 29.65 -44.75
C PRO A 702 -16.23 28.98 -43.69
N ALA A 703 -15.60 27.88 -44.07
CA ALA A 703 -14.76 27.12 -43.17
C ALA A 703 -13.32 27.65 -43.17
N GLU A 704 -12.56 27.25 -42.16
CA GLU A 704 -11.18 27.66 -42.02
C GLU A 704 -10.20 26.71 -42.70
N ARG A 705 -10.67 25.58 -43.21
CA ARG A 705 -9.83 24.60 -43.91
C ARG A 705 -8.68 24.12 -43.01
N LEU A 706 -9.06 23.49 -41.91
CA LEU A 706 -8.07 22.96 -40.99
C LEU A 706 -7.44 21.69 -41.55
N ASP A 707 -6.26 21.36 -41.04
CA ASP A 707 -5.52 20.18 -41.47
C ASP A 707 -5.68 18.99 -40.54
N TYR A 708 -5.94 19.23 -39.25
CA TYR A 708 -6.10 18.15 -38.30
C TYR A 708 -7.04 18.60 -37.19
N LEU A 709 -7.58 17.62 -36.47
CA LEU A 709 -8.46 17.85 -35.34
C LEU A 709 -7.87 17.21 -34.09
N GLY A 710 -7.78 17.99 -33.01
CA GLY A 710 -7.21 17.49 -31.77
C GLY A 710 -8.10 17.68 -30.56
N VAL A 711 -7.81 16.99 -29.48
CA VAL A 711 -8.58 17.10 -28.25
C VAL A 711 -7.70 16.70 -27.07
N SER A 712 -7.74 17.51 -26.01
CA SER A 712 -7.03 17.22 -24.76
C SER A 712 -8.07 16.97 -23.68
N TYR A 713 -7.97 15.83 -23.00
CA TYR A 713 -8.97 15.42 -22.01
C TYR A 713 -8.30 14.48 -21.02
N GLY A 714 -9.08 14.02 -20.04
CA GLY A 714 -8.61 13.09 -19.04
C GLY A 714 -8.99 11.66 -19.42
N LEU A 715 -8.03 10.75 -19.26
CA LEU A 715 -8.21 9.38 -19.71
C LEU A 715 -9.37 8.71 -18.97
N THR A 716 -10.21 8.02 -19.72
CA THR A 716 -11.36 7.29 -19.20
C THR A 716 -11.72 6.18 -20.17
N PRO A 717 -11.93 4.94 -19.69
CA PRO A 717 -12.22 3.83 -20.63
C PRO A 717 -13.43 4.09 -21.51
N ARG A 718 -14.47 4.73 -20.98
CA ARG A 718 -15.63 5.05 -21.81
C ARG A 718 -15.32 6.21 -22.76
N LEU A 719 -14.62 7.23 -22.26
CA LEU A 719 -14.24 8.35 -23.12
C LEU A 719 -13.24 7.92 -24.18
N LEU A 720 -12.31 7.03 -23.82
CA LEU A 720 -11.32 6.56 -24.78
C LEU A 720 -11.98 5.83 -25.94
N LYS A 721 -12.98 5.00 -25.64
CA LYS A 721 -13.70 4.29 -26.70
C LYS A 721 -14.47 5.26 -27.59
N PHE A 722 -15.10 6.28 -26.99
CA PHE A 722 -15.87 7.23 -27.77
C PHE A 722 -14.97 8.04 -28.70
N TRP A 723 -13.85 8.54 -28.19
CA TRP A 723 -12.94 9.34 -29.00
C TRP A 723 -12.30 8.50 -30.10
N LYS A 724 -11.93 7.26 -29.79
CA LYS A 724 -11.32 6.39 -30.79
C LYS A 724 -12.31 6.03 -31.88
N ARG A 725 -13.59 5.84 -31.52
CA ARG A 725 -14.61 5.55 -32.52
C ARG A 725 -14.80 6.73 -33.47
N ALA A 726 -14.68 7.95 -32.96
CA ALA A 726 -14.78 9.13 -33.83
C ALA A 726 -13.65 9.16 -34.86
N GLY A 727 -12.52 8.56 -34.56
CA GLY A 727 -11.41 8.51 -35.50
C GLY A 727 -10.14 9.16 -34.99
N PHE A 728 -10.07 9.42 -33.69
CA PHE A 728 -8.92 10.04 -33.08
C PHE A 728 -7.86 9.00 -32.71
N VAL A 729 -6.60 9.42 -32.75
CA VAL A 729 -5.47 8.56 -32.48
C VAL A 729 -4.69 9.16 -31.33
N PRO A 730 -4.37 8.39 -30.28
CA PRO A 730 -3.59 8.94 -29.16
C PRO A 730 -2.22 9.40 -29.63
N VAL A 731 -1.78 10.54 -29.10
CA VAL A 731 -0.49 11.11 -29.48
C VAL A 731 0.34 11.37 -28.23
N TYR A 732 -0.33 11.62 -27.10
CA TYR A 732 0.36 11.98 -25.87
C TYR A 732 -0.44 11.49 -24.67
N LEU A 733 0.28 11.13 -23.61
CA LEU A 733 -0.33 10.71 -22.35
C LEU A 733 0.56 11.18 -21.21
N ARG A 734 0.00 11.99 -20.32
CA ARG A 734 0.78 12.53 -19.21
C ARG A 734 1.13 11.42 -18.22
N GLN A 735 2.41 11.35 -17.86
CA GLN A 735 2.87 10.27 -16.98
C GLN A 735 2.33 10.45 -15.56
N THR A 736 2.48 11.65 -15.00
CA THR A 736 2.03 11.86 -13.63
C THR A 736 0.50 12.00 -13.58
N PRO A 737 -0.14 11.52 -12.52
CA PRO A 737 -1.58 11.69 -12.40
C PRO A 737 -1.95 13.14 -12.10
N ASN A 738 -3.06 13.58 -12.68
CA ASN A 738 -3.55 14.92 -12.41
C ASN A 738 -4.19 14.96 -11.02
N ASP A 739 -4.16 16.13 -10.39
CA ASP A 739 -4.72 16.29 -9.07
C ASP A 739 -6.22 16.03 -9.10
N LEU A 740 -6.69 15.20 -8.17
CA LEU A 740 -8.09 14.81 -8.03
C LEU A 740 -8.57 13.97 -9.21
N THR A 741 -9.56 13.10 -8.95
CA THR A 741 -10.24 12.26 -9.93
C THR A 741 -9.34 11.15 -10.46
N GLY A 742 -8.06 11.16 -10.10
CA GLY A 742 -7.14 10.09 -10.44
C GLY A 742 -7.04 9.78 -11.92
N GLU A 743 -6.91 10.81 -12.75
CA GLU A 743 -6.89 10.64 -14.19
C GLU A 743 -5.65 11.29 -14.78
N HIS A 744 -5.21 10.77 -15.93
CA HIS A 744 -4.06 11.26 -16.65
C HIS A 744 -4.50 12.02 -17.90
N SER A 745 -3.86 13.14 -18.17
CA SER A 745 -4.20 13.94 -19.34
C SER A 745 -3.77 13.21 -20.61
N CYS A 746 -4.68 13.14 -21.58
CA CYS A 746 -4.43 12.47 -22.85
C CYS A 746 -4.71 13.43 -23.99
N ILE A 747 -3.85 13.41 -25.00
CA ILE A 747 -3.98 14.26 -26.18
C ILE A 747 -4.14 13.36 -27.39
N MET A 748 -5.21 13.58 -28.16
CA MET A 748 -5.50 12.81 -29.35
C MET A 748 -5.48 13.71 -30.57
N LEU A 749 -5.06 13.14 -31.70
CA LEU A 749 -4.99 13.86 -32.97
C LEU A 749 -5.64 13.03 -34.07
N LYS A 750 -6.23 13.72 -35.04
CA LYS A 750 -6.87 13.07 -36.17
C LYS A 750 -6.64 13.90 -37.42
N THR A 751 -6.11 13.26 -38.46
CA THR A 751 -5.86 13.93 -39.73
C THR A 751 -7.17 14.15 -40.46
N LEU A 752 -7.28 15.29 -41.14
CA LEU A 752 -8.48 15.66 -41.88
C LEU A 752 -8.26 15.36 -43.36
N THR A 753 -8.94 14.31 -43.85
CA THR A 753 -8.84 13.96 -45.26
C THR A 753 -9.53 15.03 -46.11
N ASP A 754 -8.91 15.34 -47.26
CA ASP A 754 -9.36 16.32 -48.24
C ASP A 754 -9.25 17.76 -47.74
N GLU A 755 -8.61 17.98 -46.59
CA GLU A 755 -8.42 19.32 -46.07
C GLU A 755 -7.03 19.58 -45.54
N ASP A 756 -6.14 18.58 -45.55
CA ASP A 756 -4.78 18.76 -45.04
C ASP A 756 -3.85 19.27 -46.13
N GLY A 761 -1.60 10.27 -41.63
CA GLY A 761 -1.26 11.13 -42.76
C GLY A 761 0.20 11.49 -42.82
N GLY A 762 1.06 10.47 -42.74
CA GLY A 762 2.49 10.68 -42.78
C GLY A 762 3.08 11.06 -41.44
N TRP A 763 2.85 12.30 -41.02
CA TRP A 763 3.34 12.74 -39.72
C TRP A 763 2.58 12.08 -38.57
N LEU A 764 1.27 11.85 -38.76
CA LEU A 764 0.48 11.20 -37.72
C LEU A 764 0.93 9.76 -37.51
N ALA A 765 1.26 9.05 -38.59
CA ALA A 765 1.75 7.69 -38.46
C ALA A 765 3.07 7.64 -37.69
N ALA A 766 3.98 8.57 -37.98
CA ALA A 766 5.24 8.62 -37.26
C ALA A 766 5.01 8.96 -35.79
N PHE A 767 4.11 9.91 -35.51
CA PHE A 767 3.80 10.26 -34.13
C PHE A 767 3.15 9.07 -33.39
N TRP A 768 2.25 8.36 -34.07
CA TRP A 768 1.61 7.20 -33.45
C TRP A 768 2.62 6.11 -33.13
N LYS A 769 3.56 5.84 -34.05
CA LYS A 769 4.56 4.84 -33.79
C LYS A 769 5.47 5.23 -32.64
N ASP A 770 5.87 6.50 -32.58
CA ASP A 770 6.73 6.97 -31.49
C ASP A 770 6.01 6.89 -30.15
N PHE A 771 4.73 7.26 -30.11
CA PHE A 771 3.97 7.18 -28.87
C PHE A 771 3.81 5.73 -28.41
N ARG A 772 3.56 4.83 -29.35
CA ARG A 772 3.40 3.41 -29.00
C ARG A 772 4.70 2.84 -28.43
N ARG A 773 5.84 3.19 -29.02
CA ARG A 773 7.12 2.73 -28.50
C ARG A 773 7.38 3.28 -27.11
N ARG A 774 7.09 4.56 -26.89
CA ARG A 774 7.28 5.15 -25.56
C ARG A 774 6.34 4.56 -24.53
N PHE A 775 5.10 4.27 -24.93
CA PHE A 775 4.12 3.73 -23.99
C PHE A 775 4.54 2.35 -23.49
N LEU A 776 5.18 1.56 -24.34
CA LEU A 776 5.62 0.24 -23.92
C LEU A 776 6.65 0.32 -22.80
N ALA A 777 7.61 1.25 -22.92
CA ALA A 777 8.61 1.42 -21.88
C ALA A 777 8.07 2.17 -20.66
N LEU A 778 7.07 3.04 -20.86
CA LEU A 778 6.52 3.82 -19.77
C LEU A 778 5.44 3.10 -19.00
N LEU A 779 5.10 1.88 -19.39
CA LEU A 779 4.05 1.11 -18.71
C LEU A 779 4.52 0.60 -17.36
N SER A 780 5.81 0.73 -17.08
CA SER A 780 6.40 0.21 -15.86
C SER A 780 6.68 1.27 -14.80
N TYR A 781 6.57 2.55 -15.15
CA TYR A 781 6.87 3.62 -14.19
C TYR A 781 5.61 4.10 -13.46
N GLN A 782 4.64 4.63 -14.22
CA GLN A 782 3.42 5.15 -13.64
C GLN A 782 2.16 4.54 -14.23
N PHE A 783 2.23 3.93 -15.41
CA PHE A 783 1.08 3.31 -16.04
C PHE A 783 0.88 1.87 -15.61
N SER A 784 1.69 1.36 -14.67
CA SER A 784 1.51 0.00 -14.18
C SER A 784 0.17 -0.16 -13.46
N THR A 785 -0.33 0.92 -12.85
CA THR A 785 -1.63 0.85 -12.17
C THR A 785 -2.79 0.79 -13.14
N PHE A 786 -2.56 1.02 -14.43
CA PHE A 786 -3.64 0.95 -15.41
C PHE A 786 -4.14 -0.48 -15.56
N SER A 787 -5.44 -0.59 -15.84
CA SER A 787 -6.02 -1.90 -16.10
C SER A 787 -5.46 -2.47 -17.40
N PRO A 788 -5.26 -3.79 -17.48
CA PRO A 788 -4.73 -4.37 -18.73
C PRO A 788 -5.62 -4.10 -19.93
N SER A 789 -6.94 -4.08 -19.74
CA SER A 789 -7.84 -3.78 -20.86
C SER A 789 -7.65 -2.35 -21.34
N LEU A 790 -7.50 -1.40 -20.41
CA LEU A 790 -7.33 0.00 -20.79
C LEU A 790 -6.03 0.21 -21.55
N ALA A 791 -4.93 -0.39 -21.06
CA ALA A 791 -3.65 -0.26 -21.73
C ALA A 791 -3.68 -0.94 -23.10
N LEU A 792 -4.34 -2.09 -23.21
CA LEU A 792 -4.44 -2.77 -24.49
C LEU A 792 -5.24 -1.95 -25.49
N ASN A 793 -6.30 -1.30 -25.03
CA ASN A 793 -7.11 -0.46 -25.92
C ASN A 793 -6.29 0.71 -26.45
N ILE A 794 -5.46 1.31 -25.61
CA ILE A 794 -4.61 2.41 -26.07
C ILE A 794 -3.57 1.90 -27.07
N ILE A 795 -3.06 0.70 -26.85
CA ILE A 795 -1.99 0.17 -27.70
C ILE A 795 -2.47 -0.05 -29.12
N GLN A 796 -3.66 -0.62 -29.29
CA GLN A 796 -4.17 -1.00 -30.60
C GLN A 796 -5.22 0.01 -31.06
N ASN A 797 -5.08 0.48 -32.30
CA ASN A 797 -6.02 1.41 -32.90
C ASN A 797 -6.38 0.94 -34.30
N ARG A 798 -7.62 1.20 -34.71
CA ARG A 798 -8.10 0.82 -36.03
C ARG A 798 -8.03 1.95 -37.05
N ASN A 799 -7.91 3.21 -36.60
CA ASN A 799 -7.81 4.33 -37.53
C ASN A 799 -6.50 4.33 -38.30
N MET A 800 -5.48 3.63 -37.81
CA MET A 800 -4.18 3.54 -38.46
C MET A 800 -3.90 2.09 -38.82
N GLY A 801 -3.47 1.86 -40.06
CA GLY A 801 -3.09 0.53 -40.47
C GLY A 801 -1.83 0.05 -39.79
N LYS A 802 -1.64 -1.27 -39.79
CA LYS A 802 -0.50 -1.87 -39.12
C LYS A 802 0.52 -2.31 -40.16
N PRO A 803 1.65 -1.62 -40.29
CA PRO A 803 2.71 -2.06 -41.21
C PRO A 803 3.69 -3.01 -40.53
N ALA A 804 3.17 -4.13 -40.04
CA ALA A 804 4.00 -5.08 -39.30
C ALA A 804 5.06 -5.69 -40.19
N GLN A 805 6.29 -5.71 -39.71
CA GLN A 805 7.38 -6.32 -40.45
C GLN A 805 7.21 -7.83 -40.46
N PRO A 806 7.35 -8.49 -41.61
CA PRO A 806 7.15 -9.95 -41.65
C PRO A 806 8.24 -10.71 -40.91
N ALA A 807 7.88 -11.29 -39.77
CA ALA A 807 8.79 -12.07 -38.93
C ALA A 807 10.00 -11.25 -38.48
N LEU A 808 10.97 -11.90 -37.87
CA LEU A 808 12.20 -11.25 -37.43
C LEU A 808 13.40 -12.08 -37.87
N SER A 809 14.51 -11.38 -38.12
CA SER A 809 15.72 -12.04 -38.57
C SER A 809 16.34 -12.85 -37.42
N ARG A 810 17.15 -13.85 -37.80
CA ARG A 810 17.80 -14.69 -36.79
C ARG A 810 18.83 -13.90 -36.00
N GLU A 811 19.44 -12.87 -36.60
CA GLU A 811 20.45 -12.10 -35.89
C GLU A 811 19.88 -11.41 -34.67
N GLU A 812 18.66 -10.86 -34.79
CA GLU A 812 18.03 -10.21 -33.65
C GLU A 812 17.73 -11.22 -32.53
N LEU A 813 17.31 -12.43 -32.90
CA LEU A 813 16.95 -13.43 -31.90
C LEU A 813 18.16 -13.84 -31.06
N GLU A 814 19.31 -14.05 -31.71
CA GLU A 814 20.51 -14.43 -30.96
C GLU A 814 21.07 -13.25 -30.17
N ALA A 815 20.95 -12.03 -30.70
CA ALA A 815 21.45 -10.87 -29.97
C ALA A 815 20.61 -10.56 -28.74
N LEU A 816 19.30 -10.76 -28.81
CA LEU A 816 18.42 -10.48 -27.68
C LEU A 816 18.33 -11.64 -26.71
N PHE A 817 18.32 -12.88 -27.21
CA PHE A 817 18.19 -14.06 -26.37
C PHE A 817 19.41 -14.95 -26.56
N LEU A 818 20.02 -15.36 -25.44
CA LEU A 818 21.14 -16.27 -25.48
C LEU A 818 20.68 -17.67 -25.88
N PRO A 819 21.57 -18.48 -26.45
CA PRO A 819 21.17 -19.86 -26.81
C PRO A 819 20.70 -20.68 -25.62
N TYR A 820 21.30 -20.46 -24.44
CA TYR A 820 20.82 -21.15 -23.25
C TYR A 820 19.45 -20.63 -22.82
N ASP A 821 19.18 -19.34 -23.01
CA ASP A 821 17.87 -18.79 -22.69
C ASP A 821 16.79 -19.40 -23.56
N LEU A 822 17.08 -19.59 -24.86
CA LEU A 822 16.12 -20.25 -25.74
C LEU A 822 15.91 -21.70 -25.33
N LYS A 823 16.97 -22.39 -24.89
CA LYS A 823 16.83 -23.75 -24.43
C LYS A 823 15.94 -23.82 -23.18
N ARG A 824 16.10 -22.86 -22.27
CA ARG A 824 15.25 -22.82 -21.09
C ARG A 824 13.79 -22.58 -21.47
N LEU A 825 13.54 -21.68 -22.43
CA LEU A 825 12.17 -21.43 -22.88
C LEU A 825 11.59 -22.67 -23.54
N GLU A 826 12.38 -23.36 -24.37
CA GLU A 826 11.91 -24.59 -25.00
C GLU A 826 11.62 -25.67 -23.95
N MET A 827 12.49 -25.77 -22.93
CA MET A 827 12.28 -26.77 -21.88
C MET A 827 11.00 -26.49 -21.12
N TYR A 828 10.72 -25.22 -20.83
CA TYR A 828 9.48 -24.87 -20.13
C TYR A 828 8.26 -25.23 -20.95
N SER A 829 8.30 -24.95 -22.27
CA SER A 829 7.15 -25.24 -23.11
C SER A 829 6.87 -26.73 -23.22
N ARG A 830 7.92 -27.56 -23.16
CA ARG A 830 7.72 -29.00 -23.26
C ARG A 830 7.26 -29.62 -21.95
N ASN A 831 7.60 -29.01 -20.80
CA ASN A 831 7.34 -29.60 -19.51
C ASN A 831 6.24 -28.92 -18.71
N MET A 832 5.98 -27.64 -18.95
CA MET A 832 5.04 -26.87 -18.14
C MET A 832 5.40 -26.93 -16.66
N VAL A 833 6.68 -26.74 -16.35
CA VAL A 833 7.17 -26.82 -14.98
C VAL A 833 6.87 -25.49 -14.29
N ASP A 834 7.89 -24.79 -13.79
CA ASP A 834 7.70 -23.55 -13.05
C ASP A 834 7.96 -22.37 -13.98
N TYR A 835 7.03 -21.39 -13.96
CA TYR A 835 7.17 -20.23 -14.82
C TYR A 835 8.19 -19.22 -14.27
N HIS A 836 8.62 -19.37 -13.02
CA HIS A 836 9.60 -18.46 -12.46
C HIS A 836 10.96 -18.60 -13.12
N LEU A 837 11.23 -19.74 -13.78
CA LEU A 837 12.52 -19.93 -14.42
C LEU A 837 12.68 -19.03 -15.64
N ILE A 838 11.59 -18.68 -16.30
CA ILE A 838 11.63 -17.88 -17.52
C ILE A 838 11.02 -16.50 -17.31
N MET A 839 10.86 -16.05 -16.06
CA MET A 839 10.29 -14.73 -15.81
C MET A 839 11.20 -13.61 -16.29
N ASP A 840 12.49 -13.88 -16.48
CA ASP A 840 13.40 -12.88 -17.00
C ASP A 840 13.25 -12.66 -18.50
N MET A 841 12.61 -13.59 -19.21
CA MET A 841 12.39 -13.48 -20.64
C MET A 841 11.04 -12.88 -21.00
N ILE A 842 10.08 -12.89 -20.08
CA ILE A 842 8.75 -12.40 -20.40
C ILE A 842 8.74 -10.92 -20.78
N PRO A 843 9.41 -10.01 -20.04
CA PRO A 843 9.40 -8.60 -20.47
C PRO A 843 9.98 -8.39 -21.86
N ALA A 844 11.00 -9.16 -22.24
CA ALA A 844 11.59 -9.01 -23.57
C ALA A 844 10.67 -9.59 -24.64
N ILE A 845 10.02 -10.71 -24.34
CA ILE A 845 9.09 -11.31 -25.29
C ILE A 845 7.89 -10.40 -25.51
N SER A 846 7.36 -9.83 -24.42
CA SER A 846 6.23 -8.91 -24.55
C SER A 846 6.62 -7.65 -25.30
N ARG A 847 7.84 -7.16 -25.08
CA ARG A 847 8.28 -5.95 -25.76
C ARG A 847 8.35 -6.15 -27.28
N ILE A 848 8.88 -7.29 -27.72
CA ILE A 848 9.00 -7.56 -29.15
C ILE A 848 7.69 -8.01 -29.78
N TYR A 849 6.74 -8.50 -28.98
CA TYR A 849 5.44 -8.89 -29.53
C TYR A 849 4.60 -7.67 -29.88
N PHE A 850 4.62 -6.64 -29.03
CA PHE A 850 3.85 -5.43 -29.27
C PHE A 850 4.54 -4.45 -30.21
N LEU A 851 5.76 -4.77 -30.66
CA LEU A 851 6.49 -3.95 -31.61
C LEU A 851 6.29 -4.42 -33.05
N ASN A 852 5.33 -5.32 -33.28
CA ASN A 852 5.06 -5.87 -34.61
C ASN A 852 6.29 -6.57 -35.19
N GLN A 853 7.03 -7.27 -34.33
CA GLN A 853 8.18 -8.05 -34.75
C GLN A 853 7.99 -9.55 -34.53
N LEU A 854 6.89 -9.96 -33.88
CA LEU A 854 6.62 -11.36 -33.60
C LEU A 854 5.53 -11.92 -34.51
N GLY A 855 5.24 -11.25 -35.63
CA GLY A 855 4.18 -11.72 -36.51
C GLY A 855 2.81 -11.46 -35.92
N ASP A 856 1.94 -12.46 -36.04
CA ASP A 856 0.58 -12.37 -35.51
C ASP A 856 0.38 -13.25 -34.29
N LEU A 857 0.77 -14.52 -34.35
CA LEU A 857 0.70 -15.51 -33.29
C LEU A 857 -0.72 -15.90 -32.91
N ALA A 858 -1.74 -15.29 -33.51
CA ALA A 858 -3.14 -15.62 -33.25
C ALA A 858 -3.48 -15.53 -31.77
N LEU A 859 -2.94 -14.49 -31.12
CA LEU A 859 -3.20 -14.29 -29.70
C LEU A 859 -4.57 -13.66 -29.48
N SER A 860 -5.31 -14.19 -28.51
CA SER A 860 -6.63 -13.69 -28.21
C SER A 860 -6.54 -12.43 -27.33
N ALA A 861 -7.70 -11.82 -27.08
CA ALA A 861 -7.74 -10.62 -26.26
C ALA A 861 -7.30 -10.92 -24.83
N ALA A 862 -7.77 -12.04 -24.27
CA ALA A 862 -7.37 -12.42 -22.92
C ALA A 862 -5.88 -12.74 -22.87
N GLN A 863 -5.38 -13.46 -23.87
CA GLN A 863 -3.95 -13.79 -23.90
C GLN A 863 -3.09 -12.54 -24.06
N SER A 864 -3.53 -11.61 -24.91
CA SER A 864 -2.79 -10.36 -25.09
C SER A 864 -2.77 -9.54 -23.82
N ALA A 865 -3.90 -9.48 -23.12
CA ALA A 865 -3.94 -8.75 -21.85
C ALA A 865 -3.04 -9.39 -20.81
N LEU A 866 -3.03 -10.72 -20.75
CA LEU A 866 -2.15 -11.42 -19.81
C LEU A 866 -0.68 -11.15 -20.11
N LEU A 867 -0.30 -11.17 -21.39
CA LEU A 867 1.08 -10.89 -21.77
C LEU A 867 1.47 -9.46 -21.43
N LEU A 868 0.57 -8.51 -21.67
CA LEU A 868 0.87 -7.11 -21.38
C LEU A 868 1.05 -6.88 -19.88
N GLY A 869 0.15 -7.44 -19.07
CA GLY A 869 0.25 -7.22 -17.63
C GLY A 869 1.48 -7.85 -17.00
N ILE A 870 1.78 -9.09 -17.37
CA ILE A 870 2.92 -9.79 -16.78
C ILE A 870 4.23 -9.19 -17.27
N GLY A 871 4.33 -8.93 -18.57
CA GLY A 871 5.58 -8.46 -19.14
C GLY A 871 5.83 -6.97 -18.98
N LEU A 872 4.96 -6.14 -19.57
CA LEU A 872 5.19 -4.70 -19.56
C LEU A 872 4.92 -4.09 -18.20
N GLN A 873 3.84 -4.51 -17.53
CA GLN A 873 3.47 -3.95 -16.24
C GLN A 873 4.11 -4.67 -15.06
N HIS A 874 4.80 -5.79 -15.30
CA HIS A 874 5.46 -6.56 -14.24
C HIS A 874 4.49 -6.92 -13.12
N LYS A 875 3.27 -7.32 -13.52
CA LYS A 875 2.24 -7.68 -12.56
C LYS A 875 2.31 -9.18 -12.25
N SER A 876 2.14 -9.51 -10.97
CA SER A 876 2.11 -10.91 -10.57
C SER A 876 0.82 -11.58 -11.01
N VAL A 877 0.85 -12.90 -11.03
CA VAL A 877 -0.33 -13.67 -11.44
C VAL A 877 -1.49 -13.45 -10.47
N ASP A 878 -1.18 -13.43 -9.17
CA ASP A 878 -2.22 -13.20 -8.17
C ASP A 878 -2.86 -11.82 -8.32
N GLN A 879 -2.03 -10.80 -8.63
CA GLN A 879 -2.57 -9.46 -8.82
C GLN A 879 -3.47 -9.38 -10.05
N LEU A 880 -3.21 -10.21 -11.06
CA LEU A 880 -4.01 -10.20 -12.28
C LEU A 880 -5.27 -11.05 -12.16
N GLU A 881 -5.48 -11.73 -11.03
CA GLU A 881 -6.68 -12.53 -10.86
C GLU A 881 -7.94 -11.67 -10.84
N LYS A 882 -7.87 -10.51 -10.19
CA LYS A 882 -9.01 -9.62 -10.06
C LYS A 882 -9.11 -8.60 -11.18
N GLU A 883 -8.19 -8.63 -12.15
CA GLU A 883 -8.21 -7.70 -13.28
C GLU A 883 -8.74 -8.33 -14.55
N ILE A 884 -8.45 -9.62 -14.77
CA ILE A 884 -8.93 -10.33 -15.95
C ILE A 884 -10.21 -11.12 -15.66
N GLU A 885 -10.56 -11.33 -14.40
CA GLU A 885 -11.73 -12.11 -13.99
C GLU A 885 -11.66 -13.53 -14.56
N LEU A 886 -10.48 -14.14 -14.43
CA LEU A 886 -10.22 -15.49 -14.88
C LEU A 886 -9.46 -16.20 -13.77
N PRO A 887 -9.82 -17.45 -13.46
CA PRO A 887 -9.09 -18.18 -12.40
C PRO A 887 -7.65 -18.45 -12.79
N SER A 888 -6.81 -18.62 -11.77
CA SER A 888 -5.38 -18.83 -11.99
C SER A 888 -5.13 -20.10 -12.79
N GLY A 889 -6.01 -21.10 -12.68
CA GLY A 889 -5.85 -22.30 -13.47
C GLY A 889 -5.95 -22.03 -14.96
N GLN A 890 -6.92 -21.20 -15.36
CA GLN A 890 -7.04 -20.82 -16.76
C GLN A 890 -5.95 -19.86 -17.18
N LEU A 891 -5.50 -18.99 -16.26
CA LEU A 891 -4.40 -18.09 -16.57
C LEU A 891 -3.13 -18.85 -16.87
N MET A 892 -2.88 -19.93 -16.13
CA MET A 892 -1.71 -20.77 -16.42
C MET A 892 -1.80 -21.37 -17.81
N GLY A 893 -2.99 -21.84 -18.21
CA GLY A 893 -3.14 -22.42 -19.53
C GLY A 893 -2.93 -21.41 -20.64
N LEU A 894 -3.48 -20.20 -20.48
CA LEU A 894 -3.26 -19.15 -21.47
C LEU A 894 -1.79 -18.75 -21.53
N PHE A 895 -1.14 -18.61 -20.37
CA PHE A 895 0.26 -18.25 -20.35
C PHE A 895 1.12 -19.36 -20.96
N ASN A 896 0.79 -20.61 -20.67
CA ASN A 896 1.53 -21.73 -21.26
C ASN A 896 1.34 -21.79 -22.77
N ARG A 897 0.12 -21.52 -23.24
CA ARG A 897 -0.14 -21.54 -24.68
C ARG A 897 0.66 -20.46 -25.41
N ILE A 898 0.79 -19.28 -24.80
CA ILE A 898 1.62 -18.23 -25.39
C ILE A 898 3.07 -18.68 -25.48
N ILE A 899 3.54 -19.39 -24.46
CA ILE A 899 4.93 -19.85 -24.46
C ILE A 899 5.18 -20.83 -25.61
N ARG A 900 4.26 -21.75 -25.84
CA ARG A 900 4.40 -22.68 -26.94
C ARG A 900 4.41 -21.96 -28.29
N LYS A 901 3.52 -20.97 -28.45
CA LYS A 901 3.47 -20.23 -29.70
C LYS A 901 4.77 -19.45 -29.93
N VAL A 902 5.29 -18.81 -28.88
CA VAL A 902 6.56 -18.10 -28.99
C VAL A 902 7.69 -19.08 -29.27
N VAL A 903 7.71 -20.21 -28.57
CA VAL A 903 8.76 -21.22 -28.78
C VAL A 903 8.68 -21.78 -30.19
N LYS A 904 7.46 -22.11 -30.65
CA LYS A 904 7.29 -22.65 -31.99
C LYS A 904 7.72 -21.64 -33.06
N LEU A 905 7.33 -20.38 -32.88
CA LEU A 905 7.72 -19.35 -33.85
C LEU A 905 9.23 -19.16 -33.88
N PHE A 906 9.86 -19.17 -32.70
CA PHE A 906 11.32 -19.03 -32.64
C PHE A 906 12.00 -20.20 -33.34
N ASN A 907 11.39 -21.39 -33.29
CA ASN A 907 11.97 -22.55 -33.96
C ASN A 907 12.02 -22.35 -35.46
N GLU A 908 10.95 -21.83 -36.06
CA GLU A 908 10.94 -21.57 -37.49
C GLU A 908 11.91 -20.45 -37.86
N VAL A 909 12.16 -19.51 -36.94
CA VAL A 909 13.09 -18.42 -37.20
C VAL A 909 14.49 -18.96 -37.42
N GLN A 910 14.93 -19.88 -36.56
CA GLN A 910 16.26 -20.47 -36.65
C GLN A 910 16.29 -21.67 -37.59
N GLU A 911 15.73 -21.50 -38.80
CA GLU A 911 15.78 -22.51 -39.87
C GLU A 911 15.29 -23.87 -39.39
N LYS A 912 14.17 -23.86 -38.66
CA LYS A 912 13.56 -25.08 -38.12
C LYS A 912 14.55 -25.86 -37.27
N ASN B 8 8.76 -54.87 42.27
CA ASN B 8 7.68 -54.21 42.99
C ASN B 8 7.83 -52.69 42.95
N ARG B 9 8.95 -52.23 42.40
CA ARG B 9 9.25 -50.80 42.37
C ARG B 9 8.29 -50.01 41.48
N ILE B 10 7.49 -50.68 40.66
CA ILE B 10 6.54 -49.97 39.80
C ILE B 10 5.53 -49.22 40.65
N ARG B 11 5.04 -49.86 41.71
CA ARG B 11 4.03 -49.22 42.57
C ARG B 11 4.59 -47.99 43.28
N ILE B 12 5.80 -48.10 43.82
CA ILE B 12 6.39 -46.97 44.54
C ILE B 12 6.60 -45.79 43.60
N LEU B 13 7.07 -46.06 42.38
CA LEU B 13 7.25 -44.98 41.42
C LEU B 13 5.93 -44.30 41.08
N ILE B 14 4.86 -45.09 40.95
CA ILE B 14 3.54 -44.52 40.65
C ILE B 14 3.06 -43.65 41.82
N GLU B 15 3.20 -44.16 43.05
CA GLU B 15 2.76 -43.39 44.21
C GLU B 15 3.58 -42.12 44.38
N ASN B 16 4.90 -42.22 44.18
CA ASN B 16 5.75 -41.03 44.30
C ASN B 16 5.40 -39.99 43.24
N GLY B 17 5.12 -40.42 42.02
CA GLY B 17 4.76 -39.48 40.97
C GLY B 17 3.43 -38.79 41.23
N VAL B 18 2.45 -39.55 41.73
CA VAL B 18 1.13 -38.97 41.98
C VAL B 18 1.09 -38.14 43.26
N ALA B 19 2.03 -38.34 44.17
CA ALA B 19 2.10 -37.57 45.41
C ALA B 19 3.02 -36.37 45.31
N GLU B 20 3.70 -36.18 44.18
CA GLU B 20 4.61 -35.06 44.00
C GLU B 20 4.31 -34.25 42.73
N ARG B 21 3.23 -34.59 42.01
CA ARG B 21 2.87 -33.91 40.77
C ARG B 21 4.01 -33.97 39.75
N GLN B 22 4.70 -35.10 39.70
CA GLN B 22 5.81 -35.32 38.80
C GLN B 22 5.48 -36.46 37.86
N ARG B 23 5.70 -36.24 36.56
CA ARG B 23 5.39 -37.26 35.57
C ARG B 23 6.38 -38.42 35.66
N SER B 24 5.95 -39.57 35.16
CA SER B 24 6.77 -40.78 35.10
C SER B 24 7.00 -41.17 33.65
N LEU B 25 8.05 -41.96 33.43
CA LEU B 25 8.42 -42.43 32.11
C LEU B 25 8.65 -43.93 32.17
N PHE B 26 7.84 -44.69 31.43
CA PHE B 26 7.96 -46.14 31.35
C PHE B 26 8.21 -46.54 29.91
N VAL B 27 9.24 -47.35 29.69
CA VAL B 27 9.56 -47.89 28.38
C VAL B 27 9.26 -49.39 28.44
N VAL B 28 8.33 -49.85 27.62
CA VAL B 28 7.86 -51.22 27.63
C VAL B 28 8.31 -51.90 26.35
N VAL B 29 8.98 -53.05 26.48
CA VAL B 29 9.45 -53.83 25.36
C VAL B 29 8.62 -55.10 25.28
N GLY B 30 7.88 -55.27 24.18
CA GLY B 30 7.04 -56.44 24.01
C GLY B 30 6.17 -56.37 22.78
N ASP B 31 5.87 -57.53 22.18
CA ASP B 31 5.04 -57.57 20.99
C ASP B 31 3.58 -57.32 21.30
N ARG B 32 3.09 -57.84 22.43
CA ARG B 32 1.68 -57.69 22.77
C ARG B 32 1.31 -56.22 22.97
N GLY B 33 1.92 -55.58 23.97
CA GLY B 33 1.62 -54.19 24.24
C GLY B 33 0.21 -53.93 24.71
N LYS B 34 -0.47 -54.95 25.23
CA LYS B 34 -1.84 -54.82 25.70
C LYS B 34 -2.07 -55.25 27.13
N ASP B 35 -1.20 -56.10 27.69
CA ASP B 35 -1.34 -56.56 29.07
C ASP B 35 -0.63 -55.65 30.06
N GLN B 36 0.03 -54.60 29.60
CA GLN B 36 0.75 -53.66 30.46
C GLN B 36 0.10 -52.29 30.52
N VAL B 37 -0.49 -51.81 29.43
CA VAL B 37 -1.13 -50.50 29.44
C VAL B 37 -2.35 -50.50 30.37
N VAL B 38 -3.16 -51.57 30.31
CA VAL B 38 -4.34 -51.64 31.17
C VAL B 38 -3.94 -51.78 32.63
N ILE B 39 -2.88 -52.54 32.91
CA ILE B 39 -2.41 -52.68 34.29
C ILE B 39 -1.91 -51.35 34.82
N LEU B 40 -1.13 -50.62 34.02
CA LEU B 40 -0.66 -49.31 34.44
C LEU B 40 -1.82 -48.32 34.57
N HIS B 41 -2.79 -48.39 33.66
CA HIS B 41 -3.96 -47.51 33.75
C HIS B 41 -4.75 -47.77 35.02
N HIS B 42 -4.93 -49.05 35.37
CA HIS B 42 -5.63 -49.37 36.61
C HIS B 42 -4.85 -48.89 37.83
N MET B 43 -3.52 -49.04 37.81
CA MET B 43 -2.70 -48.56 38.91
C MET B 43 -2.79 -47.04 39.04
N LEU B 44 -2.75 -46.33 37.91
CA LEU B 44 -2.84 -44.87 37.95
C LEU B 44 -4.20 -44.42 38.47
N SER B 45 -5.27 -45.09 38.05
CA SER B 45 -6.61 -44.73 38.53
C SER B 45 -6.73 -44.92 40.03
N LYS B 46 -6.19 -46.02 40.56
CA LYS B 46 -6.21 -46.25 41.99
C LYS B 46 -5.36 -45.21 42.72
N ALA B 47 -4.20 -44.84 42.16
CA ALA B 47 -3.30 -43.90 42.80
C ALA B 47 -3.78 -42.46 42.72
N THR B 48 -4.66 -42.13 41.77
CA THR B 48 -5.14 -40.76 41.60
C THR B 48 -6.55 -40.62 42.14
N VAL B 49 -6.92 -39.38 42.42
CA VAL B 49 -8.26 -39.10 42.97
C VAL B 49 -9.32 -39.32 41.90
N LYS B 50 -9.04 -38.94 40.66
CA LYS B 50 -10.02 -39.04 39.58
C LYS B 50 -10.14 -40.50 39.12
N ALA B 51 -10.94 -40.70 38.08
CA ALA B 51 -11.18 -42.03 37.52
C ALA B 51 -10.61 -42.18 36.11
N ARG B 52 -10.97 -41.28 35.20
CA ARG B 52 -10.48 -41.36 33.82
C ARG B 52 -9.47 -40.26 33.57
N PRO B 53 -8.17 -40.56 33.46
CA PRO B 53 -7.18 -39.52 33.21
C PRO B 53 -7.16 -39.00 31.77
N SER B 54 -8.04 -39.51 30.90
CA SER B 54 -8.10 -39.11 29.49
C SER B 54 -6.75 -39.34 28.80
N VAL B 55 -6.38 -40.62 28.71
CA VAL B 55 -5.09 -40.98 28.15
C VAL B 55 -5.07 -40.68 26.65
N LEU B 56 -3.86 -40.59 26.10
CA LEU B 56 -3.64 -40.28 24.69
C LEU B 56 -2.83 -41.39 24.04
N TRP B 57 -3.29 -41.83 22.87
CA TRP B 57 -2.61 -42.86 22.09
C TRP B 57 -2.33 -42.32 20.69
N CYS B 58 -1.10 -42.50 20.23
CA CYS B 58 -0.66 -41.95 18.95
C CYS B 58 -0.08 -43.04 18.08
N TYR B 59 -0.36 -42.97 16.78
CA TYR B 59 0.19 -43.88 15.78
C TYR B 59 0.80 -43.08 14.64
N LYS B 60 1.50 -43.79 13.76
CA LYS B 60 2.09 -43.15 12.58
C LYS B 60 1.09 -43.08 11.43
N LYS B 61 0.60 -44.24 10.99
CA LYS B 61 -0.42 -44.29 9.94
C LYS B 61 -1.54 -45.27 10.21
N GLU B 62 -1.40 -46.20 11.15
CA GLU B 62 -2.44 -47.18 11.43
C GLU B 62 -2.19 -47.75 12.83
N LEU B 63 -3.22 -48.41 13.36
CA LEU B 63 -3.12 -49.01 14.69
C LEU B 63 -2.20 -50.23 14.67
N THR B 100 -13.10 -43.76 30.73
CA THR B 100 -12.12 -44.12 29.72
C THR B 100 -12.32 -43.32 28.45
N ASN B 101 -11.90 -42.05 28.48
CA ASN B 101 -12.02 -41.15 27.34
C ASN B 101 -10.67 -41.09 26.63
N ILE B 102 -10.48 -42.03 25.71
CA ILE B 102 -9.24 -42.13 24.94
C ILE B 102 -9.52 -41.58 23.53
N ARG B 103 -8.72 -40.61 23.12
CA ARG B 103 -8.78 -40.05 21.77
C ARG B 103 -7.56 -40.53 20.99
N TYR B 104 -7.79 -40.92 19.74
CA TYR B 104 -6.76 -41.54 18.91
C TYR B 104 -6.20 -40.48 17.97
N CYS B 105 -4.90 -40.20 18.11
CA CYS B 105 -4.23 -39.16 17.34
C CYS B 105 -3.18 -39.78 16.41
N TYR B 106 -2.79 -39.00 15.41
CA TYR B 106 -1.79 -39.39 14.43
C TYR B 106 -0.57 -38.50 14.57
N TYR B 107 0.60 -39.06 14.23
CA TYR B 107 1.85 -38.31 14.35
C TYR B 107 1.90 -37.11 13.42
N ASN B 108 1.42 -37.26 12.18
CA ASN B 108 1.46 -36.16 11.23
C ASN B 108 0.59 -34.99 11.69
N GLU B 109 -0.61 -35.29 12.20
CA GLU B 109 -1.53 -34.27 12.71
C GLU B 109 -1.27 -34.11 14.19
N THR B 110 -0.24 -33.32 14.52
CA THR B 110 0.19 -33.11 15.89
C THR B 110 0.01 -31.69 16.38
N HIS B 111 0.15 -30.69 15.50
CA HIS B 111 0.02 -29.30 15.92
C HIS B 111 -1.35 -29.00 16.51
N LYS B 112 -2.36 -29.81 16.18
CA LYS B 112 -3.69 -29.60 16.73
C LYS B 112 -3.78 -29.99 18.20
N ILE B 113 -2.81 -30.77 18.70
CA ILE B 113 -2.84 -31.27 20.07
C ILE B 113 -1.95 -30.46 21.01
N LEU B 114 -1.34 -29.38 20.51
CA LEU B 114 -0.40 -28.61 21.32
C LEU B 114 -1.09 -27.97 22.53
N GLY B 115 -2.38 -27.65 22.41
CA GLY B 115 -3.09 -26.97 23.47
C GLY B 115 -3.86 -27.85 24.43
N ASN B 116 -3.79 -29.17 24.28
CA ASN B 116 -4.54 -30.07 25.14
C ASN B 116 -3.67 -30.60 26.27
N THR B 117 -4.34 -31.15 27.29
CA THR B 117 -3.68 -31.72 28.45
C THR B 117 -4.25 -33.10 28.73
N PHE B 118 -3.38 -34.08 28.95
CA PHE B 118 -3.79 -35.45 29.20
C PHE B 118 -3.12 -35.96 30.46
N GLY B 119 -3.68 -37.04 31.01
CA GLY B 119 -3.09 -37.68 32.18
C GLY B 119 -1.86 -38.51 31.89
N MET B 120 -1.78 -39.09 30.69
CA MET B 120 -0.60 -39.85 30.29
C MET B 120 -0.56 -39.92 28.77
N CYS B 121 0.60 -40.30 28.25
CA CYS B 121 0.82 -40.39 26.81
C CYS B 121 1.29 -41.80 26.47
N VAL B 122 0.77 -42.33 25.36
CA VAL B 122 1.16 -43.63 24.84
C VAL B 122 1.71 -43.43 23.44
N LEU B 123 2.93 -43.90 23.21
CA LEU B 123 3.59 -43.76 21.91
C LEU B 123 3.89 -45.15 21.34
N GLN B 124 3.46 -45.37 20.11
CA GLN B 124 3.67 -46.64 19.42
C GLN B 124 4.34 -46.36 18.08
N ASP B 125 4.80 -47.43 17.43
CA ASP B 125 5.50 -47.36 16.14
C ASP B 125 6.74 -46.45 16.26
N PHE B 126 7.69 -46.94 17.07
CA PHE B 126 8.87 -46.14 17.42
C PHE B 126 9.66 -45.68 16.20
N GLU B 127 9.62 -46.44 15.10
CA GLU B 127 10.36 -46.02 13.91
C GLU B 127 9.55 -45.01 13.10
N ALA B 128 8.99 -44.01 13.79
CA ALA B 128 8.33 -42.90 13.14
C ALA B 128 8.62 -41.56 13.81
N LEU B 129 9.16 -41.53 15.01
CA LEU B 129 9.29 -40.31 15.79
C LEU B 129 10.43 -39.43 15.28
N THR B 130 10.34 -38.15 15.59
CA THR B 130 11.34 -37.15 15.29
C THR B 130 11.63 -36.35 16.55
N PRO B 131 12.80 -35.73 16.66
CA PRO B 131 13.11 -34.94 17.86
C PRO B 131 12.08 -33.85 18.15
N ASN B 132 11.55 -33.21 17.12
CA ASN B 132 10.49 -32.22 17.33
C ASN B 132 9.23 -32.87 17.85
N LEU B 133 8.89 -34.06 17.34
CA LEU B 133 7.67 -34.74 17.75
C LEU B 133 7.75 -35.18 19.21
N LEU B 134 8.92 -35.65 19.65
CA LEU B 134 9.06 -36.15 21.01
C LEU B 134 8.88 -35.04 22.04
N ALA B 135 9.16 -33.80 21.67
CA ALA B 135 9.01 -32.67 22.57
C ALA B 135 7.60 -32.09 22.57
N ARG B 136 6.71 -32.61 21.73
CA ARG B 136 5.36 -32.08 21.61
C ARG B 136 4.30 -32.95 22.28
N THR B 137 4.57 -34.25 22.44
CA THR B 137 3.60 -35.16 23.06
C THR B 137 3.82 -35.33 24.55
N VAL B 138 5.07 -35.23 25.02
CA VAL B 138 5.33 -35.39 26.45
C VAL B 138 5.01 -34.10 27.21
N GLU B 139 5.08 -32.95 26.54
CA GLU B 139 4.78 -31.68 27.19
C GLU B 139 3.30 -31.51 27.48
N THR B 140 2.43 -32.36 26.95
CA THR B 140 0.99 -32.28 27.16
C THR B 140 0.50 -33.32 28.16
N VAL B 141 1.30 -33.61 29.18
CA VAL B 141 0.95 -34.58 30.21
C VAL B 141 0.89 -33.86 31.55
N GLU B 142 -0.20 -34.08 32.29
CA GLU B 142 -0.38 -33.45 33.58
C GLU B 142 0.56 -34.06 34.61
N GLY B 143 0.51 -33.53 35.83
CA GLY B 143 1.34 -34.06 36.91
C GLY B 143 0.98 -35.49 37.23
N GLY B 144 1.99 -36.26 37.64
CA GLY B 144 1.80 -37.68 37.89
C GLY B 144 1.48 -38.47 36.64
N GLY B 145 2.16 -38.16 35.53
CA GLY B 145 1.88 -38.82 34.27
C GLY B 145 2.40 -40.24 34.21
N LEU B 146 2.00 -40.94 33.16
CA LEU B 146 2.35 -42.33 32.91
C LEU B 146 2.76 -42.52 31.46
N VAL B 147 3.67 -41.66 30.98
CA VAL B 147 4.12 -41.72 29.59
C VAL B 147 4.73 -43.09 29.32
N VAL B 148 4.19 -43.78 28.33
CA VAL B 148 4.58 -45.15 27.99
C VAL B 148 5.00 -45.19 26.53
N ILE B 149 6.18 -45.73 26.26
CA ILE B 149 6.71 -45.87 24.90
C ILE B 149 6.94 -47.35 24.63
N LEU B 150 6.37 -47.84 23.53
CA LEU B 150 6.51 -49.24 23.12
C LEU B 150 7.34 -49.28 21.83
N LEU B 151 8.58 -49.75 21.93
CA LEU B 151 9.47 -49.76 20.78
C LEU B 151 9.21 -50.99 19.90
N ARG B 152 9.49 -52.17 20.42
CA ARG B 152 9.31 -53.44 19.70
C ARG B 152 9.53 -54.56 20.71
N THR B 153 9.62 -55.80 20.21
CA THR B 153 9.75 -57.00 21.04
C THR B 153 11.16 -57.55 21.02
N MET B 154 12.19 -56.70 21.05
CA MET B 154 13.56 -57.19 21.01
C MET B 154 13.89 -58.01 22.24
N ASN B 155 14.99 -58.76 22.15
CA ASN B 155 15.54 -59.51 23.27
C ASN B 155 16.99 -59.15 23.54
N SER B 156 17.51 -58.10 22.93
CA SER B 156 18.90 -57.68 23.07
C SER B 156 18.98 -56.20 22.71
N LEU B 157 20.19 -55.72 22.44
CA LEU B 157 20.40 -54.33 22.06
C LEU B 157 20.07 -54.12 20.58
N LYS B 158 18.85 -54.46 20.18
CA LYS B 158 18.41 -54.32 18.80
C LYS B 158 17.69 -53.00 18.56
N GLN B 159 18.36 -51.90 18.89
CA GLN B 159 17.81 -50.56 18.68
C GLN B 159 18.81 -49.71 17.91
N LEU B 160 20.11 -49.96 18.12
CA LEU B 160 21.14 -49.18 17.45
C LEU B 160 21.11 -49.39 15.94
N TYR B 161 20.95 -50.64 15.50
CA TYR B 161 20.94 -50.97 14.08
C TYR B 161 19.54 -51.22 13.54
N THR B 162 18.50 -50.97 14.34
CA THR B 162 17.11 -51.17 13.93
C THR B 162 16.45 -49.86 13.55
N VAL B 163 17.21 -48.94 12.96
CA VAL B 163 16.69 -47.62 12.60
C VAL B 163 15.89 -47.75 11.32
N THR B 164 14.57 -47.66 11.42
CA THR B 164 13.66 -47.68 10.29
C THR B 164 12.76 -46.45 10.30
N MET B 165 13.33 -45.32 10.71
CA MET B 165 12.56 -44.08 10.83
C MET B 165 12.14 -43.56 9.46
N ASP B 166 10.98 -42.91 9.42
CA ASP B 166 10.52 -42.29 8.18
C ASP B 166 11.45 -41.16 7.77
N VAL B 167 12.03 -40.45 8.74
CA VAL B 167 12.97 -39.38 8.43
C VAL B 167 14.25 -39.92 7.82
N HIS B 168 14.55 -41.20 8.02
CA HIS B 168 15.77 -41.78 7.46
C HIS B 168 15.66 -42.01 5.96
N SER B 169 14.45 -42.02 5.41
CA SER B 169 14.27 -42.13 3.97
C SER B 169 14.61 -40.84 3.23
N ARG B 170 14.64 -39.70 3.94
CA ARG B 170 14.99 -38.43 3.33
C ARG B 170 16.48 -38.09 3.44
N TYR B 171 17.25 -38.87 4.19
CA TYR B 171 18.70 -38.72 4.20
C TYR B 171 19.39 -39.54 3.11
N ARG B 172 18.63 -40.30 2.33
CA ARG B 172 19.20 -41.21 1.33
C ARG B 172 19.71 -40.40 0.14
N THR B 173 21.02 -40.15 0.14
CA THR B 173 21.67 -39.51 -1.00
C THR B 173 22.24 -40.58 -1.92
N GLU B 174 22.10 -40.38 -3.23
CA GLU B 174 22.62 -41.35 -4.18
C GLU B 174 24.13 -41.50 -4.07
N ALA B 175 24.83 -40.42 -3.73
CA ALA B 175 26.28 -40.52 -3.52
C ALA B 175 26.61 -41.34 -2.28
N HIS B 176 25.85 -41.15 -1.20
CA HIS B 176 26.10 -41.84 0.07
C HIS B 176 24.80 -42.53 0.50
N GLN B 177 24.68 -43.81 0.19
CA GLN B 177 23.50 -44.60 0.53
C GLN B 177 23.64 -45.34 1.86
N ASP B 178 24.76 -45.18 2.56
CA ASP B 178 25.00 -45.86 3.83
C ASP B 178 24.72 -44.90 4.98
N VAL B 179 23.75 -45.25 5.81
CA VAL B 179 23.37 -44.44 6.97
C VAL B 179 23.45 -45.32 8.22
N VAL B 180 24.05 -44.77 9.28
CA VAL B 180 24.22 -45.48 10.54
C VAL B 180 23.41 -44.73 11.60
N GLY B 181 22.50 -45.45 12.26
CA GLY B 181 21.71 -44.84 13.31
C GLY B 181 22.56 -44.50 14.51
N ARG B 182 22.43 -43.27 15.00
CA ARG B 182 23.22 -42.81 16.14
C ARG B 182 22.32 -42.19 17.20
N PHE B 183 21.16 -41.67 16.79
CA PHE B 183 20.24 -41.06 17.74
C PHE B 183 19.64 -42.11 18.67
N ASN B 184 19.39 -43.32 18.15
CA ASN B 184 18.82 -44.38 18.97
C ASN B 184 19.78 -44.79 20.09
N GLU B 185 21.08 -44.81 19.80
CA GLU B 185 22.06 -45.17 20.82
C GLU B 185 22.03 -44.17 21.98
N ARG B 186 21.99 -42.88 21.66
CA ARG B 186 21.93 -41.87 22.71
C ARG B 186 20.62 -41.96 23.49
N PHE B 187 19.51 -42.23 22.79
CA PHE B 187 18.22 -42.32 23.46
C PHE B 187 18.19 -43.47 24.46
N ILE B 188 18.74 -44.63 24.08
CA ILE B 188 18.74 -45.78 24.96
C ILE B 188 19.63 -45.52 26.18
N LEU B 189 20.80 -44.95 25.95
CA LEU B 189 21.75 -44.71 27.04
C LEU B 189 21.28 -43.61 27.99
N SER B 190 20.33 -42.78 27.58
CA SER B 190 19.85 -41.69 28.42
C SER B 190 18.81 -42.14 29.43
N LEU B 191 18.32 -43.37 29.34
CA LEU B 191 17.34 -43.87 30.29
C LEU B 191 17.95 -44.31 31.62
N ALA B 192 19.27 -44.40 31.71
CA ALA B 192 19.95 -44.81 32.93
C ALA B 192 20.52 -43.63 33.71
N SER B 193 20.19 -42.40 33.32
CA SER B 193 20.71 -41.22 33.98
C SER B 193 19.65 -40.43 34.74
N CYS B 194 18.41 -40.90 34.79
CA CYS B 194 17.33 -40.20 35.47
C CYS B 194 16.63 -41.15 36.44
N LYS B 195 16.03 -40.56 37.48
CA LYS B 195 15.45 -41.34 38.57
C LYS B 195 14.02 -41.81 38.27
N LYS B 196 13.42 -41.36 37.17
CA LYS B 196 12.05 -41.72 36.80
C LYS B 196 12.01 -42.21 35.36
N CYS B 197 12.94 -43.09 35.01
CA CYS B 197 13.05 -43.64 33.66
C CYS B 197 13.13 -45.16 33.70
N LEU B 198 12.23 -45.77 34.46
CA LEU B 198 12.21 -47.22 34.59
C LEU B 198 11.87 -47.88 33.26
N VAL B 199 12.59 -48.94 32.93
CA VAL B 199 12.38 -49.70 31.70
C VAL B 199 11.96 -51.10 32.07
N ILE B 200 10.79 -51.52 31.58
CA ILE B 200 10.22 -52.83 31.87
C ILE B 200 9.83 -53.50 30.56
N ASP B 201 9.42 -54.76 30.66
CA ASP B 201 9.00 -55.56 29.53
C ASP B 201 7.48 -55.80 29.59
N ASP B 202 6.99 -56.60 28.65
CA ASP B 202 5.58 -56.95 28.63
C ASP B 202 5.17 -57.80 29.83
N GLN B 203 6.13 -58.47 30.47
CA GLN B 203 5.86 -59.29 31.65
C GLN B 203 6.25 -58.58 32.93
N LEU B 204 6.21 -57.25 32.94
CA LEU B 204 6.54 -56.41 34.11
C LEU B 204 7.84 -56.87 34.78
N ASN B 205 8.87 -57.06 33.97
CA ASN B 205 10.18 -57.46 34.44
C ASN B 205 11.15 -56.29 34.35
N ILE B 206 11.89 -56.06 35.42
CA ILE B 206 12.81 -54.93 35.52
C ILE B 206 14.16 -55.35 34.96
N LEU B 207 14.66 -54.59 33.98
CA LEU B 207 15.95 -54.86 33.39
C LEU B 207 17.08 -54.33 34.27
N PRO B 208 18.28 -54.90 34.17
CA PRO B 208 19.41 -54.39 34.96
C PRO B 208 19.78 -52.96 34.64
N ILE B 209 19.46 -52.46 33.44
CA ILE B 209 19.79 -51.08 33.10
C ILE B 209 19.02 -50.11 34.00
N SER B 210 17.75 -50.38 34.24
CA SER B 210 16.93 -49.56 35.13
C SER B 210 16.93 -50.05 36.57
N SER B 211 17.60 -51.18 36.85
CA SER B 211 17.65 -51.69 38.22
C SER B 211 18.54 -50.84 39.11
N HIS B 212 19.47 -50.08 38.55
CA HIS B 212 20.33 -49.22 39.36
C HIS B 212 19.52 -48.15 40.07
N VAL B 213 18.53 -47.58 39.39
CA VAL B 213 17.67 -46.55 39.98
C VAL B 213 16.82 -47.15 41.09
N GLY B 229 1.32 -28.03 46.26
CA GLY B 229 1.93 -28.14 47.58
C GLY B 229 2.53 -26.85 48.07
N PRO B 230 3.85 -26.82 48.25
CA PRO B 230 4.51 -25.59 48.71
C PRO B 230 4.33 -24.42 47.74
N SER B 231 4.26 -24.70 46.44
CA SER B 231 4.08 -23.63 45.46
C SER B 231 2.73 -22.94 45.65
N ASP B 232 1.67 -23.71 45.92
CA ASP B 232 0.35 -23.16 46.08
C ASP B 232 0.15 -22.60 47.49
N LEU B 233 1.04 -21.70 47.91
CA LEU B 233 0.95 -21.06 49.22
C LEU B 233 0.70 -19.57 49.09
N GLU B 234 1.56 -18.85 48.37
CA GLU B 234 1.37 -17.42 48.16
C GLU B 234 0.30 -17.11 47.11
N LEU B 235 0.00 -18.07 46.23
CA LEU B 235 -0.98 -17.83 45.18
C LEU B 235 -2.38 -17.68 45.78
N ARG B 236 -2.78 -18.60 46.66
CA ARG B 236 -4.10 -18.50 47.26
C ARG B 236 -4.23 -17.30 48.19
N GLU B 237 -3.13 -16.94 48.88
CA GLU B 237 -3.15 -15.74 49.70
C GLU B 237 -3.34 -14.49 48.86
N LEU B 238 -2.68 -14.42 47.70
CA LEU B 238 -2.85 -13.29 46.80
C LEU B 238 -4.28 -13.21 46.27
N LYS B 239 -4.87 -14.36 45.93
CA LYS B 239 -6.25 -14.37 45.45
C LYS B 239 -7.21 -13.89 46.52
N GLU B 240 -6.99 -14.31 47.78
CA GLU B 240 -7.86 -13.87 48.86
C GLU B 240 -7.72 -12.36 49.10
N SER B 241 -6.49 -11.83 49.00
CA SER B 241 -6.28 -10.40 49.20
C SER B 241 -6.98 -9.59 48.13
N LEU B 242 -6.93 -10.05 46.88
CA LEU B 242 -7.53 -9.35 45.75
C LEU B 242 -8.97 -9.80 45.47
N GLN B 243 -9.57 -10.56 46.39
CA GLN B 243 -10.93 -11.05 46.17
C GLN B 243 -11.93 -9.90 46.07
N ASP B 244 -11.80 -8.91 46.94
CA ASP B 244 -12.75 -7.79 46.94
C ASP B 244 -12.47 -6.81 45.80
N THR B 245 -11.31 -6.91 45.16
CA THR B 245 -10.93 -5.92 44.15
C THR B 245 -11.75 -6.11 42.87
N GLN B 246 -12.20 -4.98 42.31
CA GLN B 246 -13.01 -4.91 41.11
C GLN B 246 -12.16 -5.12 39.86
N PRO B 247 -12.71 -5.75 38.78
CA PRO B 247 -11.89 -6.47 37.79
C PRO B 247 -10.38 -6.45 37.91
N VAL B 248 -9.84 -6.78 39.08
CA VAL B 248 -8.40 -6.97 39.23
C VAL B 248 -8.13 -8.38 39.73
N GLY B 249 -8.77 -8.75 40.84
CA GLY B 249 -8.56 -10.07 41.41
C GLY B 249 -9.33 -11.20 40.77
N VAL B 250 -10.44 -10.88 40.10
CA VAL B 250 -11.23 -11.93 39.46
C VAL B 250 -10.45 -12.59 38.32
N LEU B 251 -9.74 -11.79 37.53
CA LEU B 251 -8.88 -12.36 36.50
C LEU B 251 -7.70 -13.09 37.10
N VAL B 252 -7.20 -12.63 38.26
CA VAL B 252 -6.14 -13.33 38.96
C VAL B 252 -6.61 -14.70 39.43
N ASP B 253 -7.87 -14.80 39.84
CA ASP B 253 -8.41 -16.08 40.28
C ASP B 253 -8.38 -17.12 39.17
N CYS B 254 -8.47 -16.69 37.92
CA CYS B 254 -8.41 -17.62 36.80
C CYS B 254 -7.02 -18.19 36.58
N CYS B 255 -5.99 -17.58 37.17
CA CYS B 255 -4.63 -18.07 37.02
C CYS B 255 -4.43 -19.36 37.82
N LYS B 256 -3.46 -20.16 37.38
CA LYS B 256 -3.17 -21.44 38.01
C LYS B 256 -1.84 -21.47 38.73
N THR B 257 -0.93 -20.54 38.45
CA THR B 257 0.40 -20.52 39.05
C THR B 257 0.66 -19.15 39.65
N LEU B 258 1.50 -19.12 40.70
CA LEU B 258 1.85 -17.86 41.33
C LEU B 258 2.64 -16.96 40.37
N ASP B 259 3.48 -17.54 39.53
CA ASP B 259 4.21 -16.75 38.54
C ASP B 259 3.25 -16.16 37.51
N GLN B 260 2.20 -16.90 37.16
CA GLN B 260 1.22 -16.38 36.20
C GLN B 260 0.51 -15.16 36.76
N ALA B 261 0.16 -15.17 38.03
CA ALA B 261 -0.51 -14.02 38.65
C ALA B 261 0.51 -13.03 39.22
N LYS B 262 1.51 -12.72 38.43
CA LYS B 262 2.42 -11.60 38.64
C LYS B 262 2.58 -10.75 37.39
N ALA B 263 2.60 -11.37 36.20
CA ALA B 263 2.56 -10.61 34.96
C ALA B 263 1.17 -10.06 34.70
N VAL B 264 0.14 -10.83 35.07
CA VAL B 264 -1.24 -10.36 34.93
C VAL B 264 -1.46 -9.13 35.80
N LEU B 265 -0.99 -9.17 37.04
CA LEU B 265 -1.09 -8.01 37.92
C LEU B 265 -0.30 -6.83 37.35
N LYS B 266 0.89 -7.09 36.81
CA LYS B 266 1.66 -6.03 36.18
C LYS B 266 0.93 -5.47 34.97
N PHE B 267 0.35 -6.34 34.15
CA PHE B 267 -0.43 -5.88 33.00
C PHE B 267 -1.67 -5.10 33.45
N ILE B 268 -2.35 -5.58 34.49
CA ILE B 268 -3.53 -4.90 34.99
C ILE B 268 -3.15 -3.53 35.56
N GLU B 269 -2.04 -3.46 36.29
CA GLU B 269 -1.59 -2.18 36.85
C GLU B 269 -1.26 -1.19 35.73
N GLY B 270 -0.61 -1.66 34.67
CA GLY B 270 -0.34 -0.79 33.54
C GLY B 270 -1.61 -0.37 32.82
N ILE B 271 -2.58 -1.28 32.71
CA ILE B 271 -3.85 -0.95 32.08
C ILE B 271 -4.63 0.02 32.94
N SER B 272 -4.58 -0.15 34.26
CA SER B 272 -5.34 0.72 35.16
C SER B 272 -4.89 2.18 35.03
N GLU B 273 -3.57 2.40 34.95
CA GLU B 273 -3.04 3.74 34.72
C GLU B 273 -3.29 4.13 33.27
N LYS B 274 -4.09 5.18 33.05
CA LYS B 274 -4.48 5.60 31.71
C LYS B 274 -3.34 6.38 31.03
N THR B 275 -2.23 5.69 30.83
CA THR B 275 -1.07 6.24 30.15
C THR B 275 -0.68 5.32 28.99
N LEU B 276 -0.25 5.93 27.89
CA LEU B 276 0.10 5.19 26.67
C LEU B 276 1.60 5.06 26.48
N ARG B 277 2.36 4.93 27.58
CA ARG B 277 3.81 4.75 27.52
C ARG B 277 4.18 3.56 28.38
N SER B 278 4.10 2.36 27.79
CA SER B 278 4.52 1.13 28.45
C SER B 278 4.61 -0.01 27.44
N THR B 279 5.74 -0.71 27.42
CA THR B 279 5.97 -1.82 26.50
C THR B 279 6.55 -3.01 27.27
N VAL B 280 5.90 -3.35 28.38
CA VAL B 280 6.39 -4.44 29.23
C VAL B 280 6.42 -5.74 28.43
N ALA B 281 7.52 -6.46 28.55
CA ALA B 281 7.74 -7.71 27.82
C ALA B 281 7.74 -8.90 28.79
N LEU B 282 7.19 -10.02 28.34
CA LEU B 282 7.10 -11.23 29.14
C LEU B 282 7.80 -12.37 28.42
N THR B 283 8.53 -13.18 29.18
CA THR B 283 9.28 -14.31 28.64
C THR B 283 8.70 -15.61 29.19
N ALA B 284 8.48 -16.58 28.30
CA ALA B 284 7.96 -17.89 28.65
C ALA B 284 9.02 -18.95 28.38
N ALA B 285 8.71 -20.19 28.77
CA ALA B 285 9.64 -21.30 28.61
C ALA B 285 8.92 -22.54 28.07
N ARG B 286 8.00 -22.33 27.13
CA ARG B 286 7.33 -23.41 26.39
C ARG B 286 6.60 -24.36 27.35
N GLY B 287 5.56 -23.81 27.99
CA GLY B 287 4.68 -24.63 28.78
C GLY B 287 4.39 -24.09 30.18
N ARG B 288 4.82 -22.86 30.46
CA ARG B 288 4.61 -22.25 31.76
C ARG B 288 3.43 -21.28 31.78
N GLY B 289 2.82 -21.01 30.62
CA GLY B 289 1.66 -20.15 30.56
C GLY B 289 1.98 -18.74 30.08
N LYS B 290 1.73 -18.47 28.81
CA LYS B 290 1.93 -17.15 28.25
C LYS B 290 0.70 -16.62 27.53
N SER B 291 -0.02 -17.48 26.81
CA SER B 291 -1.25 -17.04 26.16
C SER B 291 -2.36 -16.77 27.17
N ALA B 292 -2.42 -17.54 28.25
CA ALA B 292 -3.44 -17.33 29.27
C ALA B 292 -3.27 -15.97 29.94
N ALA B 293 -2.02 -15.59 30.26
CA ALA B 293 -1.78 -14.29 30.86
C ALA B 293 -2.13 -13.16 29.90
N LEU B 294 -1.78 -13.32 28.62
CA LEU B 294 -2.13 -12.31 27.63
C LEU B 294 -3.64 -12.19 27.45
N GLY B 295 -4.34 -13.32 27.45
CA GLY B 295 -5.78 -13.28 27.29
C GLY B 295 -6.48 -12.60 28.46
N LEU B 296 -6.02 -12.87 29.68
CA LEU B 296 -6.60 -12.22 30.85
C LEU B 296 -6.31 -10.71 30.82
N ALA B 297 -5.11 -10.32 30.39
CA ALA B 297 -4.78 -8.91 30.29
C ALA B 297 -5.65 -8.21 29.26
N ILE B 298 -5.88 -8.86 28.12
CA ILE B 298 -6.76 -8.29 27.09
C ILE B 298 -8.18 -8.16 27.61
N ALA B 299 -8.67 -9.18 28.31
CA ALA B 299 -10.01 -9.11 28.89
C ALA B 299 -10.11 -8.00 29.92
N GLY B 300 -9.06 -7.83 30.74
CA GLY B 300 -9.06 -6.73 31.70
C GLY B 300 -9.04 -5.37 31.02
N ALA B 301 -8.31 -5.24 29.92
CA ALA B 301 -8.28 -3.99 29.18
C ALA B 301 -9.67 -3.68 28.60
N VAL B 302 -10.38 -4.69 28.13
CA VAL B 302 -11.73 -4.48 27.61
C VAL B 302 -12.64 -3.95 28.71
N ALA B 303 -12.57 -4.54 29.90
CA ALA B 303 -13.37 -4.10 31.03
C ALA B 303 -12.93 -2.75 31.57
N PHE B 304 -11.75 -2.27 31.19
CA PHE B 304 -11.23 -0.99 31.66
C PHE B 304 -11.58 0.16 30.73
N GLY B 305 -12.33 -0.09 29.66
CA GLY B 305 -12.74 0.96 28.74
C GLY B 305 -11.93 1.09 27.48
N TYR B 306 -10.93 0.23 27.28
CA TYR B 306 -10.13 0.29 26.06
C TYR B 306 -10.98 -0.10 24.85
N SER B 307 -10.84 0.67 23.77
CA SER B 307 -11.63 0.46 22.56
C SER B 307 -10.84 -0.11 21.40
N ASN B 308 -9.54 0.19 21.31
CA ASN B 308 -8.70 -0.28 20.21
C ASN B 308 -7.64 -1.22 20.77
N ILE B 309 -7.87 -2.52 20.60
CA ILE B 309 -6.95 -3.56 21.03
C ILE B 309 -6.62 -4.43 19.84
N PHE B 310 -5.33 -4.62 19.58
CA PHE B 310 -4.87 -5.40 18.44
C PHE B 310 -3.95 -6.52 18.91
N VAL B 311 -4.05 -7.66 18.21
CA VAL B 311 -3.23 -8.84 18.50
C VAL B 311 -2.37 -9.11 17.27
N THR B 312 -1.07 -9.26 17.47
CA THR B 312 -0.11 -9.48 16.39
C THR B 312 0.43 -10.90 16.50
N SER B 313 0.33 -11.65 15.41
CA SER B 313 0.84 -13.02 15.34
C SER B 313 1.12 -13.34 13.88
N PRO B 314 2.19 -14.11 13.60
CA PRO B 314 2.47 -14.46 12.20
C PRO B 314 1.35 -15.22 11.53
N SER B 315 0.66 -16.09 12.26
CA SER B 315 -0.44 -16.88 11.72
C SER B 315 -1.54 -17.00 12.77
N PRO B 316 -2.80 -17.09 12.34
CA PRO B 316 -3.88 -17.32 13.32
C PRO B 316 -3.72 -18.64 14.07
N ASP B 317 -3.11 -19.65 13.45
CA ASP B 317 -2.93 -20.96 14.08
C ASP B 317 -1.93 -20.93 15.23
N ASN B 318 -1.17 -19.85 15.39
CA ASN B 318 -0.09 -19.85 16.37
C ASN B 318 -0.61 -19.91 17.80
N LEU B 319 -1.53 -19.03 18.15
CA LEU B 319 -1.94 -18.92 19.56
C LEU B 319 -3.02 -19.94 19.94
N HIS B 320 -4.22 -19.82 19.35
CA HIS B 320 -5.33 -20.74 19.58
C HIS B 320 -5.76 -20.81 21.04
N THR B 321 -5.14 -19.99 21.91
CA THR B 321 -5.44 -20.04 23.33
C THR B 321 -5.68 -18.63 23.87
N LEU B 322 -5.12 -17.63 23.20
CA LEU B 322 -5.27 -16.25 23.65
C LEU B 322 -6.73 -15.83 23.66
N PHE B 323 -7.46 -16.16 22.59
CA PHE B 323 -8.88 -15.80 22.55
C PHE B 323 -9.72 -16.70 23.44
N GLU B 324 -9.28 -17.95 23.66
CA GLU B 324 -10.02 -18.85 24.53
C GLU B 324 -10.04 -18.32 25.97
N PHE B 325 -8.90 -17.84 26.46
CA PHE B 325 -8.86 -17.27 27.80
C PHE B 325 -9.49 -15.89 27.86
N VAL B 326 -9.58 -15.18 26.73
CA VAL B 326 -10.32 -13.92 26.69
C VAL B 326 -11.79 -14.17 27.00
N PHE B 327 -12.37 -15.20 26.40
CA PHE B 327 -13.74 -15.58 26.73
C PHE B 327 -13.84 -16.05 28.17
N LYS B 328 -12.83 -16.79 28.66
CA LYS B 328 -12.81 -17.20 30.06
C LYS B 328 -12.72 -15.99 30.97
N GLY B 329 -11.89 -15.01 30.62
CA GLY B 329 -11.83 -13.78 31.39
C GLY B 329 -13.14 -13.00 31.34
N PHE B 330 -13.80 -12.99 30.18
CA PHE B 330 -15.10 -12.35 30.07
C PHE B 330 -16.13 -13.03 30.95
N ASP B 331 -16.08 -14.36 31.03
CA ASP B 331 -16.99 -15.10 31.90
C ASP B 331 -16.75 -14.75 33.36
N ALA B 332 -15.48 -14.57 33.74
CA ALA B 332 -15.17 -14.14 35.11
C ALA B 332 -15.71 -12.75 35.39
N LEU B 333 -15.89 -11.93 34.35
CA LEU B 333 -16.47 -10.61 34.48
C LEU B 333 -17.99 -10.61 34.33
N GLN B 334 -18.60 -11.79 34.25
CA GLN B 334 -20.05 -11.95 34.09
C GLN B 334 -20.51 -11.28 32.80
N TYR B 335 -19.92 -11.72 31.70
CA TYR B 335 -20.26 -11.24 30.36
C TYR B 335 -20.90 -12.38 29.58
N GLN B 336 -22.10 -12.15 29.07
CA GLN B 336 -22.79 -13.13 28.23
C GLN B 336 -22.45 -12.87 26.77
N GLU B 337 -21.82 -13.84 26.12
CA GLU B 337 -21.33 -13.65 24.76
C GLU B 337 -22.40 -14.01 23.73
N HIS B 338 -23.61 -13.50 23.94
CA HIS B 338 -24.66 -13.56 22.92
C HIS B 338 -25.41 -12.24 22.74
N LEU B 339 -25.42 -11.35 23.73
CA LEU B 339 -26.05 -10.04 23.61
C LEU B 339 -25.18 -8.90 24.08
N ASP B 340 -24.16 -9.15 24.90
CA ASP B 340 -23.22 -8.11 25.31
C ASP B 340 -22.00 -8.05 24.41
N TYR B 341 -21.63 -9.16 23.78
CA TYR B 341 -20.49 -9.20 22.89
C TYR B 341 -20.67 -10.35 21.91
N GLU B 342 -19.97 -10.27 20.78
CA GLU B 342 -20.03 -11.27 19.74
C GLU B 342 -18.64 -11.50 19.16
N ILE B 343 -18.44 -12.69 18.60
CA ILE B 343 -17.16 -13.07 18.01
C ILE B 343 -17.37 -13.30 16.52
N ILE B 344 -16.27 -13.18 15.77
CA ILE B 344 -16.26 -13.40 14.33
C ILE B 344 -15.15 -14.39 14.02
N GLN B 345 -15.50 -15.50 13.37
CA GLN B 345 -14.52 -16.51 12.99
C GLN B 345 -13.98 -16.22 11.60
N SER B 346 -12.90 -16.92 11.24
CA SER B 346 -12.24 -16.68 9.97
C SER B 346 -13.13 -17.08 8.79
N LEU B 347 -13.70 -18.28 8.85
CA LEU B 347 -14.51 -18.83 7.76
C LEU B 347 -13.75 -18.78 6.43
N ASN B 348 -12.46 -19.09 6.50
CA ASN B 348 -11.58 -18.97 5.35
C ASN B 348 -10.37 -19.87 5.60
N PRO B 349 -9.58 -20.18 4.55
CA PRO B 349 -8.40 -21.01 4.77
C PRO B 349 -7.31 -20.31 5.57
N GLU B 350 -7.63 -19.97 6.81
CA GLU B 350 -6.69 -19.38 7.76
C GLU B 350 -6.85 -20.11 9.08
N PHE B 351 -5.85 -20.92 9.45
CA PHE B 351 -5.92 -21.80 10.62
C PHE B 351 -7.13 -22.72 10.41
N ASN B 352 -7.88 -23.05 11.46
CA ASN B 352 -9.09 -23.86 11.31
C ASN B 352 -10.35 -23.08 11.67
N LYS B 353 -10.48 -22.64 12.92
CA LYS B 353 -11.61 -21.83 13.35
C LYS B 353 -11.12 -20.69 14.24
N ALA B 354 -10.00 -20.08 13.87
CA ALA B 354 -9.43 -19.02 14.68
C ALA B 354 -10.30 -17.78 14.64
N VAL B 355 -10.45 -17.14 15.80
CA VAL B 355 -11.24 -15.91 15.92
C VAL B 355 -10.39 -14.74 15.48
N ILE B 356 -10.91 -13.94 14.55
CA ILE B 356 -10.19 -12.78 14.02
C ILE B 356 -10.61 -11.50 14.72
N ARG B 357 -11.91 -11.24 14.79
CA ARG B 357 -12.42 -10.01 15.38
C ARG B 357 -13.45 -10.33 16.45
N VAL B 358 -13.35 -9.62 17.58
CA VAL B 358 -14.31 -9.74 18.68
C VAL B 358 -14.87 -8.35 18.97
N ASN B 359 -16.19 -8.24 18.93
CA ASN B 359 -16.88 -6.97 19.17
C ASN B 359 -17.58 -7.02 20.52
N VAL B 360 -17.33 -6.00 21.34
CA VAL B 360 -17.92 -5.89 22.67
C VAL B 360 -18.71 -4.59 22.73
N PHE B 361 -19.97 -4.68 23.16
CA PHE B 361 -20.86 -3.53 23.28
C PHE B 361 -21.58 -3.60 24.62
N ARG B 362 -20.98 -3.00 25.63
CA ARG B 362 -21.57 -2.90 26.96
C ARG B 362 -21.90 -1.46 27.32
N GLU B 363 -20.92 -0.56 27.26
CA GLU B 363 -21.14 0.87 27.41
C GLU B 363 -20.83 1.63 26.14
N HIS B 364 -19.66 1.41 25.56
CA HIS B 364 -19.29 1.92 24.24
C HIS B 364 -18.95 0.74 23.34
N ARG B 365 -18.47 1.05 22.14
CA ARG B 365 -18.12 0.02 21.16
C ARG B 365 -16.61 -0.21 21.19
N GLN B 366 -16.21 -1.43 21.55
CA GLN B 366 -14.81 -1.83 21.57
C GLN B 366 -14.62 -3.07 20.73
N THR B 367 -13.44 -3.20 20.13
CA THR B 367 -13.14 -4.33 19.25
C THR B 367 -11.73 -4.84 19.52
N ILE B 368 -11.54 -6.13 19.28
CA ILE B 368 -10.23 -6.78 19.32
C ILE B 368 -10.01 -7.43 17.97
N GLN B 369 -9.02 -6.94 17.22
CA GLN B 369 -8.78 -7.37 15.85
C GLN B 369 -7.40 -7.96 15.72
N TYR B 370 -7.32 -9.11 15.05
CA TYR B 370 -6.03 -9.72 14.73
C TYR B 370 -5.43 -9.02 13.53
N ILE B 371 -4.14 -8.65 13.64
CA ILE B 371 -3.44 -7.95 12.57
C ILE B 371 -2.11 -8.65 12.30
N HIS B 372 -1.62 -8.47 11.09
CA HIS B 372 -0.35 -9.04 10.67
C HIS B 372 0.81 -8.26 11.29
N PRO B 373 1.92 -8.92 11.59
CA PRO B 373 3.09 -8.18 12.10
C PRO B 373 3.59 -7.11 11.14
N ALA B 374 3.48 -7.33 9.83
CA ALA B 374 3.89 -6.33 8.85
C ALA B 374 2.84 -5.26 8.63
N ASP B 375 1.63 -5.44 9.13
CA ASP B 375 0.54 -4.48 8.95
C ASP B 375 0.59 -3.47 10.09
N ALA B 376 1.06 -2.26 9.79
CA ALA B 376 1.14 -1.19 10.78
C ALA B 376 0.32 0.04 10.40
N VAL B 377 -0.28 0.06 9.22
CA VAL B 377 -1.07 1.22 8.79
C VAL B 377 -2.32 1.35 9.63
N LYS B 378 -2.96 0.22 9.96
CA LYS B 378 -4.19 0.22 10.75
C LYS B 378 -3.95 0.44 12.23
N LEU B 379 -2.70 0.65 12.65
CA LEU B 379 -2.36 0.85 14.05
C LEU B 379 -2.22 2.34 14.40
N GLY B 380 -2.98 3.20 13.73
CA GLY B 380 -2.92 4.63 14.00
C GLY B 380 -3.57 5.03 15.30
N GLN B 381 -4.86 4.71 15.44
CA GLN B 381 -5.62 5.03 16.66
C GLN B 381 -5.60 3.89 17.67
N ALA B 382 -4.64 2.97 17.57
CA ALA B 382 -4.59 1.84 18.47
C ALA B 382 -4.24 2.28 19.89
N GLU B 383 -4.91 1.69 20.87
CA GLU B 383 -4.64 1.96 22.27
C GLU B 383 -3.82 0.87 22.95
N LEU B 384 -4.03 -0.39 22.56
CA LEU B 384 -3.28 -1.51 23.11
C LEU B 384 -2.93 -2.48 21.99
N VAL B 385 -1.68 -2.94 22.00
CA VAL B 385 -1.20 -3.93 21.03
C VAL B 385 -0.57 -5.07 21.80
N VAL B 386 -0.84 -6.30 21.36
CA VAL B 386 -0.29 -7.50 21.97
C VAL B 386 0.56 -8.22 20.93
N ILE B 387 1.82 -8.47 21.27
CA ILE B 387 2.77 -9.13 20.39
C ILE B 387 3.10 -10.50 20.97
N ASP B 388 2.86 -11.54 20.18
CA ASP B 388 3.13 -12.92 20.58
C ASP B 388 4.35 -13.43 19.84
N GLU B 389 5.29 -14.02 20.59
CA GLU B 389 6.55 -14.52 20.04
C GLU B 389 7.30 -13.41 19.30
N ALA B 390 7.51 -12.29 20.00
CA ALA B 390 8.21 -11.17 19.39
C ALA B 390 9.67 -11.51 19.08
N ALA B 391 10.23 -12.51 19.76
CA ALA B 391 11.60 -12.91 19.48
C ALA B 391 11.76 -13.45 18.06
N ALA B 392 10.80 -14.25 17.60
CA ALA B 392 10.82 -14.79 16.24
C ALA B 392 10.35 -13.78 15.21
N ILE B 393 9.73 -12.69 15.62
CA ILE B 393 9.28 -11.65 14.70
C ILE B 393 10.49 -10.80 14.31
N PRO B 394 10.63 -10.44 13.04
CA PRO B 394 11.79 -9.64 12.61
C PRO B 394 11.87 -8.31 13.36
N LEU B 395 13.10 -7.88 13.63
CA LEU B 395 13.31 -6.63 14.36
C LEU B 395 12.72 -5.41 13.65
N PRO B 396 12.92 -5.20 12.34
CA PRO B 396 12.28 -4.04 11.71
C PRO B 396 10.76 -4.04 11.83
N LEU B 397 10.14 -5.22 11.78
CA LEU B 397 8.69 -5.30 11.99
C LEU B 397 8.32 -4.89 13.41
N VAL B 398 9.13 -5.29 14.39
CA VAL B 398 8.86 -4.92 15.78
C VAL B 398 8.95 -3.41 15.96
N LYS B 399 9.98 -2.79 15.38
CA LYS B 399 10.15 -1.35 15.53
C LYS B 399 9.00 -0.59 14.88
N SER B 400 8.55 -1.03 13.71
CA SER B 400 7.42 -0.38 13.04
C SER B 400 6.13 -0.54 13.85
N LEU B 401 5.94 -1.73 14.45
CA LEU B 401 4.73 -1.97 15.23
C LEU B 401 4.65 -1.08 16.46
N LEU B 402 5.79 -0.87 17.13
CA LEU B 402 5.80 -0.08 18.35
C LEU B 402 5.46 1.38 18.07
N GLY B 403 4.84 2.02 19.06
CA GLY B 403 4.47 3.41 18.95
C GLY B 403 4.02 3.99 20.27
N PRO B 404 3.36 5.15 20.23
CA PRO B 404 2.91 5.81 21.47
C PRO B 404 1.60 5.22 22.00
N TYR B 405 1.66 3.95 22.40
CA TYR B 405 0.51 3.27 22.98
C TYR B 405 1.00 2.07 23.79
N LEU B 406 0.06 1.45 24.51
CA LEU B 406 0.41 0.32 25.38
C LEU B 406 0.80 -0.89 24.55
N VAL B 407 1.92 -1.50 24.89
CA VAL B 407 2.46 -2.66 24.18
C VAL B 407 2.64 -3.79 25.17
N PHE B 408 2.14 -4.98 24.82
CA PHE B 408 2.30 -6.20 25.61
C PHE B 408 3.10 -7.18 24.76
N MET B 409 4.31 -7.49 25.20
CA MET B 409 5.22 -8.35 24.45
C MET B 409 5.36 -9.70 25.14
N ALA B 410 5.31 -10.77 24.34
CA ALA B 410 5.48 -12.13 24.83
C ALA B 410 6.54 -12.84 23.98
N SER B 411 7.38 -13.62 24.64
CA SER B 411 8.45 -14.33 23.95
C SER B 411 8.77 -15.61 24.70
N THR B 412 9.44 -16.54 24.01
CA THR B 412 9.88 -17.80 24.58
C THR B 412 11.39 -17.91 24.45
N ILE B 413 12.04 -18.34 25.53
CA ILE B 413 13.49 -18.44 25.55
C ILE B 413 13.90 -19.84 25.98
N ASN B 414 13.01 -20.81 25.78
CA ASN B 414 13.30 -22.20 26.14
C ASN B 414 12.43 -23.10 25.27
N GLY B 415 12.56 -24.41 25.49
CA GLY B 415 11.83 -25.37 24.70
C GLY B 415 12.31 -25.41 23.25
N TYR B 416 11.43 -25.89 22.39
CA TYR B 416 11.74 -25.97 20.96
C TYR B 416 11.30 -24.72 20.21
N GLU B 417 11.69 -23.56 20.73
CA GLU B 417 11.35 -22.28 20.12
C GLU B 417 12.19 -21.19 20.76
N GLY B 418 12.34 -20.08 20.04
CA GLY B 418 13.04 -18.93 20.56
C GLY B 418 14.55 -19.11 20.53
N THR B 419 15.23 -18.09 21.06
CA THR B 419 16.69 -18.09 21.12
C THR B 419 17.12 -17.15 22.24
N GLY B 420 18.38 -17.28 22.64
CA GLY B 420 18.94 -16.43 23.67
C GLY B 420 20.17 -15.67 23.22
N ARG B 421 21.26 -15.81 23.97
CA ARG B 421 22.54 -15.19 23.64
C ARG B 421 22.42 -13.66 23.54
N SER B 422 21.98 -13.06 24.65
CA SER B 422 21.81 -11.61 24.75
C SER B 422 20.89 -11.10 23.63
N LEU B 423 19.63 -11.53 23.73
CA LEU B 423 18.64 -11.22 22.71
C LEU B 423 18.53 -9.73 22.48
N SER B 424 18.48 -9.33 21.20
CA SER B 424 18.40 -7.93 20.84
C SER B 424 17.06 -7.30 21.18
N LEU B 425 16.07 -8.11 21.57
CA LEU B 425 14.78 -7.55 21.99
C LEU B 425 14.95 -6.64 23.20
N LYS B 426 15.41 -7.20 24.31
CA LYS B 426 15.71 -6.40 25.49
C LYS B 426 17.18 -5.97 25.52
N LEU B 427 17.65 -5.44 24.41
CA LEU B 427 19.01 -4.90 24.32
C LEU B 427 19.01 -3.52 23.71
N ILE B 428 18.05 -3.27 22.81
CA ILE B 428 17.91 -1.97 22.18
C ILE B 428 16.71 -1.19 22.70
N GLN B 429 15.63 -1.87 23.09
CA GLN B 429 14.46 -1.19 23.64
C GLN B 429 14.76 -0.55 24.99
N GLN B 430 15.83 -0.97 25.67
CA GLN B 430 16.20 -0.42 26.96
C GLN B 430 16.97 0.89 26.79
N LEU B 431 16.34 1.82 26.08
CA LEU B 431 16.94 3.12 25.80
C LEU B 431 16.18 4.29 26.41
N ARG B 432 14.94 4.08 26.87
CA ARG B 432 14.16 5.16 27.48
C ARG B 432 13.41 4.66 28.71
N ALA B 457 10.48 8.85 28.50
CA ALA B 457 9.04 8.73 28.71
C ALA B 457 8.58 7.29 28.56
N ARG B 458 9.36 6.50 27.83
CA ARG B 458 9.02 5.10 27.60
C ARG B 458 9.23 4.30 28.88
N THR B 459 8.49 3.21 29.01
CA THR B 459 8.53 2.36 30.18
C THR B 459 9.04 0.97 29.79
N LEU B 460 9.91 0.41 30.62
CA LEU B 460 10.60 -0.84 30.30
C LEU B 460 10.46 -1.84 31.46
N TYR B 461 9.24 -2.04 31.93
CA TYR B 461 8.98 -3.11 32.88
C TYR B 461 9.21 -4.47 32.22
N GLU B 462 9.59 -5.44 33.04
CA GLU B 462 9.87 -6.78 32.54
C GLU B 462 9.47 -7.82 33.57
N VAL B 463 8.82 -8.88 33.12
CA VAL B 463 8.40 -9.99 33.97
C VAL B 463 8.70 -11.30 33.25
N SER B 464 8.73 -12.39 34.03
CA SER B 464 9.07 -13.69 33.48
C SER B 464 8.39 -14.78 34.30
N LEU B 465 8.31 -15.98 33.72
CA LEU B 465 7.73 -17.15 34.36
C LEU B 465 8.77 -18.25 34.43
N GLN B 466 8.73 -19.04 35.51
CA GLN B 466 9.66 -20.14 35.69
C GLN B 466 9.01 -21.39 36.25
N GLU B 467 7.68 -21.46 36.31
CA GLU B 467 6.97 -22.62 36.86
C GLU B 467 5.96 -23.11 35.84
N SER B 468 5.97 -24.42 35.59
CA SER B 468 5.04 -25.00 34.63
C SER B 468 3.63 -25.07 35.21
N ILE B 469 2.65 -25.13 34.31
CA ILE B 469 1.24 -25.19 34.70
C ILE B 469 0.69 -26.62 34.65
N ARG B 470 1.49 -27.59 34.20
CA ARG B 470 1.03 -28.96 34.08
C ARG B 470 1.70 -29.93 35.04
N TYR B 471 2.85 -29.56 35.60
CA TYR B 471 3.56 -30.44 36.52
C TYR B 471 4.39 -29.61 37.47
N ALA B 472 4.84 -30.24 38.55
CA ALA B 472 5.67 -29.57 39.53
C ALA B 472 7.03 -29.20 38.93
N PRO B 473 7.62 -28.10 39.36
CA PRO B 473 8.94 -27.71 38.83
C PRO B 473 9.99 -28.74 39.19
N GLY B 474 10.98 -28.88 38.31
CA GLY B 474 12.02 -29.86 38.50
C GLY B 474 11.62 -31.28 38.17
N ASP B 475 10.71 -31.46 37.21
CA ASP B 475 10.27 -32.79 36.84
C ASP B 475 11.41 -33.58 36.20
N ALA B 476 11.51 -34.86 36.57
CA ALA B 476 12.56 -35.71 36.03
C ALA B 476 12.38 -35.94 34.53
N VAL B 477 11.14 -36.15 34.09
CA VAL B 477 10.89 -36.38 32.67
C VAL B 477 11.22 -35.13 31.86
N GLU B 478 10.85 -33.96 32.36
CA GLU B 478 11.18 -32.72 31.67
C GLU B 478 12.69 -32.52 31.58
N LYS B 479 13.41 -32.82 32.67
CA LYS B 479 14.86 -32.73 32.63
C LYS B 479 15.45 -33.76 31.68
N TRP B 480 14.89 -34.98 31.66
CA TRP B 480 15.37 -35.99 30.73
C TRP B 480 15.16 -35.56 29.29
N LEU B 481 13.98 -35.01 28.99
CA LEU B 481 13.71 -34.53 27.63
C LEU B 481 14.63 -33.38 27.26
N ASN B 482 14.83 -32.44 28.18
CA ASN B 482 15.68 -31.28 27.88
C ASN B 482 17.12 -31.70 27.66
N ASP B 483 17.63 -32.62 28.47
CA ASP B 483 19.02 -33.06 28.32
C ASP B 483 19.21 -33.85 27.03
N LEU B 484 18.29 -34.79 26.74
CA LEU B 484 18.39 -35.57 25.52
C LEU B 484 18.21 -34.69 24.28
N LEU B 485 17.28 -33.74 24.33
CA LEU B 485 16.95 -32.91 23.19
C LEU B 485 17.78 -31.63 23.13
N CYS B 486 18.65 -31.40 24.12
CA CYS B 486 19.53 -30.24 24.16
C CYS B 486 18.75 -28.93 24.12
N LEU B 487 17.59 -28.92 24.77
CA LEU B 487 16.79 -27.69 24.92
C LEU B 487 17.11 -26.98 26.23
N ASP B 488 18.39 -26.74 26.47
CA ASP B 488 18.85 -26.10 27.70
C ASP B 488 20.27 -25.58 27.45
N CYS B 489 20.96 -25.21 28.54
CA CYS B 489 22.35 -24.76 28.49
C CYS B 489 22.49 -23.52 27.60
N LEU B 490 21.90 -22.43 28.10
CA LEU B 490 21.94 -21.15 27.39
C LEU B 490 23.35 -20.62 27.16
N ASN B 491 24.37 -21.27 27.73
CA ASN B 491 25.79 -20.96 27.48
C ASN B 491 26.08 -19.57 28.02
N ILE B 492 26.40 -18.57 27.19
CA ILE B 492 26.75 -17.22 27.61
C ILE B 492 28.06 -17.23 28.38
N THR B 493 28.14 -18.04 29.43
CA THR B 493 29.36 -18.14 30.22
C THR B 493 30.50 -18.70 29.37
N ARG B 494 31.66 -18.05 29.45
CA ARG B 494 32.82 -18.48 28.68
C ARG B 494 33.89 -19.08 29.58
N CYS B 499 39.17 -12.95 22.70
CA CYS B 499 40.46 -12.48 23.22
C CYS B 499 41.67 -13.08 22.47
N PRO B 500 41.71 -14.40 22.24
CA PRO B 500 42.83 -14.95 21.47
C PRO B 500 42.84 -14.43 20.04
N LEU B 501 44.03 -14.33 19.47
CA LEU B 501 44.17 -13.87 18.10
C LEU B 501 43.58 -14.90 17.15
N PRO B 502 42.81 -14.47 16.14
CA PRO B 502 42.25 -15.43 15.18
C PRO B 502 43.29 -16.22 14.43
N GLU B 503 44.45 -15.62 14.14
CA GLU B 503 45.49 -16.30 13.39
C GLU B 503 46.09 -17.48 14.16
N ALA B 504 46.01 -17.47 15.49
CA ALA B 504 46.55 -18.53 16.31
C ALA B 504 45.56 -19.66 16.58
N CYS B 505 44.32 -19.53 16.11
CA CYS B 505 43.34 -20.58 16.31
C CYS B 505 43.61 -21.77 15.38
N GLU B 506 43.15 -22.94 15.81
CA GLU B 506 43.32 -24.17 15.05
C GLU B 506 41.97 -24.83 14.83
N LEU B 507 41.82 -25.47 13.68
CA LEU B 507 40.59 -26.17 13.31
C LEU B 507 40.75 -27.66 13.62
N TYR B 508 39.76 -28.23 14.29
CA TYR B 508 39.77 -29.63 14.68
C TYR B 508 38.52 -30.32 14.15
N TYR B 509 38.70 -31.55 13.66
CA TYR B 509 37.56 -32.35 13.20
C TYR B 509 36.94 -33.08 14.38
N VAL B 510 35.61 -33.18 14.37
CA VAL B 510 34.85 -33.80 15.44
C VAL B 510 34.32 -35.15 14.95
N ASN B 511 34.64 -36.21 15.68
CA ASN B 511 34.17 -37.55 15.35
C ASN B 511 32.74 -37.72 15.85
N ARG B 512 31.79 -37.86 14.92
CA ARG B 512 30.39 -37.99 15.30
C ARG B 512 30.12 -39.32 16.00
N ASP B 513 30.93 -40.34 15.73
CA ASP B 513 30.71 -41.64 16.35
C ASP B 513 30.90 -41.57 17.85
N THR B 514 31.92 -40.84 18.31
CA THR B 514 32.20 -40.68 19.73
C THR B 514 31.52 -39.46 20.33
N LEU B 515 30.82 -38.66 19.52
CA LEU B 515 30.12 -37.49 20.03
C LEU B 515 28.71 -37.81 20.53
N PHE B 516 28.06 -38.83 19.95
CA PHE B 516 26.69 -39.19 20.31
C PHE B 516 26.63 -40.50 21.10
N CYS B 517 27.73 -40.92 21.71
CA CYS B 517 27.78 -42.13 22.52
C CYS B 517 27.67 -41.83 24.01
N TYR B 518 27.06 -40.71 24.38
CA TYR B 518 26.93 -40.27 25.76
C TYR B 518 28.30 -40.16 26.42
N HIS B 519 28.70 -41.20 27.16
CA HIS B 519 30.00 -41.27 27.81
C HIS B 519 30.11 -40.10 28.79
N LYS B 520 31.32 -39.72 29.19
CA LYS B 520 31.55 -38.59 30.07
C LYS B 520 32.56 -37.65 29.42
N ALA B 521 32.37 -36.35 29.67
CA ALA B 521 33.14 -35.23 29.11
C ALA B 521 32.88 -35.06 27.62
N SER B 522 32.08 -35.92 26.99
CA SER B 522 31.67 -35.77 25.61
C SER B 522 30.24 -35.27 25.47
N GLU B 523 29.35 -35.64 26.39
CA GLU B 523 28.00 -35.09 26.39
C GLU B 523 28.03 -33.59 26.65
N VAL B 524 28.91 -33.14 27.55
CA VAL B 524 29.05 -31.71 27.82
C VAL B 524 29.49 -30.97 26.56
N PHE B 525 30.42 -31.57 25.80
CA PHE B 525 30.82 -30.99 24.53
C PHE B 525 29.66 -30.93 23.56
N LEU B 526 28.83 -31.99 23.52
CA LEU B 526 27.65 -31.97 22.66
C LEU B 526 26.67 -30.89 23.10
N GLN B 527 26.47 -30.73 24.40
CA GLN B 527 25.60 -29.67 24.89
C GLN B 527 26.17 -28.29 24.54
N ARG B 528 27.48 -28.11 24.68
CA ARG B 528 28.09 -26.85 24.30
C ARG B 528 27.97 -26.59 22.81
N LEU B 529 28.16 -27.63 21.99
CA LEU B 529 28.00 -27.48 20.55
C LEU B 529 26.55 -27.12 20.20
N MET B 530 25.59 -27.79 20.83
CA MET B 530 24.19 -27.45 20.61
C MET B 530 23.83 -26.11 21.21
N ALA B 531 24.53 -25.69 22.27
CA ALA B 531 24.32 -24.35 22.81
C ALA B 531 24.68 -23.29 21.79
N LEU B 532 25.79 -23.48 21.09
CA LEU B 532 26.14 -22.58 19.99
C LEU B 532 25.16 -22.72 18.82
N TYR B 533 24.60 -23.93 18.65
CA TYR B 533 23.67 -24.15 17.55
C TYR B 533 22.39 -23.33 17.73
N VAL B 534 21.81 -23.38 18.93
CA VAL B 534 20.52 -22.72 19.14
C VAL B 534 20.66 -21.24 19.49
N ALA B 535 21.82 -20.80 19.97
CA ALA B 535 22.01 -19.38 20.27
C ALA B 535 22.62 -18.63 19.08
N SER B 536 22.05 -18.86 17.90
CA SER B 536 22.44 -18.10 16.71
C SER B 536 21.26 -17.73 15.81
N HIS B 537 20.09 -18.34 16.01
CA HIS B 537 18.97 -18.20 15.08
C HIS B 537 17.73 -18.65 15.82
N TYR B 538 16.61 -17.96 15.56
CA TYR B 538 15.36 -18.29 16.22
C TYR B 538 14.88 -19.69 15.80
N LYS B 539 13.88 -20.19 16.53
CA LYS B 539 13.31 -21.51 16.29
C LYS B 539 14.36 -22.61 16.46
N ASN B 540 15.05 -22.96 15.37
CA ASN B 540 16.05 -24.03 15.37
C ASN B 540 15.43 -25.35 15.85
N SER B 541 14.54 -25.85 15.00
CA SER B 541 13.76 -27.04 15.35
C SER B 541 14.69 -28.19 15.71
N PRO B 542 14.33 -29.00 16.70
CA PRO B 542 15.26 -30.04 17.18
C PRO B 542 15.55 -31.14 16.18
N ASN B 543 14.85 -31.17 15.04
CA ASN B 543 15.13 -32.19 14.03
C ASN B 543 16.56 -32.10 13.50
N ASP B 544 17.21 -30.95 13.68
CA ASP B 544 18.60 -30.82 13.26
C ASP B 544 19.53 -31.71 14.08
N LEU B 545 19.13 -32.06 15.31
CA LEU B 545 19.94 -32.95 16.13
C LEU B 545 20.05 -34.33 15.47
N GLN B 546 18.94 -34.84 14.96
CA GLN B 546 18.98 -36.08 14.19
C GLN B 546 19.77 -35.89 12.91
N MET B 547 19.61 -34.73 12.27
CA MET B 547 20.44 -34.39 11.10
C MET B 547 21.92 -34.33 11.47
N LEU B 548 22.23 -33.91 12.71
CA LEU B 548 23.62 -33.79 13.12
C LEU B 548 24.27 -35.15 13.37
N SER B 549 23.47 -36.19 13.61
CA SER B 549 24.00 -37.50 13.97
C SER B 549 23.73 -38.57 12.91
N ASP B 550 22.54 -38.63 12.36
CA ASP B 550 22.15 -39.70 11.45
C ASP B 550 22.44 -39.40 9.99
N ALA B 551 22.98 -38.23 9.68
CA ALA B 551 23.28 -37.90 8.29
C ALA B 551 24.49 -38.69 7.81
N PRO B 552 24.46 -39.17 6.56
CA PRO B 552 25.60 -39.97 6.06
C PRO B 552 26.79 -39.14 5.64
N ALA B 553 26.55 -37.94 5.09
CA ALA B 553 27.62 -37.14 4.53
C ALA B 553 27.72 -35.78 5.20
N HIS B 554 27.67 -35.74 6.53
CA HIS B 554 27.79 -34.50 7.29
C HIS B 554 29.02 -34.57 8.18
N HIS B 555 29.79 -33.48 8.20
CA HIS B 555 31.02 -33.41 8.96
C HIS B 555 30.98 -32.19 9.87
N LEU B 556 31.66 -32.29 11.01
CA LEU B 556 31.69 -31.24 12.01
C LEU B 556 33.11 -30.74 12.20
N PHE B 557 33.28 -29.43 12.18
CA PHE B 557 34.56 -28.79 12.42
C PHE B 557 34.40 -27.71 13.48
N CYS B 558 35.42 -27.56 14.32
CA CYS B 558 35.39 -26.61 15.42
C CYS B 558 36.70 -25.81 15.45
N LEU B 559 36.60 -24.58 15.95
CA LEU B 559 37.74 -23.70 16.11
C LEU B 559 38.10 -23.63 17.59
N LEU B 560 39.36 -23.88 17.92
CA LEU B 560 39.80 -23.91 19.30
C LEU B 560 40.97 -22.95 19.52
N PRO B 561 41.06 -22.35 20.70
CA PRO B 561 42.19 -21.47 21.01
C PRO B 561 43.49 -22.26 21.10
N PRO B 562 44.64 -21.62 20.82
CA PRO B 562 45.94 -22.29 20.90
C PRO B 562 46.30 -22.72 22.32
N LEU B 570 38.37 -30.06 27.85
CA LEU B 570 38.12 -29.51 26.52
C LEU B 570 38.00 -27.99 26.57
N PRO B 571 38.68 -27.31 25.65
CA PRO B 571 38.62 -25.85 25.62
C PRO B 571 37.29 -25.37 25.04
N GLU B 572 37.05 -24.07 25.23
CA GLU B 572 35.82 -23.46 24.72
C GLU B 572 35.82 -23.45 23.20
N VAL B 573 34.67 -23.77 22.61
CA VAL B 573 34.52 -23.83 21.16
C VAL B 573 34.22 -22.42 20.66
N LEU B 574 35.17 -21.83 19.94
CA LEU B 574 34.97 -20.49 19.40
C LEU B 574 33.93 -20.49 18.30
N ALA B 575 34.03 -21.43 17.36
CA ALA B 575 33.09 -21.51 16.26
C ALA B 575 32.91 -22.98 15.87
N VAL B 576 31.75 -23.28 15.30
CA VAL B 576 31.41 -24.62 14.83
C VAL B 576 30.88 -24.52 13.41
N ILE B 577 31.35 -25.42 12.54
CA ILE B 577 30.95 -25.45 11.14
C ILE B 577 30.45 -26.85 10.80
N GLN B 578 29.28 -26.93 10.17
CA GLN B 578 28.71 -28.19 9.71
C GLN B 578 28.66 -28.17 8.19
N VAL B 579 29.32 -29.13 7.56
CA VAL B 579 29.47 -29.18 6.11
C VAL B 579 28.87 -30.47 5.59
N CYS B 580 28.04 -30.38 4.57
CA CYS B 580 27.41 -31.53 3.92
C CYS B 580 28.04 -31.73 2.55
N LEU B 581 28.44 -32.97 2.27
CA LEU B 581 29.05 -33.29 0.98
C LEU B 581 27.98 -33.53 -0.06
N GLU B 582 28.14 -32.91 -1.23
CA GLU B 582 27.17 -33.02 -2.31
C GLU B 582 27.89 -33.12 -3.64
N GLY B 583 27.17 -33.62 -4.64
CA GLY B 583 27.70 -33.76 -5.98
C GLY B 583 28.02 -35.21 -6.30
N GLU B 584 28.68 -35.40 -7.45
CA GLU B 584 29.05 -36.71 -7.98
C GLU B 584 27.82 -37.63 -8.01
N ILE B 585 26.76 -37.14 -8.65
CA ILE B 585 25.49 -37.86 -8.65
C ILE B 585 25.37 -38.69 -9.92
N SER B 586 25.27 -38.02 -11.07
CA SER B 586 25.05 -38.68 -12.35
C SER B 586 25.02 -37.69 -13.50
N ARG B 587 24.93 -38.20 -14.73
CA ARG B 587 24.65 -37.38 -15.91
C ARG B 587 23.39 -37.81 -16.63
N GLN B 588 23.16 -39.12 -16.78
CA GLN B 588 21.95 -39.60 -17.45
C GLN B 588 20.72 -39.35 -16.58
N SER B 589 20.80 -39.67 -15.29
CA SER B 589 19.68 -39.43 -14.39
C SER B 589 19.42 -37.94 -14.22
N ILE B 590 20.49 -37.14 -14.19
CA ILE B 590 20.32 -35.69 -14.12
C ILE B 590 19.62 -35.18 -15.38
N LEU B 591 19.99 -35.71 -16.55
CA LEU B 591 19.32 -35.33 -17.78
C LEU B 591 17.83 -35.68 -17.73
N ASN B 592 17.50 -36.86 -17.19
CA ASN B 592 16.10 -37.22 -17.00
C ASN B 592 15.45 -36.34 -15.92
N SER B 593 16.20 -35.96 -14.89
CA SER B 593 15.68 -35.09 -13.85
C SER B 593 15.43 -33.67 -14.33
N LEU B 594 16.16 -33.21 -15.35
CA LEU B 594 15.85 -31.92 -15.96
C LEU B 594 14.46 -31.93 -16.58
N SER B 595 14.02 -33.08 -17.09
CA SER B 595 12.66 -33.25 -17.55
C SER B 595 11.74 -33.50 -16.36
N ARG B 596 10.50 -33.92 -16.62
CA ARG B 596 9.56 -34.17 -15.54
C ARG B 596 9.94 -35.43 -14.77
N GLY B 597 11.00 -35.34 -13.96
CA GLY B 597 11.48 -36.47 -13.21
C GLY B 597 11.37 -36.29 -11.71
N LYS B 598 12.43 -36.62 -10.99
CA LYS B 598 12.46 -36.54 -9.53
C LYS B 598 13.71 -35.80 -9.07
N LYS B 599 13.60 -35.13 -7.92
CA LYS B 599 14.69 -34.38 -7.33
C LYS B 599 15.30 -35.08 -6.12
N ALA B 600 15.10 -36.40 -6.00
CA ALA B 600 15.63 -37.20 -4.90
C ALA B 600 15.20 -36.64 -3.55
N SER B 601 16.09 -36.71 -2.56
CA SER B 601 15.80 -36.23 -1.23
C SER B 601 16.89 -35.35 -0.64
N GLY B 602 18.01 -35.16 -1.34
CA GLY B 602 19.08 -34.31 -0.85
C GLY B 602 19.76 -33.56 -1.97
N ASP B 603 20.98 -33.10 -1.73
CA ASP B 603 21.78 -32.37 -2.72
C ASP B 603 21.02 -31.16 -3.26
N LEU B 604 20.75 -30.22 -2.35
CA LEU B 604 19.98 -29.04 -2.73
C LEU B 604 20.70 -28.21 -3.79
N ILE B 605 21.98 -27.92 -3.56
CA ILE B 605 22.74 -27.13 -4.54
C ILE B 605 22.89 -27.86 -5.87
N PRO B 606 23.31 -29.13 -5.93
CA PRO B 606 23.41 -29.79 -7.24
C PRO B 606 22.09 -29.87 -7.99
N TRP B 607 20.97 -30.03 -7.29
CA TRP B 607 19.68 -30.16 -7.96
C TRP B 607 19.04 -28.81 -8.28
N THR B 608 19.60 -27.71 -7.78
CA THR B 608 19.08 -26.37 -8.07
C THR B 608 19.88 -25.66 -9.16
N VAL B 609 21.20 -25.68 -9.06
CA VAL B 609 22.03 -25.03 -10.08
C VAL B 609 21.87 -25.72 -11.42
N SER B 610 21.87 -27.06 -11.42
CA SER B 610 21.68 -27.80 -12.67
C SER B 610 20.30 -27.55 -13.27
N GLU B 611 19.27 -27.52 -12.43
CA GLU B 611 17.92 -27.27 -12.92
C GLU B 611 17.77 -25.86 -13.47
N GLN B 612 18.35 -24.87 -12.80
CA GLN B 612 18.20 -23.48 -13.23
C GLN B 612 19.06 -23.13 -14.43
N PHE B 613 20.25 -23.73 -14.56
CA PHE B 613 21.17 -23.40 -15.64
C PHE B 613 21.20 -24.45 -16.73
N GLN B 614 20.46 -25.55 -16.58
CA GLN B 614 20.41 -26.62 -17.59
C GLN B 614 21.80 -27.13 -17.93
N ASP B 615 22.61 -27.35 -16.90
CA ASP B 615 23.98 -27.85 -17.06
C ASP B 615 24.10 -29.22 -16.40
N PRO B 616 23.98 -30.32 -17.15
CA PRO B 616 24.09 -31.64 -16.53
C PRO B 616 25.47 -31.97 -16.00
N ASP B 617 26.52 -31.27 -16.44
CA ASP B 617 27.87 -31.58 -16.01
C ASP B 617 28.20 -31.02 -14.63
N PHE B 618 27.35 -30.16 -14.08
CA PHE B 618 27.63 -29.60 -12.76
C PHE B 618 27.46 -30.64 -11.65
N GLY B 619 26.53 -31.58 -11.82
CA GLY B 619 26.27 -32.57 -10.79
C GLY B 619 27.37 -33.60 -10.62
N GLY B 620 28.22 -33.79 -11.63
CA GLY B 620 29.31 -34.73 -11.52
C GLY B 620 30.49 -34.26 -10.70
N LEU B 621 30.56 -32.98 -10.39
CA LEU B 621 31.67 -32.44 -9.61
C LEU B 621 31.50 -32.78 -8.12
N SER B 622 32.60 -32.69 -7.39
CA SER B 622 32.62 -32.93 -5.95
C SER B 622 32.53 -31.59 -5.23
N GLY B 623 31.52 -31.44 -4.36
CA GLY B 623 31.30 -30.19 -3.67
C GLY B 623 30.93 -30.41 -2.22
N GLY B 624 30.97 -29.32 -1.46
CA GLY B 624 30.58 -29.34 -0.07
C GLY B 624 29.71 -28.14 0.29
N ARG B 625 28.57 -28.39 0.92
CA ARG B 625 27.63 -27.35 1.30
C ARG B 625 27.79 -27.05 2.78
N VAL B 626 28.03 -25.78 3.11
CA VAL B 626 28.13 -25.35 4.51
C VAL B 626 26.73 -25.18 5.06
N VAL B 627 26.22 -26.24 5.72
CA VAL B 627 24.85 -26.20 6.22
C VAL B 627 24.72 -25.19 7.35
N ARG B 628 25.62 -25.24 8.32
CA ARG B 628 25.55 -24.36 9.48
C ARG B 628 26.94 -23.86 9.84
N ILE B 629 27.02 -22.57 10.14
CA ILE B 629 28.21 -21.94 10.71
C ILE B 629 27.77 -21.00 11.82
N ALA B 630 28.52 -20.98 12.92
CA ALA B 630 28.14 -20.18 14.07
C ALA B 630 29.36 -19.93 14.94
N VAL B 631 29.66 -18.66 15.18
CA VAL B 631 30.71 -18.26 16.10
C VAL B 631 30.06 -17.91 17.43
N HIS B 632 30.85 -17.91 18.49
CA HIS B 632 30.32 -17.60 19.81
C HIS B 632 29.83 -16.15 19.85
N PRO B 633 28.70 -15.89 20.50
CA PRO B 633 28.16 -14.52 20.51
C PRO B 633 29.08 -13.50 21.15
N ASP B 634 29.98 -13.92 22.04
CA ASP B 634 30.84 -12.99 22.76
C ASP B 634 32.03 -12.53 21.93
N TYR B 635 32.33 -13.17 20.80
CA TYR B 635 33.47 -12.81 19.97
C TYR B 635 33.07 -12.64 18.50
N GLN B 636 31.84 -12.20 18.26
CA GLN B 636 31.42 -11.93 16.88
C GLN B 636 32.13 -10.71 16.32
N GLY B 637 32.45 -10.77 15.03
CA GLY B 637 33.12 -9.67 14.37
C GLY B 637 34.61 -9.60 14.57
N MET B 638 35.21 -10.57 15.25
CA MET B 638 36.64 -10.56 15.51
C MET B 638 37.46 -11.30 14.44
N GLY B 639 36.80 -11.96 13.49
CA GLY B 639 37.49 -12.67 12.44
C GLY B 639 37.59 -14.17 12.64
N TYR B 640 37.01 -14.71 13.72
CA TYR B 640 37.06 -16.16 13.94
C TYR B 640 36.30 -16.91 12.85
N GLY B 641 35.14 -16.39 12.44
CA GLY B 641 34.38 -17.05 11.40
C GLY B 641 35.11 -17.07 10.07
N SER B 642 35.73 -15.96 9.70
CA SER B 642 36.50 -15.90 8.46
C SER B 642 37.69 -16.85 8.51
N ARG B 643 38.39 -16.89 9.65
CA ARG B 643 39.53 -17.80 9.79
C ARG B 643 39.09 -19.25 9.73
N ALA B 644 37.96 -19.58 10.36
CA ALA B 644 37.45 -20.94 10.32
C ALA B 644 37.06 -21.33 8.90
N LEU B 645 36.41 -20.42 8.17
CA LEU B 645 36.08 -20.68 6.78
C LEU B 645 37.35 -20.84 5.93
N GLN B 646 38.35 -19.99 6.17
CA GLN B 646 39.60 -20.09 5.44
C GLN B 646 40.30 -21.42 5.72
N LEU B 647 40.32 -21.83 7.00
CA LEU B 647 40.98 -23.08 7.36
C LEU B 647 40.29 -24.28 6.70
N LEU B 648 38.96 -24.26 6.64
CA LEU B 648 38.23 -25.34 5.98
C LEU B 648 38.54 -25.38 4.48
N GLN B 649 38.73 -24.21 3.86
CA GLN B 649 39.00 -24.17 2.44
C GLN B 649 40.32 -24.85 2.09
N MET B 650 41.38 -24.55 2.85
CA MET B 650 42.67 -25.16 2.54
C MET B 650 42.72 -26.62 2.95
N TYR B 651 41.95 -27.00 3.97
CA TYR B 651 41.88 -28.42 4.35
C TYR B 651 41.29 -29.25 3.22
N TYR B 652 40.22 -28.76 2.58
CA TYR B 652 39.62 -29.47 1.47
C TYR B 652 40.42 -29.34 0.18
N GLU B 653 41.28 -28.31 0.08
CA GLU B 653 42.10 -28.16 -1.11
C GLU B 653 43.24 -29.16 -1.15
N GLY B 654 43.81 -29.49 0.01
CA GLY B 654 44.89 -30.45 0.07
C GLY B 654 46.17 -29.89 0.66
N ARG B 655 46.05 -28.87 1.50
CA ARG B 655 47.21 -28.23 2.13
C ARG B 655 47.58 -28.86 3.47
N PHE B 656 46.90 -29.92 3.88
CA PHE B 656 47.19 -30.64 5.12
C PHE B 656 47.37 -32.11 4.79
N PRO B 657 48.54 -32.51 4.28
CA PRO B 657 48.77 -33.92 3.98
C PRO B 657 48.77 -34.77 5.24
N CYS B 658 48.32 -36.01 5.08
CA CYS B 658 48.24 -36.96 6.19
C CYS B 658 49.60 -37.63 6.34
N LEU B 659 50.53 -36.91 6.97
CA LEU B 659 51.87 -37.41 7.19
C LEU B 659 51.91 -38.41 8.35
N GLU B 682 17.26 -58.60 29.56
CA GLU B 682 18.27 -58.44 30.61
C GLU B 682 19.68 -58.34 30.02
N GLU B 683 20.68 -58.56 30.87
CA GLU B 683 22.08 -58.53 30.48
C GLU B 683 22.45 -57.17 29.84
N VAL B 684 22.36 -56.13 30.68
CA VAL B 684 22.73 -54.79 30.22
C VAL B 684 24.23 -54.72 29.97
N ILE B 685 24.62 -53.72 29.18
CA ILE B 685 26.01 -53.56 28.77
C ILE B 685 26.44 -52.11 28.98
N THR B 686 27.75 -51.91 29.06
CA THR B 686 28.31 -50.58 29.20
C THR B 686 28.06 -49.76 27.95
N PRO B 687 27.92 -48.43 28.09
CA PRO B 687 27.66 -47.58 26.91
C PRO B 687 28.70 -47.74 25.81
N ARG B 688 29.97 -47.48 26.13
CA ARG B 688 31.03 -47.58 25.13
C ARG B 688 32.38 -47.48 25.82
N LYS B 689 33.37 -48.16 25.25
CA LYS B 689 34.76 -48.05 25.67
C LYS B 689 35.72 -47.82 24.52
N ASP B 690 35.39 -48.23 23.30
CA ASP B 690 36.19 -48.00 22.12
C ASP B 690 35.97 -46.59 21.57
N LEU B 691 36.38 -46.37 20.30
CA LEU B 691 36.19 -45.19 19.47
C LEU B 691 37.34 -44.21 19.64
N PRO B 692 37.70 -43.47 18.60
CA PRO B 692 38.84 -42.55 18.68
C PRO B 692 38.53 -41.35 19.56
N PRO B 693 39.54 -40.54 19.88
CA PRO B 693 39.28 -39.34 20.70
C PRO B 693 38.31 -38.38 20.02
N LEU B 694 37.73 -37.50 20.84
CA LEU B 694 36.67 -36.62 20.37
C LEU B 694 37.18 -35.66 19.28
N LEU B 695 38.37 -35.10 19.47
CA LEU B 695 38.91 -34.11 18.55
C LEU B 695 40.12 -34.68 17.82
N LEU B 696 40.16 -34.50 16.51
CA LEU B 696 41.24 -34.97 15.66
C LEU B 696 41.84 -33.81 14.90
N LYS B 697 43.17 -33.77 14.81
CA LYS B 697 43.85 -32.72 14.07
C LYS B 697 43.59 -32.85 12.58
N LEU B 698 43.66 -31.72 11.87
CA LEU B 698 43.43 -31.72 10.44
C LEU B 698 44.53 -32.46 9.67
N ASN B 699 45.68 -32.67 10.28
CA ASN B 699 46.78 -33.38 9.64
C ASN B 699 46.66 -34.89 9.76
N GLU B 700 45.71 -35.39 10.56
CA GLU B 700 45.52 -36.82 10.75
C GLU B 700 44.27 -37.35 10.08
N ARG B 701 43.58 -36.54 9.27
CA ARG B 701 42.37 -36.95 8.59
C ARG B 701 42.49 -36.58 7.12
N PRO B 702 42.48 -37.55 6.21
CA PRO B 702 42.55 -37.21 4.78
C PRO B 702 41.30 -36.48 4.30
N ALA B 703 41.48 -35.61 3.32
CA ALA B 703 40.39 -34.83 2.76
C ALA B 703 39.73 -35.59 1.61
N GLU B 704 38.56 -35.09 1.21
CA GLU B 704 37.79 -35.69 0.13
C GLU B 704 38.10 -35.08 -1.23
N ARG B 705 38.98 -34.08 -1.29
CA ARG B 705 39.37 -33.41 -2.53
C ARG B 705 38.17 -32.84 -3.26
N LEU B 706 37.48 -31.91 -2.60
CA LEU B 706 36.33 -31.26 -3.19
C LEU B 706 36.74 -30.29 -4.28
N ASP B 707 35.85 -30.08 -5.24
CA ASP B 707 36.10 -29.17 -6.36
C ASP B 707 35.53 -27.78 -6.13
N TYR B 708 34.47 -27.65 -5.34
CA TYR B 708 33.85 -26.36 -5.09
C TYR B 708 33.19 -26.37 -3.72
N LEU B 709 32.94 -25.18 -3.20
CA LEU B 709 32.27 -24.99 -1.92
C LEU B 709 31.02 -24.17 -2.13
N GLY B 710 29.90 -24.63 -1.56
CA GLY B 710 28.64 -23.95 -1.72
C GLY B 710 27.95 -23.66 -0.40
N VAL B 711 26.97 -22.76 -0.41
CA VAL B 711 26.21 -22.41 0.79
C VAL B 711 24.84 -21.88 0.38
N SER B 712 23.80 -22.36 1.07
CA SER B 712 22.44 -21.88 0.88
C SER B 712 21.99 -21.22 2.17
N TYR B 713 21.53 -19.97 2.07
CA TYR B 713 21.16 -19.20 3.24
C TYR B 713 20.11 -18.16 2.83
N GLY B 714 19.68 -17.36 3.80
CA GLY B 714 18.71 -16.30 3.57
C GLY B 714 19.43 -14.98 3.36
N LEU B 715 19.00 -14.25 2.32
CA LEU B 715 19.68 -13.03 1.93
C LEU B 715 19.65 -12.00 3.06
N THR B 716 20.80 -11.39 3.33
CA THR B 716 20.95 -10.37 4.36
C THR B 716 22.15 -9.50 4.00
N PRO B 717 22.02 -8.17 4.05
CA PRO B 717 23.15 -7.31 3.66
C PRO B 717 24.42 -7.57 4.45
N ARG B 718 24.30 -7.85 5.75
CA ARG B 718 25.49 -8.18 6.53
C ARG B 718 26.00 -9.57 6.19
N LEU B 719 25.10 -10.54 6.02
CA LEU B 719 25.52 -11.89 5.64
C LEU B 719 26.08 -11.92 4.23
N LEU B 720 25.51 -11.12 3.32
CA LEU B 720 26.01 -11.07 1.96
C LEU B 720 27.44 -10.55 1.92
N LYS B 721 27.75 -9.53 2.72
CA LYS B 721 29.10 -9.00 2.76
C LYS B 721 30.08 -10.03 3.31
N PHE B 722 29.67 -10.75 4.37
CA PHE B 722 30.55 -11.74 4.98
C PHE B 722 30.85 -12.89 4.02
N TRP B 723 29.82 -13.42 3.37
CA TRP B 723 30.02 -14.54 2.45
C TRP B 723 30.82 -14.12 1.23
N LYS B 724 30.56 -12.92 0.71
CA LYS B 724 31.30 -12.44 -0.45
C LYS B 724 32.77 -12.20 -0.10
N ARG B 725 33.04 -11.68 1.10
CA ARG B 725 34.42 -11.47 1.53
C ARG B 725 35.17 -12.79 1.65
N ALA B 726 34.47 -13.87 1.99
CA ALA B 726 35.12 -15.18 2.04
C ALA B 726 35.56 -15.64 0.67
N GLY B 727 34.86 -15.21 -0.38
CA GLY B 727 35.22 -15.57 -1.74
C GLY B 727 34.13 -16.33 -2.48
N PHE B 728 32.88 -16.14 -2.05
CA PHE B 728 31.75 -16.80 -2.67
C PHE B 728 31.09 -15.90 -3.70
N VAL B 729 30.53 -16.53 -4.74
CA VAL B 729 29.91 -15.84 -5.86
C VAL B 729 28.45 -16.26 -5.91
N PRO B 730 27.50 -15.33 -5.94
CA PRO B 730 26.08 -15.72 -6.02
C PRO B 730 25.80 -16.48 -7.31
N VAL B 731 24.96 -17.51 -7.20
CA VAL B 731 24.61 -18.34 -8.36
C VAL B 731 23.10 -18.40 -8.51
N TYR B 732 22.37 -18.26 -7.41
CA TYR B 732 20.93 -18.41 -7.42
C TYR B 732 20.30 -17.49 -6.38
N LEU B 733 19.10 -17.01 -6.69
CA LEU B 733 18.32 -16.19 -5.75
C LEU B 733 16.85 -16.47 -6.00
N ARG B 734 16.16 -16.98 -4.98
CA ARG B 734 14.76 -17.35 -5.13
C ARG B 734 13.89 -16.10 -5.26
N GLN B 735 12.99 -16.11 -6.24
CA GLN B 735 12.13 -14.96 -6.47
C GLN B 735 11.06 -14.85 -5.38
N THR B 736 10.42 -15.95 -5.02
CA THR B 736 9.36 -15.92 -4.04
C THR B 736 9.95 -15.75 -2.64
N PRO B 737 9.52 -14.74 -1.88
CA PRO B 737 10.05 -14.57 -0.52
C PRO B 737 9.69 -15.77 0.36
N ASN B 738 10.62 -16.14 1.22
CA ASN B 738 10.38 -17.25 2.14
C ASN B 738 9.41 -16.79 3.24
N ASP B 739 8.60 -17.74 3.72
CA ASP B 739 7.67 -17.45 4.80
C ASP B 739 8.42 -17.03 6.04
N LEU B 740 7.97 -15.92 6.64
CA LEU B 740 8.57 -15.33 7.83
C LEU B 740 9.95 -14.76 7.56
N THR B 741 10.33 -13.72 8.30
CA THR B 741 11.63 -13.06 8.26
C THR B 741 11.84 -12.26 6.98
N GLY B 742 10.92 -12.38 6.02
CA GLY B 742 10.95 -11.58 4.81
C GLY B 742 12.25 -11.66 4.03
N GLU B 743 12.77 -12.86 3.84
CA GLU B 743 14.07 -13.06 3.20
C GLU B 743 13.94 -14.02 2.04
N HIS B 744 14.83 -13.87 1.06
CA HIS B 744 14.89 -14.72 -0.11
C HIS B 744 16.07 -15.68 -0.02
N SER B 745 15.85 -16.93 -0.40
CA SER B 745 16.91 -17.93 -0.37
C SER B 745 17.96 -17.61 -1.42
N CYS B 746 19.22 -17.64 -1.01
CA CYS B 746 20.35 -17.34 -1.89
C CYS B 746 21.33 -18.51 -1.86
N ILE B 747 21.86 -18.87 -3.03
CA ILE B 747 22.82 -19.95 -3.16
C ILE B 747 24.11 -19.36 -3.73
N MET B 748 25.23 -19.59 -3.04
CA MET B 748 26.52 -19.10 -3.45
C MET B 748 27.45 -20.27 -3.72
N LEU B 749 28.37 -20.08 -4.67
CA LEU B 749 29.34 -21.10 -5.04
C LEU B 749 30.73 -20.48 -5.09
N LYS B 750 31.74 -21.29 -4.77
CA LYS B 750 33.13 -20.87 -4.80
C LYS B 750 33.99 -22.01 -5.30
N THR B 751 34.81 -21.75 -6.30
CA THR B 751 35.70 -22.78 -6.83
C THR B 751 36.88 -23.01 -5.91
N LEU B 752 37.41 -24.23 -5.95
CA LEU B 752 38.56 -24.63 -5.14
C LEU B 752 39.68 -25.08 -6.05
N THR B 753 40.87 -24.51 -5.85
CA THR B 753 42.03 -24.86 -6.65
C THR B 753 43.29 -24.92 -5.78
N GLY B 761 35.79 -20.14 -12.39
CA GLY B 761 36.76 -20.83 -13.22
C GLY B 761 36.13 -21.75 -14.25
N GLY B 762 35.91 -21.21 -15.45
CA GLY B 762 35.31 -21.99 -16.51
C GLY B 762 33.80 -22.04 -16.44
N TRP B 763 33.27 -22.82 -15.49
CA TRP B 763 31.82 -22.93 -15.33
C TRP B 763 31.27 -21.90 -14.34
N LEU B 764 32.06 -21.51 -13.34
CA LEU B 764 31.58 -20.49 -12.40
C LEU B 764 31.38 -19.15 -13.08
N ALA B 765 32.29 -18.77 -13.99
CA ALA B 765 32.14 -17.51 -14.71
C ALA B 765 30.90 -17.51 -15.58
N ALA B 766 30.62 -18.63 -16.27
CA ALA B 766 29.43 -18.72 -17.08
C ALA B 766 28.17 -18.66 -16.22
N PHE B 767 28.17 -19.34 -15.08
CA PHE B 767 27.03 -19.29 -14.18
C PHE B 767 26.84 -17.89 -13.61
N TRP B 768 27.94 -17.22 -13.26
CA TRP B 768 27.85 -15.87 -12.72
C TRP B 768 27.30 -14.90 -13.76
N LYS B 769 27.76 -15.01 -15.00
CA LYS B 769 27.25 -14.13 -16.05
C LYS B 769 25.77 -14.38 -16.32
N ASP B 770 25.35 -15.65 -16.35
CA ASP B 770 23.94 -15.96 -16.58
C ASP B 770 23.07 -15.45 -15.43
N PHE B 771 23.54 -15.61 -14.19
CA PHE B 771 22.79 -15.11 -13.04
C PHE B 771 22.67 -13.59 -13.08
N ARG B 772 23.75 -12.91 -13.45
CA ARG B 772 23.71 -11.44 -13.53
C ARG B 772 22.72 -10.97 -14.58
N ARG B 773 22.68 -11.63 -15.74
CA ARG B 773 21.73 -11.27 -16.79
C ARG B 773 20.31 -11.49 -16.32
N ARG B 774 20.04 -12.61 -15.64
CA ARG B 774 18.70 -12.89 -15.15
C ARG B 774 18.29 -11.90 -14.06
N PHE B 775 19.23 -11.53 -13.19
CA PHE B 775 18.92 -10.63 -12.09
C PHE B 775 18.52 -9.25 -12.60
N LEU B 776 19.10 -8.81 -13.71
CA LEU B 776 18.75 -7.50 -14.27
C LEU B 776 17.29 -7.46 -14.69
N ALA B 777 16.81 -8.52 -15.35
CA ALA B 777 15.41 -8.57 -15.77
C ALA B 777 14.48 -8.90 -14.62
N LEU B 778 14.96 -9.63 -13.61
CA LEU B 778 14.13 -10.02 -12.48
C LEU B 778 14.04 -8.97 -11.40
N LEU B 779 14.71 -7.82 -11.56
CA LEU B 779 14.70 -6.77 -10.56
C LEU B 779 13.38 -6.02 -10.57
N SER B 780 12.52 -6.29 -11.55
CA SER B 780 11.26 -5.60 -11.71
C SER B 780 10.05 -6.40 -11.27
N TYR B 781 10.19 -7.69 -11.00
CA TYR B 781 9.06 -8.52 -10.62
C TYR B 781 8.90 -8.61 -9.10
N GLN B 782 9.93 -9.14 -8.42
CA GLN B 782 9.89 -9.28 -6.97
C GLN B 782 11.09 -8.68 -6.26
N PHE B 783 12.17 -8.37 -6.96
CA PHE B 783 13.34 -7.75 -6.35
C PHE B 783 13.28 -6.22 -6.36
N SER B 784 12.17 -5.64 -6.81
CA SER B 784 12.03 -4.19 -6.79
C SER B 784 12.01 -3.65 -5.36
N THR B 785 11.52 -4.44 -4.40
CA THR B 785 11.51 -4.01 -3.01
C THR B 785 12.90 -4.01 -2.38
N PHE B 786 13.90 -4.58 -3.05
CA PHE B 786 15.25 -4.60 -2.51
C PHE B 786 15.83 -3.19 -2.46
N SER B 787 16.66 -2.95 -1.45
CA SER B 787 17.36 -1.68 -1.36
C SER B 787 18.35 -1.54 -2.51
N PRO B 788 18.55 -0.34 -3.04
CA PRO B 788 19.52 -0.17 -4.14
C PRO B 788 20.93 -0.61 -3.78
N SER B 789 21.34 -0.38 -2.53
CA SER B 789 22.67 -0.82 -2.10
C SER B 789 22.78 -2.34 -2.11
N LEU B 790 21.75 -3.03 -1.63
CA LEU B 790 21.78 -4.49 -1.60
C LEU B 790 21.83 -5.06 -3.01
N ALA B 791 21.00 -4.54 -3.91
CA ALA B 791 21.01 -5.03 -5.30
C ALA B 791 22.33 -4.72 -5.99
N LEU B 792 22.90 -3.54 -5.73
CA LEU B 792 24.19 -3.18 -6.32
C LEU B 792 25.28 -4.12 -5.82
N ASN B 793 25.25 -4.46 -4.53
CA ASN B 793 26.26 -5.37 -3.99
C ASN B 793 26.17 -6.75 -4.63
N ILE B 794 24.95 -7.23 -4.86
CA ILE B 794 24.78 -8.52 -5.53
C ILE B 794 25.27 -8.45 -6.98
N ILE B 795 25.04 -7.32 -7.64
CA ILE B 795 25.39 -7.19 -9.05
C ILE B 795 26.90 -7.22 -9.24
N GLN B 796 27.65 -6.52 -8.41
CA GLN B 796 29.09 -6.35 -8.58
C GLN B 796 29.85 -7.24 -7.60
N ASN B 797 30.81 -7.99 -8.12
CA ASN B 797 31.66 -8.84 -7.30
C ASN B 797 33.11 -8.68 -7.75
N ARG B 798 34.03 -8.79 -6.79
CA ARG B 798 35.46 -8.64 -7.09
C ARG B 798 36.15 -9.96 -7.41
N ASN B 799 35.51 -11.10 -7.12
CA ASN B 799 36.14 -12.38 -7.44
C ASN B 799 36.12 -12.67 -8.93
N MET B 800 35.09 -12.19 -9.64
CA MET B 800 34.93 -12.44 -11.06
C MET B 800 35.32 -11.19 -11.85
N GLY B 801 36.06 -11.38 -12.94
CA GLY B 801 36.47 -10.29 -13.79
C GLY B 801 35.39 -9.87 -14.76
N LYS B 802 35.73 -8.89 -15.60
CA LYS B 802 34.81 -8.35 -16.60
C LYS B 802 35.35 -8.63 -18.00
N PRO B 803 34.85 -9.65 -18.68
CA PRO B 803 35.34 -9.96 -20.04
C PRO B 803 34.55 -9.24 -21.12
N ALA B 804 33.83 -8.18 -20.75
CA ALA B 804 32.94 -7.45 -21.65
C ALA B 804 33.60 -6.18 -22.19
N GLN B 805 34.90 -6.23 -22.46
CA GLN B 805 35.62 -5.06 -22.96
C GLN B 805 35.01 -4.43 -24.21
N PRO B 806 34.55 -5.18 -25.23
CA PRO B 806 33.96 -4.52 -26.40
C PRO B 806 32.77 -3.65 -26.03
N ALA B 807 32.64 -2.51 -26.73
CA ALA B 807 31.64 -1.51 -26.42
C ALA B 807 30.33 -1.82 -27.14
N LEU B 808 29.39 -0.86 -27.11
CA LEU B 808 28.08 -1.07 -27.70
C LEU B 808 28.14 -1.06 -29.22
N SER B 809 29.03 -0.24 -29.80
CA SER B 809 29.18 -0.07 -31.24
C SER B 809 27.96 0.62 -31.86
N ARG B 810 28.17 1.29 -33.00
CA ARG B 810 27.07 2.04 -33.62
C ARG B 810 25.99 1.11 -34.17
N GLU B 811 26.34 -0.13 -34.50
CA GLU B 811 25.35 -1.05 -35.05
C GLU B 811 24.27 -1.36 -34.03
N GLU B 812 24.66 -1.66 -32.79
CA GLU B 812 23.68 -1.95 -31.75
C GLU B 812 23.01 -0.68 -31.24
N LEU B 813 23.72 0.45 -31.25
CA LEU B 813 23.14 1.70 -30.78
C LEU B 813 21.95 2.13 -31.64
N GLU B 814 22.09 2.01 -32.97
CA GLU B 814 21.00 2.37 -33.86
C GLU B 814 19.86 1.36 -33.79
N ALA B 815 20.17 0.08 -33.61
CA ALA B 815 19.13 -0.94 -33.54
C ALA B 815 18.30 -0.79 -32.27
N LEU B 816 18.95 -0.48 -31.15
CA LEU B 816 18.25 -0.35 -29.87
C LEU B 816 17.57 0.99 -29.70
N PHE B 817 18.21 2.08 -30.13
CA PHE B 817 17.68 3.43 -29.97
C PHE B 817 17.44 4.04 -31.33
N LEU B 818 16.24 4.60 -31.53
CA LEU B 818 15.91 5.28 -32.76
C LEU B 818 16.68 6.60 -32.85
N PRO B 819 16.91 7.10 -34.07
CA PRO B 819 17.62 8.39 -34.21
C PRO B 819 16.91 9.54 -33.51
N TYR B 820 15.58 9.53 -33.51
CA TYR B 820 14.84 10.56 -32.77
C TYR B 820 15.00 10.39 -31.26
N ASP B 821 15.08 9.16 -30.78
CA ASP B 821 15.32 8.93 -29.36
C ASP B 821 16.68 9.46 -28.94
N LEU B 822 17.70 9.24 -29.77
CA LEU B 822 19.02 9.79 -29.48
C LEU B 822 19.01 11.31 -29.49
N LYS B 823 18.26 11.90 -30.43
CA LYS B 823 18.14 13.35 -30.48
C LYS B 823 17.49 13.89 -29.22
N ARG B 824 16.46 13.21 -28.72
CA ARG B 824 15.82 13.63 -27.47
C ARG B 824 16.78 13.54 -26.30
N LEU B 825 17.57 12.46 -26.23
CA LEU B 825 18.54 12.31 -25.16
C LEU B 825 19.62 13.38 -25.24
N GLU B 826 20.12 13.66 -26.46
CA GLU B 826 21.09 14.73 -26.63
C GLU B 826 20.49 16.08 -26.30
N MET B 827 19.24 16.30 -26.70
CA MET B 827 18.59 17.58 -26.43
C MET B 827 18.41 17.79 -24.93
N TYR B 828 18.14 16.73 -24.18
CA TYR B 828 17.93 16.84 -22.74
C TYR B 828 19.20 17.34 -22.04
N SER B 829 20.37 16.97 -22.56
CA SER B 829 21.62 17.24 -21.88
C SER B 829 22.09 18.69 -22.01
N ARG B 830 21.42 19.51 -22.82
CA ARG B 830 21.86 20.88 -23.05
C ARG B 830 20.92 21.94 -22.50
N ASN B 831 19.63 21.65 -22.40
CA ASN B 831 18.63 22.57 -21.86
C ASN B 831 17.83 21.88 -20.76
N MET B 832 18.55 21.30 -19.81
CA MET B 832 18.06 20.34 -18.82
C MET B 832 16.67 20.71 -18.31
N VAL B 833 15.74 19.78 -18.46
CA VAL B 833 14.31 20.01 -18.21
C VAL B 833 13.76 18.83 -17.43
N ASP B 834 12.44 18.79 -17.25
CA ASP B 834 11.80 17.69 -16.55
C ASP B 834 12.18 16.35 -17.17
N TYR B 835 12.44 15.37 -16.33
CA TYR B 835 12.99 14.09 -16.76
C TYR B 835 11.94 13.15 -17.34
N HIS B 836 10.66 13.50 -17.27
CA HIS B 836 9.63 12.60 -17.78
C HIS B 836 9.68 12.43 -19.29
N LEU B 837 10.36 13.35 -20.00
CA LEU B 837 10.45 13.22 -21.45
C LEU B 837 11.30 12.04 -21.87
N ILE B 838 12.33 11.69 -21.09
CA ILE B 838 13.27 10.65 -21.44
C ILE B 838 13.18 9.45 -20.50
N MET B 839 12.07 9.30 -19.77
CA MET B 839 11.91 8.17 -18.87
C MET B 839 11.75 6.85 -19.61
N ASP B 840 11.36 6.88 -20.89
CA ASP B 840 11.22 5.66 -21.66
C ASP B 840 12.58 5.06 -22.06
N MET B 841 13.65 5.86 -22.00
CA MET B 841 14.98 5.40 -22.38
C MET B 841 15.82 4.94 -21.19
N ILE B 842 15.43 5.32 -19.96
CA ILE B 842 16.22 4.96 -18.80
C ILE B 842 16.32 3.46 -18.59
N PRO B 843 15.22 2.68 -18.64
CA PRO B 843 15.38 1.22 -18.45
C PRO B 843 16.30 0.57 -19.46
N ALA B 844 16.30 1.04 -20.70
CA ALA B 844 17.20 0.48 -21.70
C ALA B 844 18.65 0.89 -21.43
N ILE B 845 18.85 2.14 -21.02
CA ILE B 845 20.21 2.62 -20.73
C ILE B 845 20.78 1.87 -19.53
N SER B 846 19.96 1.69 -18.48
CA SER B 846 20.42 0.96 -17.31
C SER B 846 20.72 -0.50 -17.64
N ARG B 847 19.91 -1.12 -18.50
CA ARG B 847 20.14 -2.51 -18.88
C ARG B 847 21.46 -2.68 -19.60
N ILE B 848 21.78 -1.77 -20.53
CA ILE B 848 23.01 -1.89 -21.31
C ILE B 848 24.23 -1.35 -20.57
N TYR B 849 24.03 -0.67 -19.44
CA TYR B 849 25.16 -0.21 -18.64
C TYR B 849 25.63 -1.28 -17.66
N PHE B 850 24.70 -1.94 -16.97
CA PHE B 850 25.05 -3.00 -16.05
C PHE B 850 25.49 -4.27 -16.76
N LEU B 851 25.32 -4.34 -18.09
CA LEU B 851 25.85 -5.44 -18.89
C LEU B 851 27.28 -5.19 -19.34
N ASN B 852 27.89 -4.10 -18.87
CA ASN B 852 29.28 -3.75 -19.21
C ASN B 852 29.46 -3.57 -20.72
N GLN B 853 28.49 -2.93 -21.36
CA GLN B 853 28.60 -2.57 -22.77
C GLN B 853 28.72 -1.08 -22.98
N LEU B 854 28.72 -0.28 -21.92
CA LEU B 854 28.82 1.17 -22.00
C LEU B 854 30.17 1.68 -21.51
N GLY B 855 31.23 0.91 -21.74
CA GLY B 855 32.55 1.31 -21.26
C GLY B 855 32.60 1.35 -19.75
N ASP B 856 33.12 2.45 -19.20
CA ASP B 856 33.23 2.64 -17.77
C ASP B 856 32.38 3.81 -17.27
N LEU B 857 32.51 4.97 -17.89
CA LEU B 857 31.76 6.21 -17.60
C LEU B 857 32.14 6.82 -16.25
N ALA B 858 33.01 6.17 -15.47
CA ALA B 858 33.45 6.69 -14.16
C ALA B 858 32.27 7.01 -13.26
N LEU B 859 31.26 6.15 -13.27
CA LEU B 859 30.09 6.34 -12.43
C LEU B 859 30.41 6.00 -10.98
N SER B 860 29.97 6.86 -10.07
CA SER B 860 30.21 6.67 -8.65
C SER B 860 29.19 5.67 -8.07
N ALA B 861 29.38 5.32 -6.81
CA ALA B 861 28.46 4.39 -6.15
C ALA B 861 27.06 4.97 -6.04
N ALA B 862 26.96 6.25 -5.69
CA ALA B 862 25.65 6.90 -5.60
C ALA B 862 24.99 6.98 -6.98
N GLN B 863 25.77 7.32 -8.01
CA GLN B 863 25.22 7.38 -9.36
C GLN B 863 24.77 6.02 -9.84
N SER B 864 25.56 4.97 -9.55
CA SER B 864 25.19 3.63 -9.96
C SER B 864 23.92 3.16 -9.25
N ALA B 865 23.79 3.47 -7.96
CA ALA B 865 22.59 3.10 -7.22
C ALA B 865 21.37 3.83 -7.76
N LEU B 866 21.51 5.11 -8.10
CA LEU B 866 20.40 5.87 -8.66
C LEU B 866 19.98 5.30 -10.00
N LEU B 867 20.94 4.95 -10.86
CA LEU B 867 20.61 4.36 -12.16
C LEU B 867 19.90 3.02 -12.00
N LEU B 868 20.36 2.19 -11.06
CA LEU B 868 19.73 0.89 -10.85
C LEU B 868 18.29 1.04 -10.36
N GLY B 869 18.06 1.93 -9.40
CA GLY B 869 16.72 2.08 -8.87
C GLY B 869 15.73 2.64 -9.88
N ILE B 870 16.13 3.68 -10.61
CA ILE B 870 15.22 4.30 -11.57
C ILE B 870 14.97 3.38 -12.76
N GLY B 871 16.04 2.78 -13.29
CA GLY B 871 15.92 1.98 -14.50
C GLY B 871 15.43 0.57 -14.28
N LEU B 872 16.19 -0.22 -13.52
CA LEU B 872 15.85 -1.63 -13.36
C LEU B 872 14.66 -1.82 -12.42
N GLN B 873 14.64 -1.08 -11.31
CA GLN B 873 13.58 -1.23 -10.32
C GLN B 873 12.36 -0.34 -10.60
N HIS B 874 12.46 0.56 -11.56
CA HIS B 874 11.37 1.48 -11.91
C HIS B 874 10.88 2.26 -10.69
N LYS B 875 11.83 2.70 -9.86
CA LYS B 875 11.51 3.44 -8.65
C LYS B 875 11.46 4.93 -8.95
N SER B 876 10.47 5.60 -8.36
CA SER B 876 10.35 7.04 -8.51
C SER B 876 11.41 7.76 -7.69
N VAL B 877 11.62 9.03 -8.01
CA VAL B 877 12.62 9.83 -7.29
C VAL B 877 12.21 10.00 -5.84
N ASP B 878 10.92 10.24 -5.58
CA ASP B 878 10.45 10.38 -4.21
C ASP B 878 10.65 9.10 -3.41
N GLN B 879 10.40 7.94 -4.05
CA GLN B 879 10.62 6.66 -3.38
C GLN B 879 12.10 6.46 -3.06
N LEU B 880 12.98 6.85 -4.00
CA LEU B 880 14.42 6.70 -3.78
C LEU B 880 14.98 7.73 -2.84
N GLU B 881 14.19 8.73 -2.44
CA GLU B 881 14.69 9.76 -1.53
C GLU B 881 15.09 9.16 -0.17
N LYS B 882 14.28 8.25 0.35
CA LYS B 882 14.59 7.65 1.64
C LYS B 882 15.73 6.65 1.54
N GLU B 883 15.75 5.85 0.46
CA GLU B 883 16.77 4.81 0.33
C GLU B 883 18.15 5.42 0.12
N ILE B 884 18.26 6.38 -0.80
CA ILE B 884 19.55 7.00 -1.07
C ILE B 884 19.93 7.99 0.03
N GLU B 885 18.92 8.56 0.70
CA GLU B 885 19.15 9.54 1.77
C GLU B 885 19.93 10.75 1.26
N LEU B 886 19.52 11.25 0.10
CA LEU B 886 20.13 12.41 -0.52
C LEU B 886 19.06 13.40 -0.93
N PRO B 887 19.36 14.71 -0.93
CA PRO B 887 18.37 15.69 -1.34
C PRO B 887 17.96 15.52 -2.80
N SER B 888 16.73 15.94 -3.10
CA SER B 888 16.22 15.80 -4.46
C SER B 888 17.05 16.60 -5.45
N GLY B 889 17.58 17.76 -5.04
CA GLY B 889 18.46 18.50 -5.92
C GLY B 889 19.73 17.75 -6.25
N GLN B 890 20.33 17.10 -5.26
CA GLN B 890 21.51 16.28 -5.50
C GLN B 890 21.17 15.08 -6.37
N LEU B 891 20.00 14.46 -6.14
CA LEU B 891 19.57 13.35 -6.97
C LEU B 891 19.36 13.79 -8.41
N MET B 892 18.79 14.97 -8.61
CA MET B 892 18.64 15.51 -9.96
C MET B 892 19.99 15.74 -10.61
N GLY B 893 20.95 16.29 -9.85
CA GLY B 893 22.27 16.52 -10.40
C GLY B 893 22.99 15.24 -10.77
N LEU B 894 22.92 14.23 -9.90
CA LEU B 894 23.55 12.95 -10.20
C LEU B 894 22.90 12.28 -11.41
N PHE B 895 21.56 12.32 -11.48
CA PHE B 895 20.87 11.74 -12.63
C PHE B 895 21.19 12.51 -13.90
N ASN B 896 21.25 13.84 -13.82
CA ASN B 896 21.59 14.65 -14.98
C ASN B 896 23.01 14.39 -15.44
N ARG B 897 23.94 14.23 -14.50
CA ARG B 897 25.34 13.96 -14.87
C ARG B 897 25.47 12.63 -15.59
N ILE B 898 24.68 11.63 -15.19
CA ILE B 898 24.69 10.34 -15.89
C ILE B 898 24.23 10.51 -17.33
N ILE B 899 23.21 11.34 -17.54
CA ILE B 899 22.68 11.55 -18.89
C ILE B 899 23.75 12.16 -19.80
N ARG B 900 24.47 13.16 -19.28
CA ARG B 900 25.54 13.78 -20.06
C ARG B 900 26.64 12.78 -20.39
N LYS B 901 27.01 11.93 -19.42
CA LYS B 901 28.04 10.93 -19.67
C LYS B 901 27.58 9.92 -20.72
N VAL B 902 26.31 9.49 -20.64
CA VAL B 902 25.79 8.56 -21.65
C VAL B 902 25.71 9.24 -23.01
N VAL B 903 25.25 10.49 -23.05
CA VAL B 903 25.14 11.22 -24.31
C VAL B 903 26.52 11.41 -24.94
N LYS B 904 27.51 11.79 -24.13
CA LYS B 904 28.85 11.98 -24.65
C LYS B 904 29.43 10.68 -25.20
N LEU B 905 29.23 9.57 -24.50
CA LEU B 905 29.72 8.29 -24.98
C LEU B 905 28.99 7.86 -26.25
N PHE B 906 27.68 8.12 -26.31
CA PHE B 906 26.92 7.79 -27.52
C PHE B 906 27.41 8.58 -28.71
N ASN B 907 27.72 9.86 -28.51
CA ASN B 907 28.28 10.67 -29.60
C ASN B 907 29.62 10.12 -30.07
N GLU B 908 30.46 9.68 -29.12
CA GLU B 908 31.74 9.08 -29.49
C GLU B 908 31.54 7.79 -30.27
N VAL B 909 30.54 7.00 -29.89
CA VAL B 909 30.26 5.75 -30.58
C VAL B 909 29.85 6.02 -32.03
N GLN B 910 29.01 7.04 -32.24
CA GLN B 910 28.51 7.38 -33.56
C GLN B 910 29.50 8.18 -34.39
N GLU B 911 30.77 8.20 -34.00
CA GLU B 911 31.84 8.91 -34.72
C GLU B 911 31.49 10.39 -34.89
N LYS B 912 31.33 11.06 -33.75
CA LYS B 912 31.01 12.49 -33.70
C LYS B 912 29.73 12.81 -34.47
N1A COA C . -19.39 10.47 -20.26
C2A COA C . -18.41 9.71 -20.75
N3A COA C . -18.71 8.65 -21.57
C4A COA C . -19.99 8.37 -21.87
C5A COA C . -20.97 9.13 -21.37
C6A COA C . -20.66 10.19 -20.55
N6A COA C . -21.36 11.25 -19.81
N7A COA C . -22.12 8.65 -21.81
C8A COA C . -21.85 7.60 -22.58
N9A COA C . -20.54 7.43 -22.61
C1B COA C . -20.23 6.29 -23.43
C2B COA C . -21.25 5.81 -24.14
O2B COA C . -21.89 4.72 -23.42
C3B COA C . -20.60 5.24 -25.52
O3B COA C . -20.04 3.93 -25.28
P3B COA C . -20.78 2.65 -25.94
O7A COA C . -20.26 1.40 -25.29
O8A COA C . -20.49 2.60 -27.43
O9A COA C . -22.27 2.77 -25.72
C4B COA C . -19.62 6.13 -25.85
O4B COA C . -19.13 6.72 -24.52
C5B COA C . -20.19 7.23 -26.73
O5B COA C . -21.02 6.65 -27.73
P1A COA C . -22.26 7.56 -28.34
O1A COA C . -23.27 6.63 -28.98
O2A COA C . -21.74 8.52 -29.38
O3A COA C . -23.00 8.42 -27.12
P2A COA C . -22.78 10.04 -26.85
O4A COA C . -23.70 10.49 -25.74
O5A COA C . -23.11 10.79 -28.11
O6A COA C . -21.21 10.32 -26.41
CBP COA C . -20.64 11.94 -24.69
CCP COA C . -20.90 10.44 -25.04
CDP COA C . -20.45 12.78 -26.02
CEP COA C . -21.82 12.49 -23.89
CAP COA C . -19.32 12.05 -23.81
OAP COA C . -18.23 12.05 -24.64
C9P COA C . -19.35 13.34 -22.98
O9P COA C . -19.14 14.39 -23.50
N8P COA C . -19.64 13.27 -21.45
C7P COA C . -19.67 14.55 -20.60
C6P COA C . -18.16 14.91 -20.10
C5P COA C . -17.34 15.56 -21.29
O5P COA C . -17.34 16.74 -21.42
N4P COA C . -16.56 14.71 -22.20
C3P COA C . -15.81 15.31 -23.28
C2P COA C . -14.32 15.46 -22.85
S1P COA C . -13.51 16.74 -23.89
N1A COA D . 25.10 -11.56 11.77
C2A COA D . 25.11 -11.43 10.42
N3A COA D . 26.24 -11.01 9.80
C4A COA D . 27.35 -10.71 10.51
C5A COA D . 27.33 -10.83 11.84
C6A COA D . 26.18 -11.26 12.47
N6A COA D . 25.72 -11.54 13.83
N7A COA D . 28.52 -10.49 12.29
C8A COA D . 29.27 -10.15 11.26
N9A COA D . 28.54 -10.29 10.15
C1B COA D . 29.37 -9.92 9.05
C2B COA D . 29.56 -8.60 9.02
O2B COA D . 28.96 -8.04 7.83
C3B COA D . 31.17 -8.33 9.02
O3B COA D . 31.49 -7.31 8.05
P3B COA D . 31.71 -5.79 8.58
O7A COA D . 30.46 -5.32 9.27
O8A COA D . 32.88 -5.76 9.54
O9A COA D . 32.00 -4.89 7.40
C4B COA D . 31.77 -9.51 8.68
O4B COA D . 30.82 -10.58 9.20
C5B COA D . 33.12 -9.63 9.35
O5B COA D . 32.96 -10.25 10.63
P1A COA D . 33.70 -11.71 10.89
O1A COA D . 34.49 -11.63 12.16
O2A COA D . 34.62 -12.03 9.74
O3A COA D . 32.53 -12.90 11.02
P2A COA D . 32.07 -13.57 12.47
O4A COA D . 33.29 -14.13 13.17
O5A COA D . 31.43 -12.52 13.33
O6A COA D . 30.99 -14.80 12.18
CBP COA D . 28.79 -15.54 11.47
CCP COA D . 29.99 -14.59 11.20
CDP COA D . 27.66 -15.28 10.40
CEP COA D . 29.27 -17.00 11.38
CAP COA D . 28.24 -15.28 12.93
OAP COA D . 28.65 -14.06 13.37
C9P COA D . 26.70 -15.33 12.96
O9P COA D . 26.07 -14.31 13.01
N8P COA D . 25.95 -16.69 12.92
C7P COA D . 24.41 -16.72 12.95
C6P COA D . 23.84 -16.42 11.44
C5P COA D . 24.40 -17.52 10.44
O5P COA D . 24.76 -18.56 10.85
N4P COA D . 24.46 -17.24 9.01
C3P COA D . 24.97 -18.25 8.09
C2P COA D . 23.78 -18.99 7.42
S1P COA D . 24.37 -20.58 6.73
#